data_8SKZ
#
_entry.id   8SKZ
#
_cell.length_a   1.00
_cell.length_b   1.00
_cell.length_c   1.00
_cell.angle_alpha   90.00
_cell.angle_beta   90.00
_cell.angle_gamma   90.00
#
_symmetry.space_group_name_H-M   'P 1'
#
loop_
_entity.id
_entity.type
_entity.pdbx_description
1 polymer 'ATP-dependent DNA helicase DDM1,Lymphoid-specific helicase chimera'
2 polymer 'Histone H3.2'
3 polymer 'Histone H2A'
4 polymer 'Histone H2B 1.1'
5 polymer 'Histone H4'
6 polymer 'DNA (192-MER)'
7 polymer 'DNA (192-MER)'
8 non-polymer "ADENOSINE-5'-DIPHOSPHATE"
9 non-polymer 'BERYLLIUM TRIFLUORIDE ION'
#
loop_
_entity_poly.entity_id
_entity_poly.type
_entity_poly.pdbx_seq_one_letter_code
_entity_poly.pdbx_strand_id
1 'polypeptide(L)'
;SNAMVSLRSRKVIPASEMVSDGKTEKDASGDSPTSVLNEEENCEEKSVTVVEEEILLAKNGDSSLISEAMAQEEEQLLKL
REDEEKANNAGSAVAPNLNETQFTKLDELLTQTQLYSEFLLEKMEDITINGIESESQKAEPEKTGRGRKRKAASQYNNTK
AKRAVAAMISRSKEDGETINSDLTEEETVIKLQNELCPLLTGGQLKSYQLKGVKWLISLWQNGLNGILADQMGLGKTIQT
IGFLSHLKGNGLDGPYLVIAPLSTLSNWFNEIARFTPSINAIIYHGDKNQRDELRRKHMPKTVGPKFPIVITSYEVAMND
AKRILRHYPWKYVVIDEGHRLKNHKCKLLRELKHLKMDNKLLLTGTPLQNNLSELWSLLNFILPDIFTSHDEFESWFDFS
EKNKNEATKEEEEKRRAQVVSKLHGILRPFILRRMKCDVELSLPRKKEIIMYATMTDHQKKFQEHLVNNTLEAHLGENAI
RGIELSPTGRPKRRTRKSINYSKIDDFPNELEKLISQIQPEVDRERAVVEVNIPVEQGWKGKLNNLVIQLRKNCNHPDLL
QGQIDGSYLYPPVEEIVGQCGKFRLLERLLVRLFANNHKVLIFSQWTKLLDIMDYYFSEKGFEVCRIDGSVKLDERRRQI
KDFSDEKSSCSIFLLSTRAGGLGINLTAADTCILYDSDWNPQMDLQAMDRCHRIGQTKPVHVYRLSTAQSIETRVLKRAY
SKLKLEHVVIGQGQFHQERAKSSTPLEEEDILALLKEDETAEDKLIQTDISDADLDRLLDRSDLTITAPGETQAAEAFPV
KGPGWEVVLPSSGGMLSSLNS
;
A
2 'polypeptide(L)'
;MARTKQTARKSTGGKAPRKQLATKAARKSAPATGGVKKPHRYRPGTVALREIRRYQKSTELLIRKLPFQRLVREIAQDFK
TDLRFQSSAVMALQEASEAYLVALFEDTNLCAIHAKRVTIMPKDIQLARRIRGERA
;
B,E
3 'polypeptide(L)'
;SNAMSGRGKQGGKTRAKAKTRSSRAGLQFPVGRVHRLLRKGNYAERVGAGAPVYLAAVLEYLTAEILELAGNAARDNKKT
RIIPRHLQLAVRNDEELNKLLGRVTIAQGGVLPNIQSVLLPKKTESSKSAKSK
;
C,G
4 'polypeptide(L)'
;MAKSAPAPKKGSKKAVTKTQKKDGKKRRKTRKESYAIYVYKVLKQVHPDTGISSKAMSIMNSFVNDVFERIAGEASRLAH
YNKRSTITSREIQTAVRLLLPGELAKHAVSEGTKAVTKYTSAK
;
D,H
5 'polypeptide(L)'
;MSGRGKGGKGLGKGGAKRHRKVLRDNIQGITKPAIRRLARRGGVKRISGLIYEETRGVLKVFLENVIRDAVTYTEHAKRK
TVTAMDVVYALKRQGRTLYGFGGSENLYFQ
;
F,I
6 'polydeoxyribonucleotide'
;(DG)(DA)(DA)(DA)(DA)(DC)(DC)(DT)(DG)(DT)(DA)(DC)(DT)(DT)(DC)(DC)(DA)(DA)(DT)(DC)
(DC)(DA)(DA)(DT)(DA)(DG)(DG)(DC)(DC)(DT)(DC)(DT)(DG)(DG)(DA)(DG)(DA)(DA)(DT)(DC)
(DC)(DC)(DG)(DG)(DT)(DG)(DC)(DC)(DG)(DA)(DG)(DG)(DC)(DC)(DG)(DC)(DT)(DC)(DA)(DA)
(DT)(DT)(DG)(DG)(DT)(DC)(DG)(DT)(DA)(DG)(DA)(DC)(DA)(DG)(DC)(DT)(DC)(DT)(DA)(DG)
(DC)(DA)(DC)(DC)(DG)(DC)(DT)(DT)(DA)(DA)(DA)(DC)(DG)(DC)(DA)(DC)(DG)(DT)(DA)(DC)
(DG)(DC)(DG)(DC)(DT)(DG)(DT)(DC)(DC)(DC)(DC)(DC)(DG)(DC)(DG)(DT)(DT)(DT)(DT)(DA)
(DA)(DC)(DC)(DG)(DC)(DC)(DA)(DA)(DG)(DG)(DG)(DG)(DA)(DT)(DT)(DA)(DC)(DT)(DC)(DC)
(DC)(DT)(DA)(DG)(DT)(DC)(DT)(DC)(DC)(DA)(DG)(DG)(DC)(DA)(DC)(DG)(DT)(DG)(DT)(DC)
(DA)(DG)(DA)(DT)(DA)(DT)(DA)(DT)(DA)(DC)(DA)(DT)(DC)(DC)(DT)(DG)(DT)(DG)(DC)(DA)
(DT)(DG)(DT)(DA)(DT)(DT)(DG)(DA)(DA)(DC)(DA)(DG)
;
J
7 'polydeoxyribonucleotide'
;(DC)(DT)(DG)(DT)(DT)(DC)(DA)(DA)(DT)(DA)(DC)(DA)(DT)(DG)(DC)(DA)(DC)(DA)(DG)(DG)
(DA)(DT)(DG)(DT)(DA)(DT)(DA)(DT)(DA)(DT)(DC)(DT)(DG)(DA)(DC)(DA)(DC)(DG)(DT)(DG)
(DC)(DC)(DT)(DG)(DG)(DA)(DG)(DA)(DC)(DT)(DA)(DG)(DG)(DG)(DA)(DG)(DT)(DA)(DA)(DT)
(DC)(DC)(DC)(DC)(DT)(DT)(DG)(DG)(DC)(DG)(DG)(DT)(DT)(DA)(DA)(DA)(DA)(DC)(DG)(DC)
(DG)(DG)(DG)(DG)(DG)(DA)(DC)(DA)(DG)(DC)(DG)(DC)(DG)(DT)(DA)(DC)(DG)(DT)(DG)(DC)
(DG)(DT)(DT)(DT)(DA)(DA)(DG)(DC)(DG)(DG)(DT)(DG)(DC)(DT)(DA)(DG)(DA)(DG)(DC)(DT)
(DG)(DT)(DC)(DT)(DA)(DC)(DG)(DA)(DC)(DC)(DA)(DA)(DT)(DT)(DG)(DA)(DG)(DC)(DG)(DG)
(DC)(DC)(DT)(DC)(DG)(DG)(DC)(DA)(DC)(DC)(DG)(DG)(DG)(DA)(DT)(DT)(DC)(DT)(DC)(DC)
(DA)(DG)(DA)(DG)(DG)(DC)(DC)(DT)(DA)(DT)(DT)(DG)(DG)(DA)(DT)(DT)(DG)(DG)(DA)(DA)
(DG)(DT)(DA)(DC)(DA)(DG)(DG)(DT)(DT)(DT)(DT)(DC)
;
K
#
# COMPACT_ATOMS: atom_id res chain seq x y z
N ASP A 182 -8.89 78.24 -14.03
CA ASP A 182 -9.05 76.81 -14.26
C ASP A 182 -10.15 76.24 -13.36
N LEU A 183 -10.82 75.20 -13.84
CA LEU A 183 -11.88 74.57 -13.06
C LEU A 183 -11.29 73.84 -11.85
N THR A 184 -12.14 73.61 -10.86
CA THR A 184 -11.73 72.87 -9.68
C THR A 184 -11.46 71.41 -10.05
N GLU A 185 -10.81 70.69 -9.12
CA GLU A 185 -10.49 69.29 -9.38
C GLU A 185 -11.75 68.48 -9.65
N GLU A 186 -12.80 68.72 -8.86
CA GLU A 186 -14.03 67.94 -9.02
C GLU A 186 -14.65 68.15 -10.40
N GLU A 187 -14.72 69.41 -10.84
CA GLU A 187 -15.33 69.69 -12.14
C GLU A 187 -14.52 69.09 -13.28
N THR A 188 -13.19 69.21 -13.22
CA THR A 188 -12.35 68.62 -14.25
C THR A 188 -12.52 67.10 -14.29
N VAL A 189 -12.55 66.48 -13.11
CA VAL A 189 -12.74 65.04 -13.05
C VAL A 189 -14.08 64.65 -13.65
N ILE A 190 -15.13 65.40 -13.32
CA ILE A 190 -16.45 65.09 -13.85
C ILE A 190 -16.46 65.19 -15.37
N LYS A 191 -15.90 66.28 -15.90
CA LYS A 191 -15.90 66.46 -17.35
C LYS A 191 -15.11 65.37 -18.04
N LEU A 192 -13.92 65.05 -17.51
CA LEU A 192 -13.11 64.00 -18.13
C LEU A 192 -13.80 62.65 -18.06
N GLN A 193 -14.43 62.35 -16.94
CA GLN A 193 -15.18 61.09 -16.83
C GLN A 193 -16.30 61.04 -17.85
N ASN A 194 -17.05 62.13 -18.00
CA ASN A 194 -18.12 62.17 -18.98
C ASN A 194 -17.59 61.98 -20.40
N GLU A 195 -16.42 62.55 -20.69
CA GLU A 195 -15.83 62.39 -22.02
C GLU A 195 -15.39 60.95 -22.25
N LEU A 196 -14.82 60.31 -21.23
CA LEU A 196 -14.24 58.97 -21.42
C LEU A 196 -15.22 57.85 -21.07
N CYS A 197 -16.03 58.04 -20.04
CA CYS A 197 -16.92 56.99 -19.53
C CYS A 197 -18.35 57.51 -19.44
N PRO A 198 -18.97 57.82 -20.58
CA PRO A 198 -20.34 58.34 -20.55
C PRO A 198 -21.33 57.39 -19.91
N LEU A 199 -21.18 56.08 -20.09
CA LEU A 199 -22.14 55.12 -19.55
C LEU A 199 -22.05 55.00 -18.04
N LEU A 200 -20.92 55.37 -17.44
CA LEU A 200 -20.75 55.24 -16.00
C LEU A 200 -21.61 56.28 -15.29
N THR A 201 -22.50 55.82 -14.42
CA THR A 201 -23.43 56.70 -13.72
C THR A 201 -23.54 56.43 -12.23
N GLY A 202 -23.04 55.31 -11.73
CA GLY A 202 -23.21 55.00 -10.32
C GLY A 202 -22.57 56.02 -9.39
N GLY A 203 -21.37 56.46 -9.71
CA GLY A 203 -20.67 57.40 -8.86
C GLY A 203 -19.39 57.89 -9.51
N GLN A 204 -18.86 58.96 -8.93
CA GLN A 204 -17.66 59.58 -9.47
C GLN A 204 -16.42 58.76 -9.17
N LEU A 205 -15.50 58.72 -10.12
CA LEU A 205 -14.21 58.08 -9.90
C LEU A 205 -13.26 59.04 -9.21
N LYS A 206 -12.31 58.47 -8.47
CA LYS A 206 -11.25 59.26 -7.87
C LYS A 206 -10.14 59.51 -8.89
N SER A 207 -9.32 60.52 -8.60
CA SER A 207 -8.34 60.98 -9.57
C SER A 207 -7.41 59.86 -10.02
N TYR A 208 -6.80 59.17 -9.05
CA TYR A 208 -5.86 58.10 -9.41
C TYR A 208 -6.56 56.98 -10.15
N GLN A 209 -7.84 56.73 -9.83
CA GLN A 209 -8.60 55.74 -10.60
C GLN A 209 -8.74 56.18 -12.06
N LEU A 210 -9.00 57.47 -12.27
CA LEU A 210 -9.09 57.97 -13.65
C LEU A 210 -7.75 57.82 -14.37
N LYS A 211 -6.66 58.10 -13.67
CA LYS A 211 -5.34 57.91 -14.26
C LYS A 211 -5.10 56.46 -14.63
N GLY A 212 -5.50 55.53 -13.76
CA GLY A 212 -5.39 54.12 -14.10
C GLY A 212 -6.23 53.74 -15.30
N VAL A 213 -7.42 54.32 -15.41
CA VAL A 213 -8.26 54.08 -16.59
C VAL A 213 -7.54 54.53 -17.85
N LYS A 214 -6.93 55.73 -17.80
CA LYS A 214 -6.17 56.22 -18.94
C LYS A 214 -5.01 55.29 -19.27
N TRP A 215 -4.33 54.78 -18.24
CA TRP A 215 -3.21 53.88 -18.46
C TRP A 215 -3.67 52.62 -19.17
N LEU A 216 -4.79 52.05 -18.72
CA LEU A 216 -5.32 50.85 -19.38
C LEU A 216 -5.70 51.15 -20.82
N ILE A 217 -6.33 52.30 -21.06
CA ILE A 217 -6.71 52.66 -22.42
C ILE A 217 -5.47 52.76 -23.31
N SER A 218 -4.42 53.39 -22.81
CA SER A 218 -3.18 53.51 -23.59
C SER A 218 -2.60 52.14 -23.89
N LEU A 219 -2.56 51.26 -22.87
CA LEU A 219 -2.02 49.92 -23.10
C LEU A 219 -2.82 49.19 -24.16
N TRP A 220 -4.15 49.29 -24.12
CA TRP A 220 -4.96 48.64 -25.14
C TRP A 220 -4.69 49.23 -26.52
N GLN A 221 -4.57 50.56 -26.61
CA GLN A 221 -4.33 51.19 -27.89
C GLN A 221 -3.01 50.75 -28.50
N ASN A 222 -1.98 50.58 -27.66
CA ASN A 222 -0.68 50.14 -28.14
C ASN A 222 -0.60 48.63 -28.31
N GLY A 223 -1.68 47.91 -28.03
CA GLY A 223 -1.68 46.47 -28.23
C GLY A 223 -0.67 45.73 -27.38
N LEU A 224 -0.58 46.08 -26.10
CA LEU A 224 0.34 45.44 -25.18
C LEU A 224 -0.38 45.12 -23.88
N ASN A 225 -0.11 43.93 -23.34
CA ASN A 225 -0.71 43.50 -22.08
C ASN A 225 0.01 44.12 -20.90
N GLY A 226 -0.61 44.05 -19.73
CA GLY A 226 -0.02 44.61 -18.53
C GLY A 226 -0.68 44.17 -17.24
N ILE A 227 0.06 44.27 -16.14
CA ILE A 227 -0.48 43.92 -14.83
C ILE A 227 -0.88 45.18 -14.09
N LEU A 228 -1.86 45.03 -13.19
CA LEU A 228 -2.27 46.10 -12.28
C LEU A 228 -2.18 45.57 -10.86
N ALA A 229 -1.41 46.27 -10.03
CA ALA A 229 -1.05 45.73 -8.72
C ALA A 229 -1.23 46.79 -7.64
N ASP A 230 -2.37 47.47 -7.65
CA ASP A 230 -2.66 48.43 -6.59
C ASP A 230 -2.77 47.70 -5.26
N GLN A 231 -2.47 48.42 -4.18
CA GLN A 231 -2.55 47.83 -2.85
C GLN A 231 -4.00 47.51 -2.51
N MET A 232 -4.18 46.49 -1.66
CA MET A 232 -5.51 45.97 -1.38
C MET A 232 -6.42 47.08 -0.85
N GLY A 233 -7.65 47.09 -1.34
CA GLY A 233 -8.66 48.00 -0.83
C GLY A 233 -8.70 49.36 -1.49
N LEU A 234 -8.14 49.51 -2.68
CA LEU A 234 -8.11 50.80 -3.36
C LEU A 234 -9.13 50.92 -4.47
N GLY A 235 -9.92 49.88 -4.73
CA GLY A 235 -10.97 49.99 -5.73
C GLY A 235 -10.53 49.67 -7.13
N LYS A 236 -9.96 48.48 -7.34
CA LYS A 236 -9.58 48.07 -8.69
C LYS A 236 -10.79 47.65 -9.51
N THR A 237 -11.80 47.07 -8.86
CA THR A 237 -12.97 46.56 -9.57
C THR A 237 -13.66 47.68 -10.34
N ILE A 238 -13.84 48.83 -9.71
CA ILE A 238 -14.54 49.92 -10.38
C ILE A 238 -13.72 50.43 -11.56
N GLN A 239 -12.40 50.46 -11.42
CA GLN A 239 -11.57 50.87 -12.54
C GLN A 239 -11.74 49.92 -13.72
N THR A 240 -11.72 48.61 -13.45
CA THR A 240 -11.90 47.66 -14.53
C THR A 240 -13.27 47.80 -15.18
N ILE A 241 -14.30 48.02 -14.36
CA ILE A 241 -15.64 48.22 -14.90
C ILE A 241 -15.69 49.45 -15.78
N GLY A 242 -15.05 50.55 -15.35
CA GLY A 242 -15.02 51.74 -16.18
C GLY A 242 -14.32 51.49 -17.50
N PHE A 243 -13.21 50.76 -17.47
CA PHE A 243 -12.52 50.44 -18.71
C PHE A 243 -13.42 49.64 -19.64
N LEU A 244 -14.10 48.63 -19.10
CA LEU A 244 -14.99 47.83 -19.94
C LEU A 244 -16.11 48.68 -20.52
N SER A 245 -16.71 49.56 -19.72
CA SER A 245 -17.76 50.44 -20.23
C SER A 245 -17.22 51.32 -21.34
N HIS A 246 -16.01 51.85 -21.18
CA HIS A 246 -15.42 52.65 -22.24
C HIS A 246 -15.25 51.83 -23.51
N LEU A 247 -14.81 50.58 -23.39
CA LEU A 247 -14.65 49.73 -24.56
C LEU A 247 -15.99 49.54 -25.27
N LYS A 248 -17.02 49.12 -24.53
CA LYS A 248 -18.32 48.90 -25.15
C LYS A 248 -19.02 50.22 -25.46
N GLY A 249 -18.57 51.31 -24.84
CA GLY A 249 -19.18 52.60 -25.11
C GLY A 249 -19.08 53.00 -26.57
N ASN A 250 -18.07 52.48 -27.27
CA ASN A 250 -17.87 52.75 -28.69
C ASN A 250 -18.52 51.71 -29.59
N GLY A 251 -19.30 50.80 -29.02
CA GLY A 251 -19.99 49.80 -29.81
C GLY A 251 -19.21 48.56 -30.16
N LEU A 252 -18.01 48.40 -29.59
CA LEU A 252 -17.20 47.19 -29.84
C LEU A 252 -17.75 46.06 -28.98
N ASP A 253 -18.96 45.64 -29.30
CA ASP A 253 -19.56 44.51 -28.60
C ASP A 253 -18.71 43.26 -28.85
N GLY A 254 -18.56 42.46 -27.80
CA GLY A 254 -17.76 41.26 -27.88
C GLY A 254 -17.90 40.39 -26.65
N PRO A 255 -17.48 39.14 -26.76
CA PRO A 255 -17.60 38.22 -25.61
C PRO A 255 -16.52 38.48 -24.57
N TYR A 256 -16.94 38.84 -23.36
CA TYR A 256 -16.02 39.16 -22.27
C TYR A 256 -16.16 38.11 -21.17
N LEU A 257 -15.01 37.67 -20.65
CA LEU A 257 -14.96 36.64 -19.62
C LEU A 257 -14.25 37.18 -18.39
N VAL A 258 -14.76 36.85 -17.22
CA VAL A 258 -14.17 37.24 -15.94
C VAL A 258 -14.11 36.02 -15.05
N ILE A 259 -12.93 35.77 -14.47
CA ILE A 259 -12.70 34.62 -13.59
C ILE A 259 -12.26 35.15 -12.23
N ALA A 260 -12.82 34.60 -11.17
CA ALA A 260 -12.52 35.07 -9.82
C ALA A 260 -12.80 33.93 -8.85
N PRO A 261 -12.35 34.06 -7.59
CA PRO A 261 -12.64 33.03 -6.60
C PRO A 261 -14.14 32.93 -6.34
N LEU A 262 -14.58 31.74 -5.92
CA LEU A 262 -15.99 31.47 -5.81
C LEU A 262 -16.70 32.48 -4.91
N SER A 263 -16.07 32.84 -3.80
CA SER A 263 -16.74 33.65 -2.79
C SER A 263 -17.00 35.08 -3.25
N THR A 264 -16.43 35.52 -4.37
CA THR A 264 -16.53 36.91 -4.78
C THR A 264 -17.49 37.15 -5.93
N LEU A 265 -18.01 36.10 -6.57
CA LEU A 265 -18.77 36.29 -7.80
C LEU A 265 -19.96 37.22 -7.58
N SER A 266 -20.72 36.99 -6.51
CA SER A 266 -21.89 37.83 -6.25
C SER A 266 -21.49 39.29 -6.13
N ASN A 267 -20.32 39.58 -5.56
CA ASN A 267 -19.87 40.96 -5.46
C ASN A 267 -19.66 41.56 -6.84
N TRP A 268 -19.03 40.81 -7.75
CA TRP A 268 -18.84 41.29 -9.11
C TRP A 268 -20.19 41.58 -9.76
N PHE A 269 -21.15 40.67 -9.60
CA PHE A 269 -22.46 40.88 -10.21
C PHE A 269 -23.12 42.13 -9.66
N ASN A 270 -23.08 42.32 -8.34
CA ASN A 270 -23.72 43.48 -7.73
C ASN A 270 -23.06 44.78 -8.19
N GLU A 271 -21.74 44.78 -8.32
CA GLU A 271 -21.07 46.01 -8.76
C GLU A 271 -21.53 46.41 -10.14
N ILE A 272 -21.61 45.46 -11.06
CA ILE A 272 -22.10 45.76 -12.41
C ILE A 272 -23.54 46.26 -12.35
N ALA A 273 -24.38 45.57 -11.58
CA ALA A 273 -25.77 45.98 -11.48
C ALA A 273 -25.90 47.40 -10.91
N ARG A 274 -24.94 47.82 -10.08
CA ARG A 274 -25.04 49.10 -9.42
C ARG A 274 -24.51 50.23 -10.30
N PHE A 275 -23.26 50.13 -10.74
CA PHE A 275 -22.62 51.25 -11.41
C PHE A 275 -23.06 51.44 -12.85
N THR A 276 -23.36 50.37 -13.58
CA THR A 276 -23.75 50.45 -14.99
C THR A 276 -25.04 49.65 -15.18
N PRO A 277 -26.20 50.26 -14.89
CA PRO A 277 -27.46 49.51 -15.01
C PRO A 277 -27.76 49.07 -16.43
N SER A 278 -27.12 49.64 -17.44
CA SER A 278 -27.43 49.36 -18.84
C SER A 278 -26.55 48.24 -19.41
N ILE A 279 -26.11 47.30 -18.60
CA ILE A 279 -25.30 46.17 -19.05
C ILE A 279 -25.82 44.91 -18.37
N ASN A 280 -25.70 43.78 -19.06
CA ASN A 280 -26.21 42.51 -18.58
C ASN A 280 -25.06 41.57 -18.21
N ALA A 281 -25.29 40.75 -17.18
CA ALA A 281 -24.30 39.77 -16.76
C ALA A 281 -25.02 38.55 -16.19
N ILE A 282 -24.33 37.42 -16.23
CA ILE A 282 -24.89 36.16 -15.74
C ILE A 282 -23.81 35.40 -14.98
N ILE A 283 -24.22 34.70 -13.93
CA ILE A 283 -23.30 33.92 -13.11
C ILE A 283 -23.33 32.48 -13.63
N TYR A 284 -22.44 32.17 -14.57
CA TYR A 284 -22.40 30.85 -15.19
C TYR A 284 -21.80 29.87 -14.19
N HIS A 285 -22.66 29.38 -13.29
CA HIS A 285 -22.24 28.43 -12.28
C HIS A 285 -23.42 27.56 -11.89
N GLY A 286 -23.13 26.33 -11.50
CA GLY A 286 -24.12 25.38 -11.08
C GLY A 286 -23.89 24.00 -11.67
N ASP A 287 -24.88 23.14 -11.48
CA ASP A 287 -24.79 21.77 -11.95
C ASP A 287 -24.85 21.71 -13.47
N LYS A 288 -24.41 20.57 -14.02
CA LYS A 288 -24.29 20.42 -15.47
C LYS A 288 -25.58 20.82 -16.18
N ASN A 289 -26.72 20.28 -15.72
CA ASN A 289 -27.98 20.58 -16.39
C ASN A 289 -28.29 22.07 -16.35
N GLN A 290 -28.08 22.71 -15.21
CA GLN A 290 -28.33 24.14 -15.11
C GLN A 290 -27.40 24.92 -16.03
N ARG A 291 -26.14 24.52 -16.12
CA ARG A 291 -25.20 25.21 -17.01
C ARG A 291 -25.64 25.07 -18.46
N ASP A 292 -26.09 23.89 -18.87
CA ASP A 292 -26.58 23.72 -20.22
C ASP A 292 -27.82 24.56 -20.46
N GLU A 293 -28.72 24.63 -19.47
CA GLU A 293 -29.90 25.47 -19.60
C GLU A 293 -29.52 26.92 -19.84
N LEU A 294 -28.60 27.44 -19.03
CA LEU A 294 -28.16 28.82 -19.19
C LEU A 294 -27.51 29.04 -20.55
N ARG A 295 -26.67 28.09 -20.96
CA ARG A 295 -26.02 28.21 -22.26
C ARG A 295 -27.05 28.31 -23.38
N ARG A 296 -28.06 27.43 -23.35
CA ARG A 296 -29.06 27.44 -24.41
C ARG A 296 -29.89 28.71 -24.37
N LYS A 297 -30.18 29.22 -23.17
CA LYS A 297 -31.11 30.33 -23.05
C LYS A 297 -30.44 31.67 -23.37
N HIS A 298 -29.39 32.02 -22.63
CA HIS A 298 -28.87 33.38 -22.65
C HIS A 298 -27.68 33.59 -23.58
N MET A 299 -27.00 32.52 -24.00
CA MET A 299 -25.76 32.63 -24.77
C MET A 299 -25.98 32.14 -26.19
N PRO A 300 -26.62 32.95 -27.05
CA PRO A 300 -26.78 32.55 -28.44
C PRO A 300 -25.45 32.49 -29.18
N LYS A 301 -25.40 31.63 -30.19
CA LYS A 301 -24.17 31.44 -30.95
C LYS A 301 -23.74 32.70 -31.69
N THR A 302 -24.66 33.64 -31.91
CA THR A 302 -24.38 34.86 -32.66
C THR A 302 -24.24 36.01 -31.68
N VAL A 303 -23.11 36.72 -31.76
CA VAL A 303 -22.88 37.86 -30.87
C VAL A 303 -23.85 38.98 -31.22
N GLY A 304 -24.29 39.71 -30.21
CA GLY A 304 -25.17 40.83 -30.40
C GLY A 304 -25.08 41.82 -29.25
N PRO A 305 -25.70 42.99 -29.40
CA PRO A 305 -25.63 43.99 -28.34
C PRO A 305 -26.18 43.49 -27.01
N LYS A 306 -27.08 42.52 -27.03
CA LYS A 306 -27.66 41.99 -25.80
C LYS A 306 -26.79 40.93 -25.14
N PHE A 307 -25.68 40.57 -25.75
CA PHE A 307 -24.84 39.51 -25.20
C PHE A 307 -24.31 39.93 -23.83
N PRO A 308 -24.53 39.16 -22.78
CA PRO A 308 -24.09 39.57 -21.45
C PRO A 308 -22.65 39.16 -21.16
N ILE A 309 -22.11 39.74 -20.09
CA ILE A 309 -20.79 39.36 -19.62
C ILE A 309 -20.89 38.04 -18.86
N VAL A 310 -19.84 37.22 -18.95
CA VAL A 310 -19.81 35.91 -18.32
C VAL A 310 -18.89 35.97 -17.10
N ILE A 311 -19.34 35.38 -16.01
CA ILE A 311 -18.58 35.31 -14.77
C ILE A 311 -18.51 33.85 -14.34
N THR A 312 -17.35 33.44 -13.84
CA THR A 312 -17.13 32.02 -13.57
C THR A 312 -16.06 31.86 -12.49
N SER A 313 -16.03 30.68 -11.88
CA SER A 313 -14.97 30.35 -10.94
C SER A 313 -13.88 29.55 -11.63
N TYR A 314 -12.86 29.16 -10.87
CA TYR A 314 -11.73 28.45 -11.45
C TYR A 314 -12.14 27.07 -11.95
N GLU A 315 -12.82 26.29 -11.10
CA GLU A 315 -13.09 24.90 -11.45
C GLU A 315 -14.00 24.78 -12.66
N VAL A 316 -15.06 25.60 -12.71
CA VAL A 316 -15.96 25.56 -13.85
C VAL A 316 -15.22 25.91 -15.13
N ALA A 317 -14.41 26.97 -15.09
CA ALA A 317 -13.62 27.34 -16.25
C ALA A 317 -12.57 26.29 -16.60
N MET A 318 -12.22 25.41 -15.67
CA MET A 318 -11.24 24.36 -15.94
C MET A 318 -11.88 23.14 -16.57
N ASN A 319 -13.06 22.74 -16.10
CA ASN A 319 -13.69 21.54 -16.63
C ASN A 319 -14.28 21.76 -18.01
N ASP A 320 -14.93 22.91 -18.22
CA ASP A 320 -15.68 23.16 -19.44
C ASP A 320 -14.87 23.86 -20.52
N ALA A 321 -13.57 24.08 -20.31
CA ALA A 321 -12.77 24.77 -21.31
C ALA A 321 -12.70 23.97 -22.60
N LYS A 322 -12.52 22.65 -22.50
CA LYS A 322 -12.24 21.84 -23.69
C LYS A 322 -13.42 21.81 -24.66
N ARG A 323 -14.64 21.66 -24.17
CA ARG A 323 -15.75 21.31 -25.05
C ARG A 323 -16.90 22.31 -25.08
N ILE A 324 -16.86 23.38 -24.29
CA ILE A 324 -17.94 24.37 -24.33
C ILE A 324 -17.39 25.76 -24.63
N LEU A 325 -16.53 26.27 -23.75
CA LEU A 325 -16.01 27.62 -23.92
C LEU A 325 -15.07 27.73 -25.12
N ARG A 326 -14.63 26.59 -25.68
CA ARG A 326 -13.70 26.63 -26.79
C ARG A 326 -14.30 27.28 -28.03
N HIS A 327 -15.63 27.38 -28.10
CA HIS A 327 -16.32 27.77 -29.33
C HIS A 327 -16.71 29.25 -29.37
N TYR A 328 -15.91 30.13 -28.80
CA TYR A 328 -16.21 31.56 -28.84
C TYR A 328 -14.92 32.31 -29.15
N PRO A 329 -15.01 33.46 -29.83
CA PRO A 329 -13.85 34.35 -30.02
C PRO A 329 -13.70 35.36 -28.88
N TRP A 330 -13.17 34.90 -27.75
CA TRP A 330 -13.07 35.74 -26.58
C TRP A 330 -12.30 37.01 -26.87
N LYS A 331 -12.98 38.15 -26.78
CA LYS A 331 -12.38 39.44 -27.11
C LYS A 331 -11.45 39.95 -26.01
N TYR A 332 -11.79 39.72 -24.75
CA TYR A 332 -11.02 40.25 -23.64
C TYR A 332 -11.24 39.38 -22.42
N VAL A 333 -10.18 39.16 -21.64
CA VAL A 333 -10.20 38.26 -20.50
C VAL A 333 -9.59 38.97 -19.31
N VAL A 334 -10.21 38.83 -18.14
CA VAL A 334 -9.73 39.40 -16.89
C VAL A 334 -9.62 38.27 -15.89
N ILE A 335 -8.42 38.01 -15.40
CA ILE A 335 -8.18 36.94 -14.42
C ILE A 335 -7.87 37.59 -13.08
N ASP A 336 -8.86 37.60 -12.19
CA ASP A 336 -8.65 38.18 -10.88
C ASP A 336 -7.78 37.27 -10.02
N GLU A 337 -7.19 37.85 -8.99
CA GLU A 337 -6.30 37.12 -8.08
C GLU A 337 -5.24 36.37 -8.86
N GLY A 338 -4.40 37.13 -9.57
CA GLY A 338 -3.44 36.54 -10.48
C GLY A 338 -2.43 35.63 -9.79
N HIS A 339 -2.15 35.87 -8.51
CA HIS A 339 -1.10 35.12 -7.85
C HIS A 339 -1.42 33.62 -7.72
N ARG A 340 -2.59 33.19 -8.16
CA ARG A 340 -2.90 31.76 -8.17
C ARG A 340 -2.16 31.01 -9.26
N LEU A 341 -1.49 31.71 -10.18
CA LEU A 341 -0.74 31.08 -11.25
C LEU A 341 0.76 31.07 -10.99
N LYS A 342 1.18 31.11 -9.73
CA LYS A 342 2.59 31.24 -9.42
C LYS A 342 3.39 29.99 -9.75
N ASN A 343 2.74 28.87 -10.06
CA ASN A 343 3.41 27.64 -10.41
C ASN A 343 3.28 27.41 -11.91
N HIS A 344 4.42 27.24 -12.60
CA HIS A 344 4.39 27.05 -14.04
C HIS A 344 3.91 25.67 -14.45
N LYS A 345 3.89 24.71 -13.52
CA LYS A 345 3.38 23.36 -13.79
C LYS A 345 1.91 23.22 -13.46
N CYS A 346 1.26 24.28 -13.00
CA CYS A 346 -0.14 24.21 -12.61
C CYS A 346 -1.01 23.76 -13.78
N LYS A 347 -1.96 22.87 -13.51
CA LYS A 347 -2.83 22.36 -14.56
C LYS A 347 -3.66 23.48 -15.17
N LEU A 348 -4.25 24.33 -14.33
CA LEU A 348 -5.07 25.42 -14.84
C LEU A 348 -4.31 26.23 -15.87
N LEU A 349 -3.02 26.47 -15.64
CA LEU A 349 -2.22 27.20 -16.60
C LEU A 349 -2.10 26.47 -17.93
N ARG A 350 -2.38 25.17 -17.95
CA ARG A 350 -2.29 24.39 -19.18
C ARG A 350 -3.63 24.32 -19.91
N GLU A 351 -4.73 24.20 -19.17
CA GLU A 351 -6.04 24.10 -19.81
C GLU A 351 -6.36 25.36 -20.61
N LEU A 352 -5.95 26.52 -20.11
CA LEU A 352 -6.31 27.77 -20.76
C LEU A 352 -5.78 27.87 -22.17
N LYS A 353 -4.74 27.10 -22.52
CA LYS A 353 -4.20 27.17 -23.87
C LYS A 353 -5.23 26.77 -24.91
N HIS A 354 -6.24 25.98 -24.55
CA HIS A 354 -7.28 25.63 -25.50
C HIS A 354 -8.06 26.87 -25.94
N LEU A 355 -8.29 27.82 -25.05
CA LEU A 355 -8.92 29.07 -25.43
C LEU A 355 -7.96 29.93 -26.24
N LYS A 356 -8.52 30.85 -27.01
CA LYS A 356 -7.75 31.84 -27.75
C LYS A 356 -8.25 33.22 -27.35
N MET A 357 -7.34 34.05 -26.84
CA MET A 357 -7.70 35.31 -26.21
C MET A 357 -6.92 36.44 -26.87
N ASP A 358 -7.58 37.55 -27.14
CA ASP A 358 -6.93 38.69 -27.77
C ASP A 358 -6.02 39.43 -26.80
N ASN A 359 -6.43 39.60 -25.56
CA ASN A 359 -5.64 40.31 -24.57
C ASN A 359 -5.93 39.76 -23.19
N LYS A 360 -5.01 39.99 -22.26
CA LYS A 360 -5.14 39.51 -20.91
C LYS A 360 -4.84 40.64 -19.93
N LEU A 361 -5.53 40.60 -18.79
CA LEU A 361 -5.27 41.48 -17.68
C LEU A 361 -5.26 40.66 -16.41
N LEU A 362 -4.35 40.99 -15.50
CA LEU A 362 -4.05 40.12 -14.35
C LEU A 362 -3.97 40.97 -13.09
N LEU A 363 -5.11 41.10 -12.40
CA LEU A 363 -5.14 41.85 -11.15
C LEU A 363 -4.48 41.04 -10.04
N THR A 364 -3.97 41.74 -9.03
CA THR A 364 -3.38 41.09 -7.88
C THR A 364 -3.10 42.13 -6.81
N GLY A 365 -2.74 41.64 -5.62
CA GLY A 365 -2.42 42.51 -4.50
C GLY A 365 -1.01 42.30 -3.98
N THR A 366 -0.46 41.11 -4.20
CA THR A 366 0.89 40.79 -3.74
C THR A 366 1.64 40.11 -4.88
N PRO A 367 2.16 40.90 -5.83
CA PRO A 367 2.76 40.29 -7.01
C PRO A 367 3.94 39.37 -6.72
N LEU A 368 4.73 39.68 -5.70
CA LEU A 368 6.01 39.00 -5.47
C LEU A 368 5.86 37.97 -4.35
N GLN A 369 5.90 36.70 -4.74
CA GLN A 369 5.80 35.60 -3.79
C GLN A 369 7.18 35.27 -3.21
N ASN A 370 7.27 34.11 -2.55
CA ASN A 370 8.42 33.81 -1.72
C ASN A 370 9.75 33.83 -2.49
N ASN A 371 9.81 33.25 -3.69
CA ASN A 371 11.09 33.14 -4.38
C ASN A 371 10.95 33.63 -5.81
N LEU A 372 12.09 34.01 -6.39
CA LEU A 372 12.07 34.68 -7.68
C LEU A 372 11.52 33.80 -8.80
N SER A 373 11.74 32.50 -8.72
CA SER A 373 11.33 31.62 -9.82
C SER A 373 9.84 31.72 -10.08
N GLU A 374 9.03 31.73 -9.02
CA GLU A 374 7.58 31.76 -9.16
C GLU A 374 7.08 33.08 -9.72
N LEU A 375 7.91 34.12 -9.75
CA LEU A 375 7.52 35.37 -10.39
C LEU A 375 7.55 35.28 -11.91
N TRP A 376 8.40 34.41 -12.45
CA TRP A 376 8.55 34.34 -13.90
C TRP A 376 7.29 33.82 -14.57
N SER A 377 6.49 33.05 -13.83
CA SER A 377 5.33 32.41 -14.46
C SER A 377 4.34 33.44 -14.98
N LEU A 378 4.02 34.44 -14.17
CA LEU A 378 3.06 35.46 -14.59
C LEU A 378 3.56 36.22 -15.81
N LEU A 379 4.83 36.62 -15.77
CA LEU A 379 5.40 37.37 -16.90
C LEU A 379 5.40 36.53 -18.16
N ASN A 380 5.74 35.25 -18.04
CA ASN A 380 5.72 34.38 -19.21
C ASN A 380 4.31 34.24 -19.77
N PHE A 381 3.32 34.07 -18.89
CA PHE A 381 1.94 33.94 -19.37
C PHE A 381 1.47 35.20 -20.07
N ILE A 382 1.78 36.36 -19.50
CA ILE A 382 1.24 37.60 -20.05
C ILE A 382 1.96 38.00 -21.35
N LEU A 383 3.28 37.88 -21.41
CA LEU A 383 4.06 38.31 -22.57
C LEU A 383 5.03 37.21 -22.98
N PRO A 384 4.52 36.14 -23.60
CA PRO A 384 5.42 35.05 -23.99
C PRO A 384 6.49 35.44 -24.97
N ASP A 385 6.26 36.46 -25.80
CA ASP A 385 7.19 36.80 -26.87
C ASP A 385 8.49 37.39 -26.35
N ILE A 386 8.55 37.74 -25.06
CA ILE A 386 9.71 38.42 -24.48
C ILE A 386 10.44 37.52 -23.48
N PHE A 387 9.74 37.11 -22.43
CA PHE A 387 10.37 36.34 -21.35
C PHE A 387 10.34 34.84 -21.65
N THR A 388 10.96 34.45 -22.76
CA THR A 388 10.92 33.05 -23.19
C THR A 388 11.83 32.19 -22.31
N SER A 389 13.12 32.48 -22.30
CA SER A 389 14.09 31.63 -21.62
C SER A 389 13.96 31.76 -20.11
N HIS A 390 13.83 30.62 -19.44
CA HIS A 390 13.81 30.61 -17.98
C HIS A 390 15.22 30.82 -17.41
N ASP A 391 16.21 30.16 -18.00
CA ASP A 391 17.57 30.26 -17.48
C ASP A 391 18.15 31.66 -17.64
N GLU A 392 17.77 32.37 -18.71
CA GLU A 392 18.20 33.75 -18.85
C GLU A 392 17.66 34.60 -17.71
N PHE A 393 16.38 34.42 -17.37
CA PHE A 393 15.80 35.16 -16.26
C PHE A 393 16.46 34.79 -14.94
N GLU A 394 16.84 33.51 -14.77
CA GLU A 394 17.58 33.10 -13.58
C GLU A 394 18.97 33.74 -13.50
N SER A 395 19.67 33.85 -14.62
CA SER A 395 21.06 34.29 -14.61
C SER A 395 21.19 35.80 -14.67
N TRP A 396 20.14 36.52 -15.05
CA TRP A 396 20.25 37.97 -15.17
C TRP A 396 20.53 38.65 -13.84
N PHE A 397 20.34 37.96 -12.72
CA PHE A 397 20.58 38.53 -11.39
C PHE A 397 21.48 37.61 -10.60
N ASP A 398 22.42 38.21 -9.86
CA ASP A 398 23.47 37.48 -9.16
C ASP A 398 23.18 37.44 -7.67
N PHE A 399 23.29 36.25 -7.09
CA PHE A 399 23.16 36.04 -5.65
C PHE A 399 24.25 35.11 -5.16
N SER A 400 25.49 35.33 -5.65
CA SER A 400 26.58 34.42 -5.32
C SER A 400 27.08 34.58 -3.90
N GLU A 401 27.11 35.81 -3.38
CA GLU A 401 27.62 36.07 -2.03
C GLU A 401 29.07 35.59 -1.91
N LYS A 402 29.90 35.98 -2.87
CA LYS A 402 31.31 35.61 -2.83
C LYS A 402 32.02 36.40 -1.73
N ASN A 403 33.17 35.88 -1.29
CA ASN A 403 33.93 36.53 -0.24
C ASN A 403 34.41 37.90 -0.71
N LYS A 404 34.52 38.82 0.24
CA LYS A 404 34.92 40.19 -0.05
C LYS A 404 36.44 40.26 -0.29
N ASN A 405 36.85 39.69 -1.42
CA ASN A 405 38.23 39.79 -1.84
C ASN A 405 38.55 41.22 -2.27
N GLU A 406 39.80 41.44 -2.68
CA GLU A 406 40.25 42.78 -3.05
C GLU A 406 39.30 43.42 -4.05
N ALA A 407 38.87 42.66 -5.05
CA ALA A 407 37.96 43.18 -6.06
C ALA A 407 36.49 43.07 -5.64
N THR A 408 36.20 42.49 -4.47
CA THR A 408 34.83 42.25 -4.04
C THR A 408 34.44 42.98 -2.77
N LYS A 409 35.33 43.79 -2.18
CA LYS A 409 35.03 44.46 -0.92
C LYS A 409 33.82 45.37 -1.03
N GLU A 410 33.72 46.16 -2.10
CA GLU A 410 32.59 47.05 -2.33
C GLU A 410 31.59 46.47 -3.31
N GLU A 411 31.91 45.36 -3.97
CA GLU A 411 30.95 44.72 -4.85
C GLU A 411 29.71 44.28 -4.09
N GLU A 412 29.85 43.97 -2.81
CA GLU A 412 28.69 43.54 -2.02
C GLU A 412 27.53 44.51 -2.17
N GLU A 413 27.82 45.81 -2.21
CA GLU A 413 26.79 46.83 -2.40
C GLU A 413 26.65 47.23 -3.86
N LYS A 414 27.77 47.30 -4.60
CA LYS A 414 27.69 47.76 -5.98
C LYS A 414 26.85 46.81 -6.84
N ARG A 415 27.13 45.51 -6.75
CA ARG A 415 26.38 44.53 -7.54
C ARG A 415 24.91 44.53 -7.14
N ARG A 416 24.62 44.63 -5.84
CA ARG A 416 23.24 44.67 -5.39
C ARG A 416 22.51 45.87 -5.98
N ALA A 417 23.13 47.04 -5.91
CA ALA A 417 22.50 48.24 -6.45
C ALA A 417 22.29 48.11 -7.96
N GLN A 418 23.29 47.60 -8.67
CA GLN A 418 23.16 47.45 -10.12
C GLN A 418 22.03 46.48 -10.46
N VAL A 419 21.95 45.36 -9.73
CA VAL A 419 20.91 44.38 -10.00
C VAL A 419 19.53 44.98 -9.74
N VAL A 420 19.39 45.71 -8.62
CA VAL A 420 18.10 46.31 -8.30
C VAL A 420 17.71 47.32 -9.37
N SER A 421 18.68 48.14 -9.81
CA SER A 421 18.38 49.14 -10.84
C SER A 421 17.96 48.47 -12.14
N LYS A 422 18.67 47.42 -12.55
CA LYS A 422 18.33 46.72 -13.78
C LYS A 422 16.94 46.10 -13.67
N LEU A 423 16.63 45.48 -12.54
CA LEU A 423 15.32 44.86 -12.36
C LEU A 423 14.22 45.91 -12.45
N HIS A 424 14.39 47.03 -11.75
CA HIS A 424 13.39 48.09 -11.82
C HIS A 424 13.23 48.60 -13.24
N GLY A 425 14.35 48.81 -13.94
CA GLY A 425 14.28 49.31 -15.30
C GLY A 425 13.64 48.35 -16.29
N ILE A 426 13.73 47.04 -16.03
CA ILE A 426 13.10 46.06 -16.92
C ILE A 426 11.68 45.75 -16.46
N LEU A 427 11.26 46.24 -15.30
CA LEU A 427 9.90 46.03 -14.81
C LEU A 427 9.03 47.27 -14.82
N ARG A 428 9.60 48.45 -15.03
CA ARG A 428 8.83 49.69 -14.96
C ARG A 428 7.67 49.73 -15.95
N PRO A 429 7.88 49.37 -17.22
CA PRO A 429 6.86 49.63 -18.24
C PRO A 429 5.67 48.67 -18.24
N PHE A 430 5.61 47.69 -17.35
CA PHE A 430 4.56 46.68 -17.38
C PHE A 430 3.75 46.58 -16.10
N ILE A 431 4.04 47.37 -15.07
CA ILE A 431 3.39 47.25 -13.78
C ILE A 431 3.01 48.63 -13.28
N LEU A 432 1.83 48.73 -12.66
CA LEU A 432 1.39 49.94 -11.98
C LEU A 432 1.17 49.61 -10.51
N ARG A 433 1.73 50.43 -9.62
CA ARG A 433 1.69 50.16 -8.19
C ARG A 433 1.47 51.48 -7.46
N ARG A 434 0.58 51.46 -6.46
CA ARG A 434 0.32 52.63 -5.64
C ARG A 434 0.04 52.18 -4.21
N MET A 435 0.34 53.06 -3.26
CA MET A 435 0.31 52.72 -1.85
C MET A 435 -0.71 53.57 -1.10
N LYS A 436 -1.26 53.00 -0.03
CA LYS A 436 -2.24 53.72 0.78
C LYS A 436 -1.64 54.96 1.43
N CYS A 437 -0.42 54.84 1.95
CA CYS A 437 0.15 55.85 2.84
C CYS A 437 0.19 57.23 2.23
N ASP A 438 0.05 57.37 0.90
CA ASP A 438 0.14 58.67 0.26
C ASP A 438 -0.98 58.97 -0.73
N VAL A 439 -1.94 58.07 -0.92
CA VAL A 439 -2.99 58.30 -1.90
C VAL A 439 -4.30 58.68 -1.21
N GLU A 440 -4.57 58.10 -0.04
CA GLU A 440 -5.85 58.22 0.64
C GLU A 440 -5.63 58.73 2.07
N LEU A 441 -4.89 59.83 2.17
CA LEU A 441 -4.49 60.35 3.48
C LEU A 441 -5.65 60.53 4.44
N SER A 442 -6.88 60.54 3.95
CA SER A 442 -8.04 60.66 4.82
C SER A 442 -8.39 59.37 5.55
N LEU A 443 -7.72 58.26 5.25
CA LEU A 443 -8.04 56.98 5.87
C LEU A 443 -7.29 56.85 7.19
N PRO A 444 -7.96 56.42 8.27
CA PRO A 444 -7.23 56.16 9.52
C PRO A 444 -6.22 55.04 9.37
N ARG A 445 -5.16 55.11 10.19
CA ARG A 445 -4.08 54.14 10.13
C ARG A 445 -4.41 52.91 10.97
N LYS A 446 -3.46 51.98 11.03
CA LYS A 446 -3.61 50.76 11.82
C LYS A 446 -2.25 50.30 12.31
N LYS A 447 -2.26 49.46 13.34
CA LYS A 447 -1.05 48.92 13.95
C LYS A 447 -1.15 47.41 14.04
N GLU A 448 0.01 46.74 14.04
CA GLU A 448 0.09 45.31 14.27
C GLU A 448 0.83 45.06 15.59
N ILE A 449 0.26 44.21 16.43
CA ILE A 449 0.78 43.96 17.78
C ILE A 449 0.91 42.46 18.00
N ILE A 450 2.01 42.07 18.63
CA ILE A 450 2.22 40.67 19.03
C ILE A 450 2.09 40.58 20.54
N MET A 451 1.40 39.54 21.00
CA MET A 451 1.23 39.29 22.43
C MET A 451 1.56 37.83 22.70
N TYR A 452 2.32 37.58 23.76
CA TYR A 452 2.82 36.25 24.07
C TYR A 452 2.02 35.61 25.20
N ALA A 453 2.21 34.30 25.37
CA ALA A 453 1.59 33.55 26.44
C ALA A 453 2.56 32.45 26.87
N THR A 454 2.31 31.90 28.06
CA THR A 454 3.20 30.91 28.66
C THR A 454 2.49 29.57 28.78
N MET A 455 3.23 28.49 28.51
CA MET A 455 2.67 27.16 28.56
C MET A 455 2.30 26.78 29.99
N THR A 456 1.30 25.91 30.12
CA THR A 456 0.93 25.39 31.43
C THR A 456 1.58 24.03 31.68
N ASP A 457 1.48 23.58 32.93
CA ASP A 457 2.10 22.31 33.31
C ASP A 457 1.53 21.15 32.51
N HIS A 458 0.22 21.20 32.23
CA HIS A 458 -0.40 20.13 31.45
C HIS A 458 0.27 19.97 30.10
N GLN A 459 0.56 21.09 29.42
CA GLN A 459 1.25 21.02 28.13
C GLN A 459 2.68 20.53 28.29
N LYS A 460 3.35 20.94 29.38
CA LYS A 460 4.72 20.49 29.60
C LYS A 460 4.79 18.99 29.77
N LYS A 461 3.80 18.40 30.45
CA LYS A 461 3.77 16.96 30.61
C LYS A 461 3.71 16.25 29.27
N PHE A 462 2.83 16.71 28.38
CA PHE A 462 2.74 16.12 27.05
C PHE A 462 4.02 16.33 26.27
N GLN A 463 4.64 17.51 26.38
CA GLN A 463 5.89 17.75 25.67
C GLN A 463 6.96 16.77 26.13
N GLU A 464 7.09 16.57 27.45
CA GLU A 464 8.07 15.63 27.97
C GLU A 464 7.79 14.22 27.48
N HIS A 465 6.53 13.80 27.52
CA HIS A 465 6.20 12.45 27.07
C HIS A 465 6.52 12.27 25.58
N LEU A 466 6.17 13.26 24.77
CA LEU A 466 6.45 13.17 23.33
C LEU A 466 7.94 13.10 23.06
N VAL A 467 8.73 13.92 23.77
CA VAL A 467 10.17 13.87 23.56
C VAL A 467 10.73 12.50 23.91
N ASN A 468 10.18 11.86 24.95
CA ASN A 468 10.63 10.54 25.37
C ASN A 468 9.90 9.41 24.63
N ASN A 469 8.96 9.74 23.75
CA ASN A 469 8.24 8.72 22.98
C ASN A 469 7.41 7.83 23.89
N THR A 470 6.70 8.43 24.84
CA THR A 470 5.89 7.67 25.79
C THR A 470 4.53 8.30 26.04
N LEU A 471 3.98 9.06 25.09
CA LEU A 471 2.66 9.66 25.31
C LEU A 471 1.60 8.59 25.50
N GLU A 472 1.64 7.52 24.69
CA GLU A 472 0.65 6.46 24.82
C GLU A 472 0.73 5.79 26.18
N ALA A 473 1.94 5.51 26.67
CA ALA A 473 2.08 4.90 27.98
C ALA A 473 1.48 5.77 29.08
N HIS A 474 1.58 7.10 28.92
CA HIS A 474 0.95 8.00 29.88
C HIS A 474 -0.56 7.82 29.90
N LEU A 475 -1.16 7.61 28.73
CA LEU A 475 -2.59 7.38 28.62
C LEU A 475 -2.98 5.94 28.91
N GLY A 476 -2.02 5.04 29.09
CA GLY A 476 -2.32 3.65 29.36
C GLY A 476 -2.77 3.42 30.79
N ILE A 483 7.83 -18.28 32.02
CA ILE A 483 7.88 -17.94 33.43
C ILE A 483 7.63 -19.19 34.27
N GLU A 484 6.46 -19.80 34.09
CA GLU A 484 6.12 -21.01 34.79
C GLU A 484 7.03 -22.15 34.33
N LEU A 485 7.29 -23.08 35.26
CA LEU A 485 8.20 -24.19 35.02
C LEU A 485 7.43 -25.50 34.97
N SER A 486 7.58 -26.21 33.86
CA SER A 486 7.05 -27.56 33.75
C SER A 486 7.87 -28.51 34.62
N PRO A 487 7.32 -29.68 34.96
CA PRO A 487 8.10 -30.64 35.75
C PRO A 487 9.44 -30.94 35.09
N THR A 488 10.44 -31.17 35.92
CA THR A 488 11.85 -31.30 35.55
C THR A 488 12.53 -29.95 35.36
N GLY A 489 11.84 -28.84 35.64
CA GLY A 489 12.46 -27.54 35.62
C GLY A 489 12.44 -26.82 34.29
N ARG A 490 11.93 -27.44 33.23
CA ARG A 490 11.87 -26.77 31.94
C ARG A 490 10.80 -25.67 31.96
N PRO A 491 11.00 -24.61 31.19
CA PRO A 491 9.95 -23.58 31.09
C PRO A 491 8.67 -24.15 30.50
N LYS A 492 7.54 -23.70 31.03
CA LYS A 492 6.25 -24.16 30.54
C LYS A 492 5.83 -23.35 29.33
N ARG A 493 5.62 -24.02 28.20
CA ARG A 493 5.14 -23.35 27.00
C ARG A 493 3.74 -22.83 27.24
N ARG A 494 3.48 -21.60 26.79
CA ARG A 494 2.21 -20.94 27.09
C ARG A 494 1.06 -21.69 26.42
N THR A 495 -0.02 -21.86 27.19
CA THR A 495 -1.24 -22.51 26.68
C THR A 495 -0.95 -23.92 26.17
N ARG A 496 0.03 -24.59 26.76
CA ARG A 496 0.31 -25.97 26.40
C ARG A 496 -0.74 -26.89 27.03
N LYS A 497 -1.36 -27.73 26.20
CA LYS A 497 -2.43 -28.58 26.69
C LYS A 497 -1.90 -29.60 27.69
N SER A 498 -2.70 -29.85 28.74
CA SER A 498 -2.37 -30.80 29.79
C SER A 498 -3.55 -31.76 29.97
N ILE A 499 -3.54 -32.85 29.23
CA ILE A 499 -4.62 -33.83 29.27
C ILE A 499 -4.07 -35.20 28.89
N ASN A 500 -4.62 -36.24 29.49
CA ASN A 500 -4.20 -37.59 29.18
C ASN A 500 -4.54 -37.94 27.73
N TYR A 501 -3.64 -38.68 27.08
CA TYR A 501 -3.79 -39.00 25.67
C TYR A 501 -4.65 -40.23 25.42
N SER A 502 -4.75 -41.14 26.38
CA SER A 502 -5.65 -42.27 26.24
C SER A 502 -7.10 -41.79 26.33
N LYS A 503 -7.99 -42.58 25.75
CA LYS A 503 -9.41 -42.23 25.72
C LYS A 503 -9.61 -40.89 25.04
N LEU A 543 10.30 10.33 15.98
CA LEU A 543 10.99 11.33 15.16
C LEU A 543 10.30 11.49 13.81
N ASN A 544 9.39 10.56 13.49
CA ASN A 544 8.74 10.57 12.18
C ASN A 544 7.88 11.82 11.99
N ASN A 545 7.11 12.21 13.01
CA ASN A 545 6.21 13.36 12.87
C ASN A 545 6.23 14.25 14.11
N LEU A 546 7.41 14.48 14.69
CA LEU A 546 7.48 15.23 15.95
C LEU A 546 7.01 16.66 15.78
N VAL A 547 7.35 17.30 14.66
CA VAL A 547 7.07 18.73 14.50
C VAL A 547 5.57 18.99 14.55
N ILE A 548 4.80 18.21 13.79
CA ILE A 548 3.35 18.43 13.75
C ILE A 548 2.73 18.13 15.10
N GLN A 549 3.22 17.11 15.81
CA GLN A 549 2.70 16.82 17.14
C GLN A 549 2.95 17.98 18.08
N LEU A 550 4.15 18.56 18.03
CA LEU A 550 4.45 19.70 18.89
C LEU A 550 3.57 20.89 18.54
N ARG A 551 3.34 21.13 17.26
CA ARG A 551 2.46 22.24 16.88
C ARG A 551 1.05 22.02 17.39
N LYS A 552 0.53 20.79 17.26
CA LYS A 552 -0.79 20.49 17.79
C LYS A 552 -0.84 20.72 19.30
N ASN A 553 0.18 20.27 20.02
CA ASN A 553 0.21 20.47 21.46
C ASN A 553 0.21 21.95 21.80
N CYS A 554 0.98 22.76 21.06
CA CYS A 554 1.02 24.19 21.33
C CYS A 554 -0.30 24.89 21.02
N ASN A 555 -1.03 24.43 20.00
CA ASN A 555 -2.30 25.07 19.67
C ASN A 555 -3.34 24.85 20.78
N HIS A 556 -3.60 23.59 21.11
CA HIS A 556 -4.50 23.29 22.22
C HIS A 556 -4.40 21.81 22.57
N PRO A 557 -4.31 21.44 23.85
CA PRO A 557 -4.10 20.03 24.18
C PRO A 557 -5.18 19.11 23.66
N ASP A 558 -6.43 19.53 23.67
CA ASP A 558 -7.54 18.66 23.32
C ASP A 558 -7.47 18.16 21.89
N LEU A 559 -6.72 18.79 20.98
CA LEU A 559 -6.59 18.22 19.64
C LEU A 559 -6.03 16.82 19.68
N LEU A 560 -5.18 16.53 20.68
CA LEU A 560 -4.71 15.17 20.91
C LEU A 560 -5.75 14.40 21.71
N GLN A 561 -5.42 13.16 22.07
CA GLN A 561 -6.32 12.27 22.80
C GLN A 561 -7.74 12.30 22.24
N GLY A 562 -7.87 12.35 20.91
CA GLY A 562 -9.18 12.36 20.30
C GLY A 562 -9.84 10.99 20.19
N GLN A 563 -9.18 9.94 20.67
CA GLN A 563 -9.69 8.58 20.56
C GLN A 563 -10.23 8.03 21.88
N ILE A 564 -9.88 8.63 23.01
CA ILE A 564 -10.27 8.06 24.30
C ILE A 564 -11.78 8.09 24.54
N ASP A 565 -12.45 9.18 24.18
CA ASP A 565 -13.87 9.33 24.46
C ASP A 565 -14.76 9.09 23.25
N GLY A 566 -14.19 8.96 22.05
CA GLY A 566 -14.99 8.69 20.88
C GLY A 566 -16.05 9.74 20.67
N SER A 567 -17.29 9.29 20.45
CA SER A 567 -18.40 10.20 20.16
C SER A 567 -18.82 11.02 21.38
N TYR A 568 -18.30 10.71 22.56
CA TYR A 568 -18.77 11.36 23.78
C TYR A 568 -18.47 12.87 23.73
N LEU A 569 -18.91 13.56 24.78
CA LEU A 569 -18.97 15.01 24.77
C LEU A 569 -17.59 15.62 25.02
N TYR A 570 -17.50 16.92 24.77
CA TYR A 570 -16.33 17.68 25.18
C TYR A 570 -16.29 17.78 26.69
N PRO A 571 -15.12 18.00 27.28
CA PRO A 571 -15.04 18.18 28.73
C PRO A 571 -15.82 19.40 29.18
N PRO A 572 -15.92 19.62 30.49
CA PRO A 572 -16.66 20.80 30.98
C PRO A 572 -16.01 22.09 30.49
N VAL A 573 -16.84 23.13 30.38
CA VAL A 573 -16.39 24.40 29.79
C VAL A 573 -15.17 24.93 30.54
N GLU A 574 -15.26 24.97 31.87
CA GLU A 574 -14.18 25.55 32.66
C GLU A 574 -12.88 24.79 32.48
N GLU A 575 -12.93 23.48 32.21
CA GLU A 575 -11.71 22.71 32.07
C GLU A 575 -10.97 23.07 30.78
N ILE A 576 -11.70 23.44 29.73
CA ILE A 576 -11.05 23.79 28.47
C ILE A 576 -10.16 25.00 28.64
N VAL A 577 -10.64 26.02 29.35
CA VAL A 577 -9.88 27.26 29.49
C VAL A 577 -8.59 27.02 30.26
N GLY A 578 -8.65 26.17 31.29
CA GLY A 578 -7.51 26.03 32.18
C GLY A 578 -6.33 25.29 31.59
N GLN A 579 -6.52 24.60 30.47
CA GLN A 579 -5.47 23.76 29.93
C GLN A 579 -4.60 24.44 28.88
N CYS A 580 -5.10 25.47 28.20
CA CYS A 580 -4.37 26.12 27.13
C CYS A 580 -4.10 27.57 27.51
N GLY A 581 -2.83 27.98 27.45
CA GLY A 581 -2.46 29.33 27.76
C GLY A 581 -3.02 30.34 26.79
N LYS A 582 -2.93 30.06 25.50
CA LYS A 582 -3.43 31.00 24.49
C LYS A 582 -4.93 31.18 24.64
N PHE A 583 -5.66 30.10 24.94
CA PHE A 583 -7.09 30.23 25.16
C PHE A 583 -7.39 31.11 26.37
N ARG A 584 -6.60 30.96 27.43
CA ARG A 584 -6.77 31.82 28.60
C ARG A 584 -6.55 33.28 28.24
N LEU A 585 -5.49 33.56 27.48
CA LEU A 585 -5.22 34.93 27.07
C LEU A 585 -6.35 35.49 26.22
N LEU A 586 -6.85 34.69 25.28
CA LEU A 586 -7.95 35.14 24.44
C LEU A 586 -9.20 35.42 25.26
N GLU A 587 -9.49 34.56 26.23
CA GLU A 587 -10.64 34.79 27.09
C GLU A 587 -10.48 36.08 27.88
N ARG A 588 -9.28 36.32 28.42
CA ARG A 588 -9.03 37.57 29.12
C ARG A 588 -9.21 38.78 28.21
N LEU A 589 -8.72 38.70 26.98
CA LEU A 589 -8.76 39.83 26.06
C LEU A 589 -10.18 40.14 25.58
N LEU A 590 -10.98 39.11 25.31
CA LEU A 590 -12.29 39.34 24.71
C LEU A 590 -13.20 40.14 25.63
N VAL A 591 -13.17 39.84 26.94
CA VAL A 591 -14.14 40.46 27.85
C VAL A 591 -14.03 41.98 27.81
N ARG A 592 -12.81 42.51 27.74
CA ARG A 592 -12.64 43.95 27.78
C ARG A 592 -13.16 44.62 26.50
N LEU A 593 -12.98 43.98 25.35
CA LEU A 593 -13.38 44.60 24.10
C LEU A 593 -14.88 44.86 24.05
N PHE A 594 -15.69 43.91 24.52
CA PHE A 594 -17.13 44.11 24.52
C PHE A 594 -17.54 45.29 25.38
N ALA A 595 -16.70 45.71 26.32
CA ALA A 595 -17.04 46.84 27.18
C ALA A 595 -17.08 48.16 26.41
N ASN A 596 -16.61 48.20 25.17
CA ASN A 596 -16.58 49.43 24.39
C ASN A 596 -17.24 49.27 23.02
N ASN A 597 -18.04 48.21 22.84
CA ASN A 597 -18.87 48.04 21.65
C ASN A 597 -18.06 47.74 20.40
N HIS A 598 -16.84 47.22 20.55
CA HIS A 598 -16.07 46.82 19.38
C HIS A 598 -16.59 45.51 18.83
N LYS A 599 -16.22 45.22 17.58
CA LYS A 599 -16.55 43.97 16.91
C LYS A 599 -15.28 43.37 16.36
N VAL A 600 -15.16 42.05 16.45
CA VAL A 600 -13.91 41.37 16.15
C VAL A 600 -14.15 40.25 15.14
N LEU A 601 -13.10 39.96 14.37
CA LEU A 601 -13.07 38.81 13.49
C LEU A 601 -11.96 37.88 13.96
N ILE A 602 -12.21 36.58 13.90
CA ILE A 602 -11.27 35.57 14.37
C ILE A 602 -10.90 34.67 13.20
N PHE A 603 -9.61 34.50 12.96
CA PHE A 603 -9.11 33.69 11.87
C PHE A 603 -8.45 32.44 12.43
N SER A 604 -8.46 31.38 11.62
CA SER A 604 -7.81 30.12 11.98
C SER A 604 -7.53 29.34 10.71
N GLN A 605 -6.73 28.29 10.84
CA GLN A 605 -6.38 27.45 9.70
C GLN A 605 -7.02 26.07 9.77
N TRP A 606 -7.30 25.56 10.97
CA TRP A 606 -7.77 24.20 11.15
C TRP A 606 -9.21 24.23 11.64
N THR A 607 -10.11 23.57 10.90
CA THR A 607 -11.52 23.64 11.23
C THR A 607 -11.81 23.03 12.59
N LYS A 608 -11.17 21.91 12.92
CA LYS A 608 -11.40 21.29 14.22
C LYS A 608 -11.11 22.27 15.35
N LEU A 609 -10.19 23.21 15.15
CA LEU A 609 -9.97 24.26 16.13
C LEU A 609 -11.13 25.24 16.17
N LEU A 610 -11.74 25.54 15.01
CA LEU A 610 -12.91 26.40 15.00
C LEU A 610 -14.06 25.78 15.77
N ASP A 611 -14.18 24.45 15.72
CA ASP A 611 -15.30 23.80 16.39
C ASP A 611 -15.26 24.03 17.89
N ILE A 612 -14.08 23.99 18.51
CA ILE A 612 -14.00 24.19 19.95
C ILE A 612 -14.44 25.59 20.33
N MET A 613 -13.98 26.60 19.59
CA MET A 613 -14.41 27.96 19.87
C MET A 613 -15.91 28.12 19.67
N ASP A 614 -16.46 27.49 18.63
CA ASP A 614 -17.89 27.56 18.41
C ASP A 614 -18.65 26.97 19.59
N TYR A 615 -18.19 25.81 20.08
CA TYR A 615 -18.84 25.18 21.22
C TYR A 615 -18.76 26.06 22.46
N TYR A 616 -17.58 26.64 22.71
CA TYR A 616 -17.42 27.50 23.87
C TYR A 616 -18.37 28.69 23.81
N PHE A 617 -18.42 29.38 22.66
CA PHE A 617 -19.28 30.54 22.54
C PHE A 617 -20.75 30.15 22.64
N SER A 618 -21.14 29.00 22.08
CA SER A 618 -22.52 28.55 22.22
C SER A 618 -22.85 28.30 23.68
N GLU A 619 -21.91 27.71 24.43
CA GLU A 619 -22.14 27.53 25.86
C GLU A 619 -22.32 28.86 26.56
N LYS A 620 -21.49 29.85 26.22
CA LYS A 620 -21.65 31.18 26.80
C LYS A 620 -22.89 31.90 26.29
N GLY A 621 -23.52 31.41 25.22
CA GLY A 621 -24.77 31.98 24.77
C GLY A 621 -24.65 33.23 23.92
N PHE A 622 -23.52 33.42 23.24
CA PHE A 622 -23.38 34.55 22.35
C PHE A 622 -23.81 34.20 20.93
N GLU A 623 -24.00 35.22 20.11
CA GLU A 623 -24.29 35.02 18.70
C GLU A 623 -23.01 34.70 17.92
N VAL A 624 -23.17 33.99 16.81
CA VAL A 624 -22.03 33.56 16.02
C VAL A 624 -22.43 33.49 14.56
N CYS A 625 -21.48 33.80 13.68
CA CYS A 625 -21.59 33.56 12.25
C CYS A 625 -20.29 32.94 11.77
N ARG A 626 -20.40 32.04 10.81
CA ARG A 626 -19.26 31.21 10.42
C ARG A 626 -19.24 31.01 8.91
N ILE A 627 -18.04 30.94 8.35
CA ILE A 627 -17.82 30.66 6.93
C ILE A 627 -16.63 29.74 6.80
N ASP A 628 -16.73 28.74 5.92
CA ASP A 628 -15.61 27.85 5.65
C ASP A 628 -15.95 27.04 4.40
N GLY A 629 -15.08 26.07 4.11
CA GLY A 629 -15.20 25.28 2.90
C GLY A 629 -16.46 24.46 2.81
N SER A 630 -17.06 24.13 3.96
CA SER A 630 -18.23 23.25 3.98
C SER A 630 -19.55 24.01 3.88
N VAL A 631 -19.51 25.33 3.72
CA VAL A 631 -20.72 26.15 3.65
C VAL A 631 -21.00 26.48 2.19
N LYS A 632 -22.25 26.31 1.77
CA LYS A 632 -22.61 26.47 0.37
C LYS A 632 -22.66 27.95 -0.02
N LEU A 633 -22.68 28.19 -1.34
CA LEU A 633 -22.56 29.53 -1.87
C LEU A 633 -23.63 30.46 -1.32
N ASP A 634 -24.90 30.06 -1.44
CA ASP A 634 -25.99 30.93 -1.03
C ASP A 634 -25.91 31.25 0.46
N GLU A 635 -25.58 30.26 1.28
CA GLU A 635 -25.40 30.49 2.70
C GLU A 635 -24.26 31.45 2.99
N ARG A 636 -23.14 31.33 2.27
CA ARG A 636 -22.06 32.31 2.42
C ARG A 636 -22.58 33.71 2.12
N ARG A 637 -23.28 33.86 1.00
CA ARG A 637 -23.72 35.20 0.59
C ARG A 637 -24.68 35.81 1.60
N ARG A 638 -25.60 35.00 2.12
CA ARG A 638 -26.63 35.56 3.01
C ARG A 638 -26.00 36.13 4.28
N GLN A 639 -25.04 35.41 4.86
CA GLN A 639 -24.50 35.83 6.15
C GLN A 639 -23.76 37.15 6.05
N ILE A 640 -23.00 37.36 4.97
CA ILE A 640 -22.27 38.62 4.81
C ILE A 640 -23.24 39.79 4.78
N LYS A 641 -24.30 39.65 3.97
CA LYS A 641 -25.29 40.72 3.89
C LYS A 641 -25.96 40.96 5.24
N ASP A 642 -26.30 39.88 5.95
CA ASP A 642 -26.94 40.05 7.25
C ASP A 642 -26.03 40.75 8.25
N PHE A 643 -24.75 40.39 8.26
CA PHE A 643 -23.82 40.98 9.22
C PHE A 643 -23.52 42.43 8.88
N SER A 644 -23.45 42.77 7.59
CA SER A 644 -23.19 44.15 7.22
C SER A 644 -24.33 45.07 7.64
N ASP A 645 -25.50 44.52 7.94
CA ASP A 645 -26.63 45.33 8.37
C ASP A 645 -26.30 46.04 9.67
N GLU A 646 -26.66 47.32 9.76
CA GLU A 646 -26.44 48.08 10.99
C GLU A 646 -27.30 47.58 12.14
N LYS A 647 -28.46 47.01 11.84
CA LYS A 647 -29.38 46.56 12.89
C LYS A 647 -28.93 45.26 13.54
N SER A 648 -28.03 44.50 12.90
CA SER A 648 -27.61 43.22 13.44
C SER A 648 -26.89 43.41 14.77
N SER A 649 -27.20 42.54 15.73
CA SER A 649 -26.57 42.56 17.04
C SER A 649 -25.39 41.59 17.15
N CYS A 650 -25.07 40.86 16.10
CA CYS A 650 -23.94 39.94 16.14
C CYS A 650 -22.64 40.72 16.29
N SER A 651 -21.69 40.13 17.01
CA SER A 651 -20.40 40.76 17.26
C SER A 651 -19.22 39.83 17.10
N ILE A 652 -19.44 38.56 16.78
CA ILE A 652 -18.36 37.59 16.61
C ILE A 652 -18.52 36.95 15.24
N PHE A 653 -17.42 36.90 14.49
CA PHE A 653 -17.41 36.33 13.15
C PHE A 653 -16.19 35.43 13.00
N LEU A 654 -16.39 34.21 12.53
CA LEU A 654 -15.33 33.24 12.36
C LEU A 654 -15.06 33.03 10.88
N LEU A 655 -13.80 32.85 10.51
CA LEU A 655 -13.41 32.67 9.13
C LEU A 655 -12.26 31.66 9.04
N SER A 656 -12.26 30.85 7.99
CA SER A 656 -11.09 30.06 7.67
C SER A 656 -10.12 30.89 6.84
N THR A 657 -8.82 30.66 7.03
CA THR A 657 -7.83 31.52 6.40
C THR A 657 -7.91 31.43 4.88
N ARG A 658 -7.95 30.21 4.33
CA ARG A 658 -7.88 30.06 2.88
C ARG A 658 -9.21 30.36 2.20
N ALA A 659 -10.33 30.08 2.88
CA ALA A 659 -11.63 30.16 2.23
C ALA A 659 -12.22 31.56 2.23
N GLY A 660 -12.09 32.31 3.32
CA GLY A 660 -12.72 33.61 3.42
C GLY A 660 -11.76 34.77 3.45
N GLY A 661 -10.48 34.51 3.28
CA GLY A 661 -9.48 35.56 3.39
C GLY A 661 -9.38 36.46 2.19
N LEU A 662 -10.05 36.13 1.09
CA LEU A 662 -9.87 36.82 -0.18
C LEU A 662 -11.19 37.42 -0.66
N GLY A 663 -11.15 38.70 -1.03
CA GLY A 663 -12.22 39.32 -1.78
C GLY A 663 -13.33 39.98 -0.98
N ILE A 664 -13.91 39.28 -0.02
CA ILE A 664 -15.12 39.75 0.64
C ILE A 664 -14.84 41.07 1.36
N ASN A 665 -15.90 41.80 1.70
CA ASN A 665 -15.80 43.08 2.39
C ASN A 665 -16.54 42.99 3.72
N LEU A 666 -15.87 43.38 4.80
CA LEU A 666 -16.42 43.31 6.14
C LEU A 666 -16.12 44.60 6.89
N THR A 667 -16.41 45.73 6.26
CA THR A 667 -16.07 47.03 6.84
C THR A 667 -16.73 47.28 8.19
N ALA A 668 -17.79 46.54 8.53
CA ALA A 668 -18.52 46.81 9.76
C ALA A 668 -17.62 46.68 10.99
N ALA A 669 -16.83 45.62 11.07
CA ALA A 669 -15.96 45.42 12.21
C ALA A 669 -14.74 46.32 12.13
N ASP A 670 -14.02 46.42 13.26
CA ASP A 670 -12.82 47.24 13.31
C ASP A 670 -11.70 46.60 14.11
N THR A 671 -11.66 45.28 14.22
CA THR A 671 -10.61 44.60 14.97
C THR A 671 -10.45 43.19 14.43
N CYS A 672 -9.20 42.74 14.29
CA CYS A 672 -8.91 41.42 13.75
C CYS A 672 -7.95 40.68 14.67
N ILE A 673 -8.15 39.38 14.81
CA ILE A 673 -7.32 38.53 15.65
C ILE A 673 -6.85 37.35 14.81
N LEU A 674 -5.55 37.10 14.82
CA LEU A 674 -4.96 35.95 14.14
C LEU A 674 -4.58 34.92 15.18
N TYR A 675 -5.26 33.78 15.16
CA TYR A 675 -5.03 32.76 16.19
C TYR A 675 -3.73 32.01 15.95
N ASP A 676 -3.25 31.94 14.71
CA ASP A 676 -1.97 31.31 14.41
C ASP A 676 -1.42 31.88 13.12
N SER A 677 -0.13 31.70 12.91
CA SER A 677 0.58 32.30 11.80
C SER A 677 0.93 31.24 10.76
N ASP A 678 0.73 31.59 9.49
CA ASP A 678 1.03 30.68 8.39
C ASP A 678 2.52 30.71 8.07
N TRP A 679 2.97 29.69 7.34
CA TRP A 679 4.35 29.68 6.85
C TRP A 679 4.62 30.80 5.86
N ASN A 680 3.61 31.24 5.12
CA ASN A 680 3.80 32.25 4.08
C ASN A 680 3.30 33.60 4.58
N PRO A 681 4.17 34.60 4.72
CA PRO A 681 3.70 35.89 5.24
C PRO A 681 2.67 36.55 4.35
N GLN A 682 2.73 36.35 3.03
CA GLN A 682 1.81 37.04 2.14
C GLN A 682 0.37 36.69 2.45
N MET A 683 0.11 35.46 2.90
CA MET A 683 -1.26 35.07 3.21
C MET A 683 -1.85 35.94 4.31
N ASP A 684 -1.06 36.21 5.36
CA ASP A 684 -1.57 37.02 6.46
C ASP A 684 -1.92 38.44 5.99
N LEU A 685 -1.08 39.01 5.13
CA LEU A 685 -1.35 40.38 4.68
C LEU A 685 -2.72 40.50 4.04
N GLN A 686 -3.14 39.50 3.25
CA GLN A 686 -4.48 39.53 2.69
C GLN A 686 -5.53 39.47 3.80
N ALA A 687 -5.30 38.66 4.82
CA ALA A 687 -6.30 38.49 5.88
C ALA A 687 -6.48 39.75 6.71
N MET A 688 -5.40 40.50 6.95
CA MET A 688 -5.50 41.66 7.83
C MET A 688 -6.36 42.75 7.19
N ASP A 689 -6.31 42.89 5.87
CA ASP A 689 -6.95 44.02 5.20
C ASP A 689 -8.46 43.82 5.03
N ARG A 690 -9.00 42.66 5.39
CA ARG A 690 -10.43 42.44 5.22
C ARG A 690 -11.28 43.43 6.02
N CYS A 691 -10.71 44.06 7.04
CA CYS A 691 -11.46 45.01 7.86
C CYS A 691 -10.89 46.43 7.79
N HIS A 692 -9.97 46.69 6.85
CA HIS A 692 -9.35 48.01 6.71
C HIS A 692 -9.27 48.33 5.21
N ARG A 693 -10.29 49.04 4.73
CA ARG A 693 -10.36 49.40 3.32
C ARG A 693 -11.21 50.67 3.20
N ILE A 694 -11.37 51.13 1.95
CA ILE A 694 -12.17 52.32 1.71
C ILE A 694 -13.53 52.16 2.38
N GLY A 695 -13.99 53.21 3.04
CA GLY A 695 -15.24 53.20 3.77
C GLY A 695 -15.09 53.06 5.26
N GLN A 696 -13.92 52.64 5.75
CA GLN A 696 -13.70 52.55 7.19
C GLN A 696 -13.66 53.95 7.79
N THR A 697 -14.02 54.04 9.07
CA THR A 697 -14.07 55.32 9.76
C THR A 697 -13.47 55.31 11.15
N LYS A 698 -12.83 54.24 11.60
CA LYS A 698 -12.27 54.17 12.93
C LYS A 698 -10.88 53.54 12.90
N PRO A 699 -10.06 53.78 13.92
CA PRO A 699 -8.75 53.12 13.99
C PRO A 699 -8.90 51.62 14.13
N VAL A 700 -7.88 50.90 13.65
CA VAL A 700 -7.91 49.44 13.59
C VAL A 700 -6.69 48.89 14.30
N HIS A 701 -6.90 47.84 15.09
CA HIS A 701 -5.84 47.11 15.76
C HIS A 701 -5.86 45.64 15.34
N VAL A 702 -4.67 45.06 15.21
CA VAL A 702 -4.52 43.65 14.86
C VAL A 702 -3.68 42.99 15.95
N TYR A 703 -4.21 41.92 16.53
CA TYR A 703 -3.53 41.18 17.57
C TYR A 703 -3.14 39.81 17.06
N ARG A 704 -1.85 39.48 17.14
CA ARG A 704 -1.34 38.18 16.75
C ARG A 704 -0.82 37.47 18.00
N LEU A 705 -1.30 36.26 18.24
CA LEU A 705 -0.94 35.52 19.44
C LEU A 705 0.16 34.52 19.13
N SER A 706 0.99 34.25 20.14
CA SER A 706 2.08 33.29 20.00
C SER A 706 2.39 32.72 21.37
N THR A 707 3.06 31.57 21.36
CA THR A 707 3.42 30.86 22.59
C THR A 707 4.87 31.13 22.92
N ALA A 708 5.11 31.65 24.13
CA ALA A 708 6.46 31.99 24.55
C ALA A 708 7.31 30.74 24.73
N GLN A 709 8.57 30.83 24.30
CA GLN A 709 9.54 29.75 24.49
C GLN A 709 8.99 28.42 24.00
N SER A 710 8.73 28.34 22.70
CA SER A 710 8.18 27.13 22.11
C SER A 710 8.54 27.10 20.64
N ILE A 711 8.14 26.02 19.97
CA ILE A 711 8.41 25.86 18.55
C ILE A 711 7.71 26.94 17.73
N GLU A 712 6.65 27.54 18.27
CA GLU A 712 5.94 28.59 17.53
C GLU A 712 6.88 29.70 17.10
N THR A 713 7.81 30.09 17.99
CA THR A 713 8.71 31.19 17.66
C THR A 713 9.56 30.85 16.43
N ARG A 714 10.05 29.62 16.35
CA ARG A 714 10.88 29.23 15.21
C ARG A 714 10.16 29.47 13.90
N VAL A 715 8.92 28.99 13.80
CA VAL A 715 8.16 29.17 12.55
C VAL A 715 7.94 30.65 12.28
N LEU A 716 7.53 31.39 13.30
CA LEU A 716 7.28 32.82 13.11
C LEU A 716 8.55 33.54 12.70
N LYS A 717 9.68 33.20 13.32
CA LYS A 717 10.95 33.82 12.95
C LYS A 717 11.30 33.51 11.50
N ARG A 718 11.12 32.26 11.08
CA ARG A 718 11.43 31.89 9.71
C ARG A 718 10.53 32.65 8.72
N ALA A 719 9.27 32.83 9.07
CA ALA A 719 8.31 33.42 8.14
C ALA A 719 8.76 34.82 7.69
N TYR A 720 9.08 35.69 8.65
CA TYR A 720 9.44 37.05 8.30
C TYR A 720 10.71 37.10 7.47
N SER A 721 11.52 36.04 7.51
CA SER A 721 12.76 36.03 6.73
C SER A 721 12.50 36.18 5.24
N LYS A 722 11.35 35.72 4.76
CA LYS A 722 11.06 35.80 3.32
C LYS A 722 10.67 37.20 2.88
N LEU A 723 10.36 38.09 3.81
CA LEU A 723 9.93 39.44 3.43
C LEU A 723 11.07 40.31 2.95
N LYS A 724 12.30 40.10 3.44
CA LYS A 724 13.39 40.99 3.10
C LYS A 724 13.60 41.07 1.59
N LEU A 725 13.42 39.94 0.90
CA LEU A 725 13.57 39.93 -0.55
C LEU A 725 12.55 40.86 -1.19
N GLU A 726 11.30 40.82 -0.70
CA GLU A 726 10.27 41.69 -1.25
C GLU A 726 10.63 43.16 -1.09
N HIS A 727 11.06 43.55 0.11
CA HIS A 727 11.44 44.94 0.34
C HIS A 727 12.63 45.33 -0.53
N VAL A 728 13.59 44.42 -0.71
CA VAL A 728 14.75 44.71 -1.55
C VAL A 728 14.32 44.94 -2.99
N VAL A 729 13.40 44.12 -3.50
CA VAL A 729 13.07 44.15 -4.92
C VAL A 729 12.03 45.22 -5.24
N ILE A 730 10.97 45.31 -4.44
CA ILE A 730 9.84 46.18 -4.75
C ILE A 730 9.88 47.39 -3.83
N GLY A 731 9.83 48.58 -4.43
CA GLY A 731 9.70 49.81 -3.69
C GLY A 731 8.25 50.16 -3.45
N GLN A 732 8.03 51.38 -2.95
CA GLN A 732 6.69 51.84 -2.64
C GLN A 732 5.98 52.47 -3.83
N GLY A 733 6.64 52.56 -4.99
CA GLY A 733 6.01 53.15 -6.16
C GLY A 733 6.59 52.65 -7.46
N GLN A 734 5.71 52.20 -8.36
CA GLN A 734 6.11 51.69 -9.67
C GLN A 734 7.33 50.77 -9.57
N ASP A 758 23.38 32.96 29.17
CA ASP A 758 23.49 33.55 27.84
C ASP A 758 22.12 33.97 27.31
N GLU A 759 21.18 34.22 28.23
CA GLU A 759 19.84 34.63 27.84
C GLU A 759 19.89 35.96 27.10
N THR A 760 19.18 36.03 25.98
CA THR A 760 19.15 37.24 25.17
C THR A 760 18.06 38.18 25.69
N ALA A 761 17.97 39.35 25.04
CA ALA A 761 16.92 40.31 25.41
C ALA A 761 15.54 39.72 25.19
N GLU A 762 15.36 38.99 24.10
CA GLU A 762 14.06 38.36 23.84
C GLU A 762 13.67 37.42 24.97
N ASP A 763 14.62 36.61 25.45
CA ASP A 763 14.33 35.72 26.57
C ASP A 763 13.88 36.49 27.79
N LYS A 764 14.28 37.76 27.91
CA LYS A 764 13.85 38.62 29.00
C LYS A 764 12.50 39.26 28.75
N LEU A 765 11.93 39.07 27.57
CA LEU A 765 10.69 39.74 27.20
C LEU A 765 9.63 38.72 26.74
N ILE A 766 10.07 37.69 26.02
CA ILE A 766 9.12 36.69 25.52
C ILE A 766 8.42 35.99 26.67
N GLN A 767 9.21 35.56 27.67
CA GLN A 767 8.63 34.80 28.77
C GLN A 767 7.62 35.61 29.57
N THR A 768 7.89 36.89 29.77
CA THR A 768 7.07 37.69 30.67
C THR A 768 5.63 37.76 30.15
N ASP A 769 4.70 37.27 30.96
CA ASP A 769 3.28 37.38 30.64
C ASP A 769 2.81 38.80 30.88
N ILE A 770 1.74 39.20 30.17
CA ILE A 770 1.24 40.56 30.29
C ILE A 770 0.35 40.68 31.51
N SER A 771 0.64 41.68 32.35
CA SER A 771 -0.17 41.93 33.53
C SER A 771 -1.45 42.66 33.15
N ASP A 772 -2.43 42.62 34.07
CA ASP A 772 -3.71 43.26 33.82
C ASP A 772 -3.56 44.77 33.66
N ALA A 773 -2.73 45.39 34.50
CA ALA A 773 -2.55 46.84 34.41
C ALA A 773 -2.00 47.26 33.05
N ASP A 774 -1.00 46.54 32.54
CA ASP A 774 -0.48 46.84 31.22
C ASP A 774 -1.52 46.58 30.14
N LEU A 775 -2.24 45.47 30.27
CA LEU A 775 -3.23 45.11 29.25
C LEU A 775 -4.30 46.17 29.12
N ASP A 776 -4.84 46.64 30.24
CA ASP A 776 -5.87 47.68 30.18
C ASP A 776 -5.33 48.99 29.63
N ARG A 777 -4.01 49.16 29.65
CA ARG A 777 -3.38 50.36 29.09
C ARG A 777 -3.05 50.21 27.62
N LEU A 778 -2.92 48.97 27.14
CA LEU A 778 -2.48 48.76 25.76
C LEU A 778 -3.59 49.00 24.75
N LEU A 779 -4.85 49.08 25.21
CA LEU A 779 -5.98 49.14 24.29
C LEU A 779 -6.26 50.54 23.77
N ASP A 780 -5.52 51.55 24.20
CA ASP A 780 -5.78 52.91 23.76
C ASP A 780 -5.43 53.05 22.27
N ARG A 781 -6.36 53.61 21.50
CA ARG A 781 -6.15 53.88 20.08
C ARG A 781 -6.14 55.35 19.75
N SER A 782 -5.99 56.23 20.75
CA SER A 782 -6.16 57.66 20.53
C SER A 782 -5.16 58.19 19.53
N ASP A 783 -3.89 57.77 19.62
CA ASP A 783 -2.86 58.31 18.77
C ASP A 783 -3.09 58.04 17.28
N LEU A 784 -3.88 57.01 16.95
CA LEU A 784 -4.07 56.66 15.54
C LEU A 784 -5.13 57.52 14.85
N THR A 785 -5.87 58.33 15.60
CA THR A 785 -6.89 59.16 15.00
C THR A 785 -6.27 60.19 14.06
N ILE A 786 -7.08 60.71 13.17
CA ILE A 786 -6.61 61.71 12.20
C ILE A 786 -6.59 63.07 12.87
N THR A 787 -5.46 63.75 12.77
CA THR A 787 -5.30 65.05 13.42
C THR A 787 -6.09 66.11 12.67
N ALA A 788 -6.66 67.05 13.42
CA ALA A 788 -7.34 68.19 12.81
C ALA A 788 -6.32 69.10 12.13
N PRO A 789 -6.73 69.82 11.09
CA PRO A 789 -5.77 70.68 10.39
C PRO A 789 -5.18 71.73 11.32
N GLY A 790 -3.87 71.96 11.18
CA GLY A 790 -3.17 72.94 11.97
C GLY A 790 -2.78 72.48 13.36
N GLU A 791 -3.17 71.28 13.78
CA GLU A 791 -2.88 70.80 15.12
C GLU A 791 -1.67 69.87 15.11
N THR A 792 -1.03 69.77 16.27
CA THR A 792 0.16 68.95 16.40
C THR A 792 -0.20 67.46 16.44
N GLN A 793 0.77 66.63 16.09
CA GLN A 793 0.57 65.19 16.10
C GLN A 793 0.45 64.68 17.54
N ALA A 794 -0.37 63.64 17.72
CA ALA A 794 -0.52 63.04 19.03
C ALA A 794 0.74 62.27 19.42
N ALA A 795 0.99 62.21 20.71
CA ALA A 795 2.18 61.52 21.22
C ALA A 795 1.98 60.00 21.20
N GLU A 796 3.09 59.28 21.24
CA GLU A 796 3.03 57.82 21.26
C GLU A 796 2.29 57.34 22.50
N ALA A 797 1.36 56.40 22.30
CA ALA A 797 0.54 55.92 23.41
C ALA A 797 1.36 55.05 24.36
N PHE A 798 2.13 54.13 23.83
CA PHE A 798 2.92 53.21 24.64
C PHE A 798 4.23 52.92 23.93
N PRO A 799 5.26 52.50 24.67
CA PRO A 799 6.57 52.27 24.05
C PRO A 799 6.50 51.17 23.00
N VAL A 800 7.57 51.08 22.21
CA VAL A 800 7.60 50.13 21.11
C VAL A 800 7.51 48.69 21.61
N LYS A 801 8.26 48.35 22.65
CA LYS A 801 8.27 46.99 23.17
C LYS A 801 8.33 47.03 24.69
N GLY A 802 7.84 45.95 25.30
CA GLY A 802 7.84 45.82 26.73
C GLY A 802 7.59 44.38 27.15
N PRO A 803 7.31 44.17 28.43
CA PRO A 803 7.15 42.79 28.92
C PRO A 803 5.94 42.10 28.31
N GLY A 804 6.18 41.07 27.49
CA GLY A 804 5.12 40.25 26.96
C GLY A 804 4.46 40.78 25.69
N TRP A 805 4.91 41.91 25.16
CA TRP A 805 4.29 42.50 23.99
C TRP A 805 5.34 43.21 23.15
N GLU A 806 5.05 43.33 21.86
CA GLU A 806 5.99 43.96 20.93
C GLU A 806 5.22 44.46 19.71
N VAL A 807 5.44 45.72 19.36
CA VAL A 807 4.87 46.27 18.13
C VAL A 807 5.75 45.89 16.96
N VAL A 808 5.16 45.84 15.77
CA VAL A 808 5.88 45.51 14.54
C VAL A 808 5.88 46.75 13.66
N LEU A 809 7.07 47.12 13.17
CA LEU A 809 7.23 48.25 12.28
C LEU A 809 7.60 47.77 10.90
N PRO A 810 6.84 48.11 9.85
CA PRO A 810 7.16 47.60 8.51
C PRO A 810 8.54 48.06 8.06
N SER A 811 9.23 47.19 7.33
CA SER A 811 10.52 47.52 6.77
C SER A 811 10.37 48.62 5.73
N SER A 812 11.28 49.59 5.75
CA SER A 812 11.23 50.72 4.84
C SER A 812 12.63 51.22 4.53
N LYS B 38 -48.33 0.10 -16.46
CA LYS B 38 -47.36 0.55 -15.41
C LYS B 38 -45.96 0.67 -15.98
N PRO B 39 -45.04 1.27 -15.23
CA PRO B 39 -43.67 1.39 -15.71
C PRO B 39 -43.04 0.04 -15.99
N HIS B 40 -42.20 -0.01 -17.02
CA HIS B 40 -41.51 -1.25 -17.36
C HIS B 40 -40.65 -1.71 -16.18
N ARG B 41 -40.73 -3.01 -15.89
CA ARG B 41 -40.04 -3.56 -14.72
C ARG B 41 -39.65 -5.00 -15.01
N TYR B 42 -38.35 -5.28 -14.94
CA TYR B 42 -37.85 -6.62 -15.23
C TYR B 42 -38.22 -7.59 -14.12
N ARG B 43 -38.25 -8.88 -14.47
CA ARG B 43 -38.50 -9.92 -13.50
C ARG B 43 -37.24 -10.18 -12.69
N PRO B 44 -37.38 -10.73 -11.48
CA PRO B 44 -36.20 -11.03 -10.67
C PRO B 44 -35.25 -11.98 -11.37
N GLY B 45 -33.95 -11.73 -11.22
CA GLY B 45 -32.93 -12.60 -11.74
C GLY B 45 -32.34 -12.17 -13.07
N THR B 46 -33.02 -11.30 -13.82
CA THR B 46 -32.51 -10.94 -15.14
C THR B 46 -31.29 -10.02 -15.04
N VAL B 47 -31.31 -9.07 -14.11
CA VAL B 47 -30.22 -8.10 -14.03
C VAL B 47 -28.92 -8.76 -13.57
N ALA B 48 -29.01 -9.80 -12.73
CA ALA B 48 -27.81 -10.44 -12.23
C ALA B 48 -26.99 -11.05 -13.37
N LEU B 49 -27.65 -11.73 -14.30
CA LEU B 49 -26.93 -12.31 -15.42
C LEU B 49 -26.29 -11.23 -16.27
N ARG B 50 -26.99 -10.12 -16.47
CA ARG B 50 -26.42 -9.02 -17.25
C ARG B 50 -25.19 -8.45 -16.58
N GLU B 51 -25.22 -8.31 -15.26
CA GLU B 51 -24.04 -7.81 -14.55
C GLU B 51 -22.89 -8.81 -14.64
N ILE B 52 -23.19 -10.10 -14.52
CA ILE B 52 -22.14 -11.11 -14.62
C ILE B 52 -21.48 -11.05 -15.98
N ARG B 53 -22.28 -10.95 -17.04
CA ARG B 53 -21.71 -10.93 -18.39
C ARG B 53 -20.88 -9.68 -18.65
N ARG B 54 -20.97 -8.66 -17.80
CA ARG B 54 -20.19 -7.44 -17.97
C ARG B 54 -18.92 -7.46 -17.13
N TYR B 55 -19.06 -7.78 -15.84
CA TYR B 55 -17.90 -7.70 -14.96
C TYR B 55 -16.83 -8.73 -15.30
N GLN B 56 -17.16 -9.78 -16.06
CA GLN B 56 -16.16 -10.74 -16.48
C GLN B 56 -15.37 -10.27 -17.69
N LYS B 57 -15.72 -9.13 -18.27
CA LYS B 57 -15.04 -8.66 -19.47
C LYS B 57 -13.97 -7.61 -19.16
N SER B 58 -14.06 -6.96 -18.01
CA SER B 58 -13.15 -5.87 -17.66
C SER B 58 -12.08 -6.35 -16.69
N THR B 59 -10.96 -5.62 -16.66
CA THR B 59 -9.81 -5.98 -15.85
C THR B 59 -9.51 -4.97 -14.75
N GLU B 60 -10.31 -3.91 -14.63
CA GLU B 60 -10.05 -2.87 -13.65
C GLU B 60 -10.25 -3.41 -12.23
N LEU B 61 -9.74 -2.66 -11.26
CA LEU B 61 -9.91 -3.01 -9.86
C LEU B 61 -11.30 -2.67 -9.37
N LEU B 62 -11.77 -3.41 -8.37
CA LEU B 62 -13.14 -3.29 -7.88
C LEU B 62 -13.25 -2.61 -6.53
N ILE B 63 -12.33 -2.85 -5.61
CA ILE B 63 -12.38 -2.23 -4.29
C ILE B 63 -11.81 -0.82 -4.38
N ARG B 64 -12.40 0.10 -3.63
CA ARG B 64 -11.92 1.47 -3.61
C ARG B 64 -10.53 1.53 -2.97
N LYS B 65 -9.74 2.53 -3.37
CA LYS B 65 -8.34 2.55 -2.99
C LYS B 65 -8.14 3.09 -1.57
N LEU B 66 -8.62 4.31 -1.30
CA LEU B 66 -8.28 4.96 -0.05
C LEU B 66 -8.68 4.15 1.18
N PRO B 67 -9.88 3.57 1.27
CA PRO B 67 -10.18 2.73 2.44
C PRO B 67 -9.23 1.56 2.58
N PHE B 68 -8.84 0.94 1.47
CA PHE B 68 -7.90 -0.17 1.53
C PHE B 68 -6.55 0.28 2.07
N GLN B 69 -6.09 1.45 1.61
CA GLN B 69 -4.82 1.98 2.12
C GLN B 69 -4.91 2.23 3.61
N ARG B 70 -6.02 2.81 4.07
CA ARG B 70 -6.16 3.05 5.50
C ARG B 70 -6.14 1.74 6.28
N LEU B 71 -6.83 0.71 5.79
CA LEU B 71 -6.84 -0.57 6.49
C LEU B 71 -5.44 -1.16 6.56
N VAL B 72 -4.71 -1.13 5.44
CA VAL B 72 -3.36 -1.70 5.42
C VAL B 72 -2.48 -0.96 6.42
N ARG B 73 -2.56 0.37 6.44
CA ARG B 73 -1.77 1.12 7.40
C ARG B 73 -2.14 0.74 8.83
N GLU B 74 -3.43 0.57 9.12
CA GLU B 74 -3.83 0.22 10.47
C GLU B 74 -3.27 -1.13 10.90
N ILE B 75 -3.38 -2.16 10.05
CA ILE B 75 -2.98 -3.49 10.47
C ILE B 75 -1.49 -3.54 10.78
N ALA B 76 -0.67 -2.96 9.91
CA ALA B 76 0.78 -3.07 10.08
C ALA B 76 1.26 -2.36 11.34
N GLN B 77 0.60 -1.27 11.70
CA GLN B 77 1.07 -0.46 12.82
C GLN B 77 1.13 -1.25 14.12
N ASP B 78 0.39 -2.36 14.23
CA ASP B 78 0.41 -3.14 15.46
C ASP B 78 1.78 -3.78 15.68
N PHE B 79 2.39 -4.32 14.63
CA PHE B 79 3.66 -5.02 14.78
C PHE B 79 4.84 -4.09 15.02
N LYS B 80 4.90 -2.96 14.32
CA LYS B 80 5.98 -1.99 14.52
C LYS B 80 5.44 -0.61 14.24
N THR B 81 5.96 0.38 14.97
CA THR B 81 5.45 1.74 14.87
C THR B 81 6.15 2.51 13.75
N ASP B 82 5.46 3.55 13.26
CA ASP B 82 6.04 4.56 12.38
C ASP B 82 6.72 3.95 11.16
N LEU B 83 6.05 3.04 10.45
CA LEU B 83 6.57 2.57 9.18
C LEU B 83 6.14 3.50 8.06
N ARG B 84 6.82 3.38 6.91
CA ARG B 84 6.49 4.14 5.71
C ARG B 84 6.33 3.19 4.54
N PHE B 85 5.30 3.42 3.73
CA PHE B 85 4.95 2.53 2.62
C PHE B 85 5.15 3.24 1.29
N GLN B 86 5.76 2.54 0.34
CA GLN B 86 5.73 3.00 -1.05
C GLN B 86 4.38 2.65 -1.67
N SER B 87 3.96 3.44 -2.65
CA SER B 87 2.65 3.21 -3.27
C SER B 87 2.58 1.85 -3.94
N SER B 88 3.64 1.49 -4.67
CA SER B 88 3.64 0.21 -5.37
C SER B 88 3.50 -0.98 -4.44
N ALA B 89 3.87 -0.85 -3.17
CA ALA B 89 3.62 -1.94 -2.22
C ALA B 89 2.15 -2.08 -1.93
N VAL B 90 1.45 -0.96 -1.72
CA VAL B 90 0.01 -1.02 -1.48
C VAL B 90 -0.69 -1.60 -2.70
N MET B 91 -0.29 -1.17 -3.90
CA MET B 91 -0.91 -1.72 -5.10
C MET B 91 -0.71 -3.23 -5.19
N ALA B 92 0.51 -3.70 -4.88
CA ALA B 92 0.78 -5.13 -4.93
C ALA B 92 -0.08 -5.88 -3.94
N LEU B 93 -0.19 -5.36 -2.70
CA LEU B 93 -1.02 -6.04 -1.71
C LEU B 93 -2.46 -6.12 -2.17
N GLN B 94 -3.00 -5.02 -2.70
CA GLN B 94 -4.36 -5.04 -3.20
C GLN B 94 -4.53 -6.13 -4.25
N GLU B 95 -3.80 -6.00 -5.37
CA GLU B 95 -3.97 -6.94 -6.46
C GLU B 95 -3.68 -8.37 -6.05
N ALA B 96 -2.92 -8.59 -4.99
CA ALA B 96 -2.73 -9.95 -4.49
C ALA B 96 -3.96 -10.47 -3.76
N SER B 97 -4.57 -9.64 -2.91
CA SER B 97 -5.73 -10.08 -2.14
C SER B 97 -7.00 -10.19 -2.96
N GLU B 98 -7.18 -9.31 -3.94
CA GLU B 98 -8.41 -9.34 -4.75
C GLU B 98 -8.54 -10.64 -5.51
N ALA B 99 -7.45 -11.10 -6.13
CA ALA B 99 -7.49 -12.34 -6.89
C ALA B 99 -7.64 -13.57 -6.00
N TYR B 100 -7.28 -13.47 -4.73
CA TYR B 100 -7.54 -14.55 -3.79
C TYR B 100 -9.02 -14.61 -3.40
N LEU B 101 -9.61 -13.45 -3.11
CA LEU B 101 -11.04 -13.43 -2.78
C LEU B 101 -11.87 -13.91 -3.96
N VAL B 102 -11.52 -13.50 -5.17
CA VAL B 102 -12.29 -13.91 -6.34
C VAL B 102 -12.26 -15.44 -6.48
N ALA B 103 -11.09 -16.04 -6.34
CA ALA B 103 -11.01 -17.50 -6.45
C ALA B 103 -11.78 -18.18 -5.33
N LEU B 104 -11.71 -17.65 -4.11
CA LEU B 104 -12.46 -18.25 -3.01
C LEU B 104 -13.94 -18.24 -3.31
N PHE B 105 -14.46 -17.12 -3.82
CA PHE B 105 -15.88 -17.08 -4.16
C PHE B 105 -16.22 -18.08 -5.24
N GLU B 106 -15.32 -18.27 -6.21
CA GLU B 106 -15.58 -19.24 -7.26
C GLU B 106 -15.68 -20.65 -6.72
N ASP B 107 -14.77 -21.03 -5.81
CA ASP B 107 -14.82 -22.38 -5.27
C ASP B 107 -16.05 -22.59 -4.39
N THR B 108 -16.56 -21.52 -3.78
CA THR B 108 -17.74 -21.65 -2.91
C THR B 108 -18.97 -22.01 -3.73
N ASN B 109 -19.13 -21.41 -4.91
CA ASN B 109 -20.37 -21.57 -5.65
C ASN B 109 -20.64 -23.04 -5.97
N LEU B 110 -19.61 -23.83 -6.23
CA LEU B 110 -19.82 -25.24 -6.56
C LEU B 110 -20.50 -25.97 -5.41
N CYS B 111 -20.10 -25.68 -4.17
CA CYS B 111 -20.70 -26.35 -3.02
C CYS B 111 -22.20 -26.08 -2.95
N ALA B 112 -22.62 -24.84 -3.22
CA ALA B 112 -24.03 -24.52 -3.14
C ALA B 112 -24.85 -25.34 -4.14
N ILE B 113 -24.36 -25.45 -5.38
CA ILE B 113 -25.07 -26.24 -6.37
C ILE B 113 -25.13 -27.71 -5.95
N HIS B 114 -24.15 -28.16 -5.16
CA HIS B 114 -24.11 -29.55 -4.75
C HIS B 114 -25.32 -29.90 -3.90
N ALA B 115 -25.71 -29.02 -2.99
CA ALA B 115 -26.81 -29.28 -2.08
C ALA B 115 -28.17 -28.90 -2.66
N LYS B 116 -28.28 -28.74 -3.98
CA LYS B 116 -29.53 -28.46 -4.67
C LYS B 116 -30.02 -27.03 -4.45
N ARG B 117 -29.17 -26.15 -3.94
CA ARG B 117 -29.53 -24.75 -3.77
C ARG B 117 -28.85 -23.89 -4.83
N VAL B 118 -29.21 -22.61 -4.83
CA VAL B 118 -28.54 -21.63 -5.69
C VAL B 118 -28.02 -20.42 -4.92
N THR B 119 -28.40 -20.24 -3.65
CA THR B 119 -27.88 -19.14 -2.86
C THR B 119 -26.63 -19.56 -2.10
N ILE B 120 -25.78 -18.58 -1.80
CA ILE B 120 -24.60 -18.82 -0.99
C ILE B 120 -24.93 -18.57 0.47
N MET B 121 -24.34 -19.37 1.36
CA MET B 121 -24.51 -19.20 2.79
C MET B 121 -23.19 -19.50 3.48
N PRO B 122 -23.00 -19.02 4.71
CA PRO B 122 -21.68 -19.13 5.35
C PRO B 122 -21.15 -20.55 5.44
N LYS B 123 -22.01 -21.53 5.71
CA LYS B 123 -21.54 -22.89 5.84
C LYS B 123 -20.78 -23.33 4.59
N ASP B 124 -21.17 -22.83 3.42
CA ASP B 124 -20.45 -23.16 2.20
C ASP B 124 -19.01 -22.68 2.26
N ILE B 125 -18.80 -21.43 2.68
CA ILE B 125 -17.44 -20.90 2.78
C ILE B 125 -16.65 -21.71 3.80
N GLN B 126 -17.27 -22.01 4.94
CA GLN B 126 -16.54 -22.77 5.96
C GLN B 126 -16.12 -24.13 5.43
N LEU B 127 -17.02 -24.82 4.73
CA LEU B 127 -16.69 -26.14 4.17
C LEU B 127 -15.58 -26.03 3.14
N ALA B 128 -15.66 -25.03 2.26
CA ALA B 128 -14.63 -24.88 1.24
C ALA B 128 -13.26 -24.66 1.88
N ARG B 129 -13.18 -23.76 2.85
CA ARG B 129 -11.90 -23.53 3.52
C ARG B 129 -11.42 -24.79 4.23
N ARG B 130 -12.33 -25.51 4.89
CA ARG B 130 -11.93 -26.71 5.61
C ARG B 130 -11.33 -27.74 4.66
N ILE B 131 -11.97 -27.96 3.51
CA ILE B 131 -11.45 -28.94 2.56
C ILE B 131 -10.13 -28.46 1.97
N ARG B 132 -10.00 -27.16 1.72
CA ARG B 132 -8.75 -26.65 1.15
C ARG B 132 -7.56 -26.90 2.06
N GLY B 133 -7.79 -27.16 3.35
CA GLY B 133 -6.70 -27.36 4.28
C GLY B 133 -6.13 -26.10 4.88
N GLU B 134 -6.82 -24.96 4.72
CA GLU B 134 -6.33 -23.70 5.28
C GLU B 134 -6.67 -23.55 6.76
N ARG B 135 -7.44 -24.48 7.34
CA ARG B 135 -7.78 -24.39 8.74
C ARG B 135 -8.40 -25.70 9.23
N THR C 14 54.75 -27.96 23.83
CA THR C 14 53.82 -27.50 24.85
C THR C 14 52.42 -27.33 24.25
N ARG C 15 51.49 -28.17 24.69
CA ARG C 15 50.11 -28.13 24.22
C ARG C 15 49.17 -28.26 25.41
N ALA C 16 48.19 -27.35 25.48
CA ALA C 16 47.17 -27.46 26.49
C ALA C 16 46.17 -28.55 26.13
N LYS C 17 45.55 -29.14 27.15
CA LYS C 17 44.59 -30.21 26.92
C LYS C 17 43.37 -29.66 26.18
N ALA C 18 42.97 -30.35 25.12
CA ALA C 18 41.89 -29.87 24.27
C ALA C 18 40.54 -30.02 24.96
N LYS C 19 39.65 -29.07 24.68
CA LYS C 19 38.27 -29.11 25.15
C LYS C 19 37.34 -28.89 23.97
N THR C 20 36.37 -29.77 23.82
CA THR C 20 35.43 -29.66 22.70
C THR C 20 34.59 -28.40 22.82
N ARG C 21 34.27 -27.80 21.67
CA ARG C 21 33.49 -26.57 21.68
C ARG C 21 32.12 -26.79 22.30
N SER C 22 31.52 -27.96 22.06
CA SER C 22 30.24 -28.26 22.67
C SER C 22 30.32 -28.17 24.19
N SER C 23 31.44 -28.61 24.76
CA SER C 23 31.60 -28.52 26.21
C SER C 23 31.62 -27.08 26.68
N ARG C 24 32.33 -26.21 25.97
CA ARG C 24 32.39 -24.81 26.38
C ARG C 24 31.05 -24.11 26.22
N ALA C 25 30.31 -24.43 25.17
CA ALA C 25 29.00 -23.81 24.96
C ALA C 25 27.94 -24.37 25.91
N GLY C 26 28.16 -25.54 26.49
CA GLY C 26 27.20 -26.14 27.38
C GLY C 26 26.11 -26.95 26.73
N LEU C 27 26.15 -27.11 25.41
CA LEU C 27 25.13 -27.85 24.71
C LEU C 27 25.41 -29.35 24.76
N GLN C 28 24.51 -30.13 24.16
CA GLN C 28 24.69 -31.57 24.04
C GLN C 28 24.96 -32.01 22.61
N PHE C 29 24.42 -31.31 21.62
CA PHE C 29 24.61 -31.69 20.24
C PHE C 29 26.04 -31.36 19.80
N PRO C 30 26.51 -31.97 18.71
CA PRO C 30 27.89 -31.73 18.27
C PRO C 30 28.03 -30.45 17.46
N VAL C 31 28.80 -29.49 17.98
CA VAL C 31 28.98 -28.24 17.26
C VAL C 31 29.84 -28.44 16.02
N GLY C 32 30.93 -29.19 16.15
CA GLY C 32 31.85 -29.34 15.05
C GLY C 32 31.19 -29.90 13.80
N ARG C 33 30.36 -30.93 13.96
CA ARG C 33 29.75 -31.57 12.81
C ARG C 33 28.86 -30.59 12.05
N VAL C 34 28.11 -29.74 12.77
CA VAL C 34 27.28 -28.76 12.11
C VAL C 34 28.14 -27.79 11.31
N HIS C 35 29.25 -27.36 11.89
CA HIS C 35 30.14 -26.44 11.17
C HIS C 35 30.66 -27.09 9.89
N ARG C 36 31.06 -28.36 9.98
CA ARG C 36 31.54 -29.04 8.79
C ARG C 36 30.45 -29.13 7.73
N LEU C 37 29.22 -29.46 8.15
CA LEU C 37 28.13 -29.59 7.19
C LEU C 37 27.84 -28.27 6.49
N LEU C 38 27.86 -27.16 7.24
CA LEU C 38 27.53 -25.88 6.62
C LEU C 38 28.50 -25.53 5.50
N ARG C 39 29.81 -25.71 5.73
CA ARG C 39 30.78 -25.33 4.72
C ARG C 39 30.71 -26.23 3.50
N LYS C 40 30.59 -27.54 3.71
CA LYS C 40 30.57 -28.47 2.58
C LYS C 40 29.26 -28.40 1.81
N GLY C 41 28.24 -27.77 2.38
CA GLY C 41 26.94 -27.68 1.73
C GLY C 41 26.79 -26.56 0.72
N ASN C 42 27.85 -25.81 0.45
CA ASN C 42 27.86 -24.75 -0.55
C ASN C 42 26.68 -23.79 -0.39
N TYR C 43 26.27 -23.50 0.86
CA TYR C 43 25.23 -22.50 1.07
C TYR C 43 25.76 -21.10 0.84
N ALA C 44 27.02 -20.85 1.19
CA ALA C 44 27.66 -19.56 0.96
C ALA C 44 29.16 -19.77 1.04
N GLU C 45 29.90 -18.76 0.59
CA GLU C 45 31.35 -18.87 0.52
C GLU C 45 32.04 -18.58 1.86
N ARG C 46 31.31 -18.12 2.87
CA ARG C 46 31.87 -17.89 4.19
C ARG C 46 30.84 -18.29 5.25
N VAL C 47 31.34 -18.72 6.40
CA VAL C 47 30.49 -19.08 7.53
C VAL C 47 31.05 -18.40 8.78
N GLY C 48 30.19 -17.69 9.49
CA GLY C 48 30.64 -17.00 10.69
C GLY C 48 30.93 -17.97 11.81
N ALA C 49 31.65 -17.48 12.82
CA ALA C 49 32.02 -18.32 13.96
C ALA C 49 30.85 -18.55 14.91
N GLY C 50 29.75 -17.80 14.77
CA GLY C 50 28.67 -17.89 15.74
C GLY C 50 27.51 -18.79 15.34
N ALA C 51 27.30 -19.00 14.05
CA ALA C 51 26.10 -19.70 13.61
C ALA C 51 25.98 -21.12 14.18
N PRO C 52 27.02 -21.96 14.13
CA PRO C 52 26.84 -23.36 14.55
C PRO C 52 26.27 -23.49 15.96
N VAL C 53 26.72 -22.66 16.90
CA VAL C 53 26.22 -22.76 18.27
C VAL C 53 24.73 -22.50 18.31
N TYR C 54 24.29 -21.43 17.64
CA TYR C 54 22.87 -21.10 17.60
C TYR C 54 22.07 -22.26 17.03
N LEU C 55 22.52 -22.79 15.89
CA LEU C 55 21.76 -23.85 15.23
C LEU C 55 21.66 -25.09 16.11
N ALA C 56 22.78 -25.47 16.74
CA ALA C 56 22.77 -26.64 17.61
C ALA C 56 21.82 -26.44 18.77
N ALA C 57 21.83 -25.26 19.38
CA ALA C 57 20.93 -25.00 20.49
C ALA C 57 19.47 -25.14 20.07
N VAL C 58 19.12 -24.58 18.91
CA VAL C 58 17.75 -24.65 18.44
C VAL C 58 17.32 -26.10 18.23
N LEU C 59 18.19 -26.88 17.56
CA LEU C 59 17.84 -28.28 17.30
C LEU C 59 17.65 -29.05 18.60
N GLU C 60 18.54 -28.82 19.57
CA GLU C 60 18.40 -29.50 20.86
C GLU C 60 17.09 -29.16 21.52
N TYR C 61 16.71 -27.88 21.51
CA TYR C 61 15.47 -27.49 22.14
C TYR C 61 14.28 -28.19 21.50
N LEU C 62 14.24 -28.21 20.17
CA LEU C 62 13.10 -28.85 19.51
C LEU C 62 13.04 -30.34 19.83
N THR C 63 14.18 -31.02 19.81
CA THR C 63 14.18 -32.45 20.12
C THR C 63 13.67 -32.70 21.54
N ALA C 64 14.14 -31.90 22.50
CA ALA C 64 13.66 -32.07 23.87
C ALA C 64 12.16 -31.85 23.95
N GLU C 65 11.67 -30.82 23.24
CA GLU C 65 10.24 -30.54 23.28
C GLU C 65 9.43 -31.73 22.79
N ILE C 66 9.84 -32.34 21.68
CA ILE C 66 9.08 -33.48 21.15
C ILE C 66 9.16 -34.66 22.13
N LEU C 67 10.35 -34.95 22.64
CA LEU C 67 10.52 -36.14 23.46
C LEU C 67 9.75 -36.03 24.78
N GLU C 68 9.65 -34.83 25.35
CA GLU C 68 8.93 -34.70 26.60
C GLU C 68 7.48 -35.11 26.45
N LEU C 69 6.82 -34.67 25.37
CA LEU C 69 5.44 -35.06 25.14
C LEU C 69 5.32 -36.53 24.79
N ALA C 70 6.25 -37.04 23.98
CA ALA C 70 6.18 -38.46 23.62
C ALA C 70 6.26 -39.33 24.87
N GLY C 71 7.17 -39.02 25.78
CA GLY C 71 7.29 -39.81 26.99
C GLY C 71 6.01 -39.79 27.82
N ASN C 72 5.41 -38.60 27.99
CA ASN C 72 4.15 -38.53 28.71
C ASN C 72 3.10 -39.41 28.06
N ALA C 73 3.02 -39.37 26.72
CA ALA C 73 2.04 -40.19 26.04
C ALA C 73 2.27 -41.67 26.29
N ALA C 74 3.54 -42.10 26.26
CA ALA C 74 3.83 -43.52 26.42
C ALA C 74 3.43 -44.03 27.80
N ARG C 75 3.76 -43.27 28.85
CA ARG C 75 3.53 -43.74 30.20
C ARG C 75 2.04 -43.96 30.48
N ASP C 76 1.17 -43.29 29.71
CA ASP C 76 -0.25 -43.40 29.95
C ASP C 76 -0.74 -44.84 29.74
N ASN C 77 -0.25 -45.50 28.70
CA ASN C 77 -0.67 -46.87 28.40
C ASN C 77 0.13 -47.91 29.18
N LYS C 78 0.88 -47.49 30.19
CA LYS C 78 1.64 -48.39 31.06
C LYS C 78 2.75 -49.12 30.32
N LYS C 79 3.16 -48.61 29.16
CA LYS C 79 4.33 -49.12 28.49
C LYS C 79 5.59 -48.51 29.11
N THR C 80 6.75 -48.86 28.54
CA THR C 80 8.02 -48.32 29.01
C THR C 80 8.93 -47.80 27.92
N ARG C 81 8.82 -48.28 26.68
CA ARG C 81 9.65 -47.81 25.58
C ARG C 81 8.78 -47.20 24.49
N ILE C 82 9.28 -46.11 23.90
CA ILE C 82 8.50 -45.35 22.93
C ILE C 82 8.42 -46.10 21.61
N ILE C 83 7.30 -45.93 20.90
CA ILE C 83 7.10 -46.52 19.59
C ILE C 83 6.34 -45.51 18.72
N PRO C 84 6.35 -45.69 17.41
CA PRO C 84 5.85 -44.63 16.52
C PRO C 84 4.45 -44.14 16.84
N ARG C 85 3.55 -45.03 17.27
CA ARG C 85 2.20 -44.60 17.63
C ARG C 85 2.24 -43.46 18.63
N HIS C 86 3.14 -43.56 19.61
CA HIS C 86 3.23 -42.51 20.63
C HIS C 86 3.66 -41.18 20.03
N LEU C 87 4.64 -41.20 19.12
CA LEU C 87 5.04 -39.98 18.46
C LEU C 87 3.90 -39.39 17.65
N GLN C 88 3.14 -40.23 16.95
CA GLN C 88 2.00 -39.73 16.19
C GLN C 88 1.00 -39.04 17.10
N LEU C 89 0.65 -39.67 18.23
CA LEU C 89 -0.29 -39.05 19.14
C LEU C 89 0.24 -37.73 19.66
N ALA C 90 1.50 -37.69 20.10
CA ALA C 90 2.05 -36.47 20.67
C ALA C 90 2.05 -35.35 19.64
N VAL C 91 2.45 -35.66 18.41
CA VAL C 91 2.53 -34.62 17.39
C VAL C 91 1.14 -34.10 17.04
N ARG C 92 0.19 -35.01 16.78
CA ARG C 92 -1.10 -34.56 16.27
C ARG C 92 -1.99 -33.95 17.34
N ASN C 93 -1.81 -34.29 18.61
CA ASN C 93 -2.64 -33.69 19.65
C ASN C 93 -2.24 -32.25 19.93
N ASP C 94 -0.95 -31.93 19.90
CA ASP C 94 -0.50 -30.59 20.21
C ASP C 94 -0.85 -29.63 19.08
N GLU C 95 -0.86 -28.34 19.40
CA GLU C 95 -1.33 -27.33 18.44
C GLU C 95 -0.22 -26.91 17.48
N GLU C 96 0.84 -26.29 18.00
CA GLU C 96 1.85 -25.71 17.12
C GLU C 96 2.57 -26.78 16.31
N LEU C 97 2.94 -27.89 16.94
CA LEU C 97 3.69 -28.91 16.24
C LEU C 97 2.91 -29.43 15.04
N ASN C 98 1.60 -29.66 15.20
CA ASN C 98 0.80 -30.11 14.07
C ASN C 98 0.88 -29.13 12.91
N LYS C 99 0.81 -27.84 13.18
CA LYS C 99 0.93 -26.86 12.12
C LYS C 99 2.32 -26.92 11.47
N LEU C 100 3.36 -27.08 12.28
CA LEU C 100 4.71 -27.17 11.72
C LEU C 100 4.85 -28.38 10.80
N LEU C 101 4.35 -29.53 11.23
CA LEU C 101 4.39 -30.75 10.43
C LEU C 101 3.11 -30.95 9.65
N GLY C 102 2.75 -29.98 8.80
CA GLY C 102 1.50 -30.04 8.09
C GLY C 102 1.48 -30.99 6.91
N ARG C 103 2.64 -31.38 6.40
CA ARG C 103 2.73 -32.23 5.23
C ARG C 103 3.67 -33.40 5.42
N VAL C 104 3.69 -33.99 6.61
CA VAL C 104 4.60 -35.08 6.95
C VAL C 104 3.79 -36.32 7.27
N THR C 105 4.20 -37.46 6.73
CA THR C 105 3.57 -38.75 7.02
C THR C 105 4.54 -39.61 7.82
N ILE C 106 4.08 -40.10 8.96
CA ILE C 106 4.89 -40.92 9.85
C ILE C 106 4.52 -42.37 9.63
N ALA C 107 5.52 -43.20 9.32
CA ALA C 107 5.26 -44.61 9.02
C ALA C 107 4.61 -45.29 10.21
N GLN C 108 3.55 -46.06 9.94
CA GLN C 108 2.84 -46.82 10.98
C GLN C 108 2.32 -45.92 12.08
N GLY C 109 1.84 -44.73 11.73
CA GLY C 109 1.35 -43.80 12.73
C GLY C 109 -0.11 -44.01 13.10
N GLY C 110 -0.93 -44.48 12.16
CA GLY C 110 -2.34 -44.54 12.46
C GLY C 110 -2.95 -43.14 12.44
N VAL C 111 -4.18 -43.06 12.93
CA VAL C 111 -4.94 -41.82 12.96
C VAL C 111 -5.61 -41.68 14.33
N LEU C 112 -6.00 -40.45 14.64
CA LEU C 112 -6.65 -40.17 15.91
C LEU C 112 -8.09 -40.65 15.91
N PRO C 113 -8.62 -41.09 17.07
CA PRO C 113 -10.03 -41.49 17.12
C PRO C 113 -10.94 -40.30 16.88
N ASN C 114 -11.93 -40.48 16.00
CA ASN C 114 -12.86 -39.40 15.69
C ASN C 114 -14.06 -39.92 14.92
N ILE C 115 -15.27 -39.60 15.38
CA ILE C 115 -16.51 -40.02 14.74
C ILE C 115 -17.44 -38.82 14.68
N GLN C 116 -18.01 -38.57 13.50
CA GLN C 116 -18.95 -37.46 13.35
C GLN C 116 -20.17 -37.68 14.23
N SER C 117 -20.70 -36.59 14.80
CA SER C 117 -21.79 -36.72 15.76
C SER C 117 -23.07 -37.23 15.12
N VAL C 118 -23.32 -36.92 13.85
CA VAL C 118 -24.58 -37.30 13.23
C VAL C 118 -24.70 -38.82 13.13
N LEU C 119 -23.59 -39.53 13.01
CA LEU C 119 -23.63 -40.97 12.81
C LEU C 119 -23.99 -41.74 14.09
N LEU C 120 -23.81 -41.14 15.25
CA LEU C 120 -24.07 -41.85 16.49
C LEU C 120 -25.55 -42.25 16.59
N PRO C 121 -25.85 -43.32 17.31
CA PRO C 121 -27.25 -43.75 17.41
C PRO C 121 -28.10 -42.72 18.14
N LYS C 122 -29.37 -42.65 17.74
CA LYS C 122 -30.29 -41.71 18.36
C LYS C 122 -30.40 -41.98 19.85
N LYS C 123 -30.29 -40.91 20.64
CA LYS C 123 -30.38 -41.06 22.09
C LYS C 123 -31.75 -41.58 22.51
N THR C 124 -32.81 -41.06 21.90
CA THR C 124 -34.17 -41.50 22.22
C THR C 124 -34.45 -41.37 23.71
N ARG D 28 33.72 -54.11 3.15
CA ARG D 28 32.76 -54.22 4.22
C ARG D 28 33.02 -53.17 5.30
N LYS D 29 32.07 -53.03 6.23
CA LYS D 29 32.18 -52.11 7.36
C LYS D 29 32.70 -50.74 6.93
N THR D 30 31.91 -50.06 6.11
CA THR D 30 32.17 -48.67 5.81
C THR D 30 31.21 -47.78 6.60
N ARG D 31 31.79 -46.86 7.37
CA ARG D 31 31.03 -46.18 8.40
C ARG D 31 29.95 -45.27 7.81
N LYS D 32 28.84 -45.17 8.52
CA LYS D 32 27.76 -44.24 8.20
C LYS D 32 27.44 -43.44 9.45
N GLU D 33 27.21 -42.14 9.28
CA GLU D 33 27.09 -41.21 10.39
C GLU D 33 25.61 -40.90 10.67
N SER D 34 25.29 -40.64 11.92
CA SER D 34 23.92 -40.37 12.32
C SER D 34 23.94 -39.67 13.68
N TYR D 35 22.75 -39.21 14.10
CA TYR D 35 22.57 -38.49 15.35
C TYR D 35 22.08 -39.39 16.48
N ALA D 36 22.46 -40.66 16.50
CA ALA D 36 21.85 -41.60 17.43
C ALA D 36 22.16 -41.25 18.88
N ILE D 37 23.43 -40.98 19.19
CA ILE D 37 23.84 -40.89 20.58
C ILE D 37 23.18 -39.69 21.27
N TYR D 38 23.12 -38.56 20.58
CA TYR D 38 22.67 -37.33 21.23
C TYR D 38 21.19 -37.40 21.60
N VAL D 39 20.38 -38.01 20.76
CA VAL D 39 18.96 -38.17 21.09
C VAL D 39 18.82 -38.98 22.36
N TYR D 40 19.59 -40.05 22.49
CA TYR D 40 19.53 -40.86 23.70
C TYR D 40 19.99 -40.07 24.91
N LYS D 41 21.03 -39.26 24.76
CA LYS D 41 21.48 -38.44 25.89
C LYS D 41 20.37 -37.49 26.34
N VAL D 42 19.72 -36.83 25.40
CA VAL D 42 18.64 -35.90 25.76
C VAL D 42 17.51 -36.66 26.45
N LEU D 43 17.14 -37.81 25.90
CA LEU D 43 16.07 -38.59 26.51
C LEU D 43 16.39 -38.93 27.96
N LYS D 44 17.59 -39.49 28.20
CA LYS D 44 17.96 -39.81 29.57
C LYS D 44 18.04 -38.56 30.44
N GLN D 45 18.27 -37.39 29.83
CA GLN D 45 18.26 -36.16 30.61
C GLN D 45 16.85 -35.73 30.99
N VAL D 46 15.85 -36.09 30.19
CA VAL D 46 14.46 -35.69 30.45
C VAL D 46 13.72 -36.74 31.28
N HIS D 47 13.62 -37.96 30.77
CA HIS D 47 12.91 -39.03 31.47
C HIS D 47 13.92 -40.11 31.84
N PRO D 48 14.29 -40.20 33.13
CA PRO D 48 15.42 -41.08 33.49
C PRO D 48 15.26 -42.53 33.06
N ASP D 49 14.07 -43.11 33.15
CA ASP D 49 13.91 -44.56 33.03
C ASP D 49 13.27 -45.01 31.73
N THR D 50 13.04 -44.12 30.78
CA THR D 50 12.38 -44.51 29.54
C THR D 50 13.39 -44.93 28.47
N GLY D 51 12.94 -45.76 27.54
CA GLY D 51 13.74 -46.17 26.40
C GLY D 51 12.97 -45.97 25.11
N ILE D 52 13.67 -46.23 24.00
CA ILE D 52 13.10 -46.03 22.66
C ILE D 52 13.49 -47.19 21.77
N SER D 53 12.54 -47.62 20.93
CA SER D 53 12.82 -48.65 19.94
C SER D 53 13.52 -48.05 18.73
N SER D 54 14.04 -48.93 17.87
CA SER D 54 14.82 -48.48 16.72
C SER D 54 13.99 -47.63 15.76
N LYS D 55 12.74 -48.03 15.52
CA LYS D 55 11.92 -47.31 14.56
C LYS D 55 11.78 -45.85 14.94
N ALA D 56 11.50 -45.57 16.22
CA ALA D 56 11.42 -44.17 16.64
C ALA D 56 12.75 -43.46 16.47
N MET D 57 13.85 -44.18 16.69
CA MET D 57 15.16 -43.56 16.50
C MET D 57 15.34 -43.11 15.07
N SER D 58 14.91 -43.93 14.10
CA SER D 58 15.02 -43.55 12.70
C SER D 58 14.19 -42.31 12.40
N ILE D 59 12.98 -42.24 12.95
CA ILE D 59 12.13 -41.09 12.70
C ILE D 59 12.77 -39.82 13.24
N MET D 60 13.30 -39.88 14.46
CA MET D 60 13.97 -38.71 15.02
C MET D 60 15.17 -38.31 14.17
N ASN D 61 15.95 -39.31 13.74
CA ASN D 61 17.13 -39.02 12.92
C ASN D 61 16.75 -38.31 11.63
N SER D 62 15.61 -38.68 11.03
CA SER D 62 15.19 -37.98 9.82
C SER D 62 14.65 -36.60 10.13
N PHE D 63 13.91 -36.45 11.22
CA PHE D 63 13.30 -35.17 11.57
C PHE D 63 14.37 -34.11 11.79
N VAL D 64 15.45 -34.47 12.50
CA VAL D 64 16.49 -33.49 12.77
C VAL D 64 17.09 -32.98 11.46
N ASN D 65 17.40 -33.89 10.54
CA ASN D 65 17.96 -33.48 9.26
C ASN D 65 17.01 -32.57 8.51
N ASP D 66 15.72 -32.90 8.52
CA ASP D 66 14.76 -32.08 7.79
C ASP D 66 14.74 -30.64 8.32
N VAL D 67 14.67 -30.49 9.64
CA VAL D 67 14.62 -29.14 10.21
C VAL D 67 15.91 -28.39 9.89
N PHE D 68 17.05 -29.05 10.04
CA PHE D 68 18.33 -28.40 9.74
C PHE D 68 18.36 -27.90 8.31
N GLU D 69 17.94 -28.74 7.37
CA GLU D 69 17.96 -28.36 5.97
C GLU D 69 17.06 -27.15 5.73
N ARG D 70 15.85 -27.17 6.31
CA ARG D 70 14.95 -26.02 6.12
C ARG D 70 15.63 -24.73 6.56
N ILE D 71 16.17 -24.72 7.78
CA ILE D 71 16.73 -23.49 8.32
C ILE D 71 17.89 -23.01 7.46
N ALA D 72 18.81 -23.92 7.12
CA ALA D 72 19.97 -23.50 6.33
C ALA D 72 19.55 -22.97 4.96
N GLY D 73 18.61 -23.65 4.30
CA GLY D 73 18.17 -23.19 3.01
C GLY D 73 17.57 -21.81 3.06
N GLU D 74 16.75 -21.55 4.07
CA GLU D 74 16.18 -20.21 4.20
C GLU D 74 17.29 -19.17 4.43
N ALA D 75 18.23 -19.48 5.33
CA ALA D 75 19.26 -18.50 5.66
C ALA D 75 20.10 -18.15 4.43
N SER D 76 20.36 -19.12 3.57
CA SER D 76 21.19 -18.85 2.40
C SER D 76 20.61 -17.72 1.56
N ARG D 77 19.35 -17.86 1.14
CA ARG D 77 18.75 -16.81 0.31
C ARG D 77 18.56 -15.52 1.09
N LEU D 78 18.22 -15.62 2.38
CA LEU D 78 18.06 -14.40 3.15
C LEU D 78 19.34 -13.59 3.15
N ALA D 79 20.49 -14.25 3.28
CA ALA D 79 21.77 -13.55 3.17
C ALA D 79 22.01 -13.05 1.75
N HIS D 80 21.62 -13.84 0.75
CA HIS D 80 21.91 -13.46 -0.63
C HIS D 80 21.21 -12.16 -1.02
N TYR D 81 19.96 -11.98 -0.56
CA TYR D 81 19.18 -10.82 -1.03
C TYR D 81 19.90 -9.50 -0.77
N ASN D 82 20.72 -9.42 0.27
CA ASN D 82 21.31 -8.16 0.70
C ASN D 82 22.76 -7.98 0.25
N LYS D 83 23.21 -8.78 -0.71
CA LYS D 83 24.56 -8.65 -1.25
C LYS D 83 25.64 -9.04 -0.24
N ARG D 84 25.25 -9.61 0.89
CA ARG D 84 26.23 -10.08 1.86
C ARG D 84 26.95 -11.31 1.32
N SER D 85 28.07 -11.65 1.95
CA SER D 85 28.80 -12.86 1.60
C SER D 85 28.76 -13.91 2.70
N THR D 86 28.87 -13.48 3.96
CA THR D 86 28.96 -14.41 5.08
C THR D 86 27.58 -14.82 5.57
N ILE D 87 27.57 -15.85 6.42
CA ILE D 87 26.38 -16.24 7.18
C ILE D 87 26.71 -16.07 8.66
N THR D 88 26.00 -15.17 9.33
CA THR D 88 26.28 -14.85 10.73
C THR D 88 25.08 -15.22 11.58
N SER D 89 25.25 -15.12 12.89
CA SER D 89 24.19 -15.51 13.81
C SER D 89 22.92 -14.72 13.55
N ARG D 90 23.05 -13.48 13.06
CA ARG D 90 21.86 -12.67 12.83
C ARG D 90 20.96 -13.29 11.77
N GLU D 91 21.55 -13.83 10.71
CA GLU D 91 20.75 -14.51 9.69
C GLU D 91 20.01 -15.69 10.28
N ILE D 92 20.67 -16.48 11.12
CA ILE D 92 20.01 -17.62 11.73
C ILE D 92 18.86 -17.16 12.61
N GLN D 93 19.08 -16.11 13.41
CA GLN D 93 18.03 -15.62 14.28
C GLN D 93 16.83 -15.13 13.47
N THR D 94 17.07 -14.41 12.38
CA THR D 94 15.97 -13.97 11.55
C THR D 94 15.24 -15.16 10.92
N ALA D 95 15.99 -16.17 10.47
CA ALA D 95 15.38 -17.30 9.79
C ALA D 95 14.42 -18.04 10.70
N VAL D 96 14.77 -18.20 11.97
CA VAL D 96 13.92 -18.93 12.90
C VAL D 96 12.56 -18.27 13.01
N ARG D 97 12.54 -16.94 13.13
CA ARG D 97 11.28 -16.23 13.33
C ARG D 97 10.33 -16.39 12.15
N LEU D 98 10.84 -16.79 10.97
CA LEU D 98 9.95 -16.98 9.83
C LEU D 98 9.35 -18.37 9.81
N LEU D 99 10.12 -19.39 10.22
CA LEU D 99 9.65 -20.76 10.09
C LEU D 99 8.74 -21.16 11.25
N LEU D 100 9.27 -21.12 12.46
CA LEU D 100 8.52 -21.64 13.59
C LEU D 100 7.28 -20.77 13.84
N PRO D 101 6.13 -21.38 14.13
CA PRO D 101 4.91 -20.60 14.29
C PRO D 101 4.71 -20.13 15.73
N GLY D 102 4.47 -18.83 15.89
CA GLY D 102 4.02 -18.28 17.16
C GLY D 102 4.90 -18.59 18.36
N GLU D 103 4.37 -19.40 19.28
CA GLU D 103 5.00 -19.54 20.59
C GLU D 103 6.40 -20.13 20.50
N LEU D 104 6.59 -21.13 19.64
CA LEU D 104 7.90 -21.80 19.58
C LEU D 104 9.01 -20.82 19.22
N ALA D 105 8.68 -19.72 18.55
CA ALA D 105 9.72 -18.78 18.13
C ALA D 105 10.42 -18.17 19.33
N LYS D 106 9.67 -17.79 20.36
CA LYS D 106 10.25 -17.04 21.47
C LYS D 106 11.32 -17.87 22.19
N HIS D 107 10.97 -19.08 22.60
CA HIS D 107 11.89 -19.87 23.41
C HIS D 107 13.14 -20.25 22.64
N ALA D 108 13.00 -20.55 21.34
CA ALA D 108 14.17 -20.88 20.54
C ALA D 108 15.15 -19.72 20.49
N VAL D 109 14.64 -18.51 20.27
CA VAL D 109 15.49 -17.33 20.24
C VAL D 109 16.16 -17.14 21.59
N SER D 110 15.40 -17.30 22.68
CA SER D 110 15.98 -17.14 24.01
C SER D 110 17.13 -18.13 24.21
N GLU D 111 16.92 -19.39 23.86
CA GLU D 111 17.97 -20.40 24.04
C GLU D 111 19.20 -20.07 23.20
N GLY D 112 18.99 -19.68 21.95
CA GLY D 112 20.12 -19.36 21.10
C GLY D 112 20.94 -18.21 21.66
N THR D 113 20.25 -17.14 22.07
CA THR D 113 20.96 -16.00 22.62
C THR D 113 21.73 -16.39 23.88
N LYS D 114 21.10 -17.18 24.75
CA LYS D 114 21.79 -17.59 25.97
C LYS D 114 23.04 -18.39 25.66
N ALA D 115 22.93 -19.36 24.74
CA ALA D 115 24.08 -20.18 24.40
C ALA D 115 25.21 -19.34 23.82
N VAL D 116 24.88 -18.46 22.87
CA VAL D 116 25.92 -17.66 22.24
C VAL D 116 26.58 -16.76 23.27
N THR D 117 25.79 -16.14 24.15
CA THR D 117 26.37 -15.27 25.17
C THR D 117 27.32 -16.05 26.08
N LYS D 118 26.92 -17.25 26.48
CA LYS D 118 27.78 -18.04 27.35
C LYS D 118 29.07 -18.45 26.64
N TYR D 119 28.97 -18.71 25.33
CA TYR D 119 30.15 -19.20 24.61
C TYR D 119 31.27 -18.18 24.58
N THR D 120 30.94 -16.91 24.35
CA THR D 120 31.98 -15.92 24.12
C THR D 120 32.87 -15.74 25.35
N SER D 121 32.27 -15.72 26.53
CA SER D 121 33.02 -15.42 27.76
C SER D 121 33.80 -16.61 28.29
N ALA D 122 33.68 -17.77 27.67
CA ALA D 122 34.43 -18.95 28.12
C ALA D 122 35.89 -18.84 27.73
N LYS E 37 -37.14 -69.68 19.39
CA LYS E 37 -36.25 -68.53 19.49
C LYS E 37 -35.60 -68.22 18.15
N LYS E 38 -35.69 -66.97 17.72
CA LYS E 38 -35.07 -66.57 16.47
C LYS E 38 -33.56 -66.48 16.65
N PRO E 39 -32.79 -66.67 15.57
CA PRO E 39 -31.34 -66.49 15.67
C PRO E 39 -31.00 -65.02 15.94
N HIS E 40 -30.34 -64.78 17.07
CA HIS E 40 -30.04 -63.42 17.48
C HIS E 40 -29.27 -62.68 16.39
N ARG E 41 -29.78 -61.53 15.97
CA ARG E 41 -29.16 -60.75 14.91
C ARG E 41 -29.30 -59.28 15.21
N TYR E 42 -28.19 -58.55 15.08
CA TYR E 42 -28.19 -57.13 15.35
C TYR E 42 -28.93 -56.35 14.26
N ARG E 43 -29.41 -55.17 14.63
CA ARG E 43 -30.06 -54.31 13.66
C ARG E 43 -29.02 -53.72 12.70
N PRO E 44 -29.41 -53.35 11.49
CA PRO E 44 -28.45 -52.77 10.54
C PRO E 44 -27.80 -51.52 11.12
N GLY E 45 -26.50 -51.37 10.84
CA GLY E 45 -25.74 -50.22 11.26
C GLY E 45 -24.94 -50.39 12.52
N THR E 46 -25.23 -51.40 13.33
CA THR E 46 -24.51 -51.56 14.60
C THR E 46 -23.08 -52.03 14.38
N VAL E 47 -22.89 -53.03 13.52
CA VAL E 47 -21.56 -53.60 13.35
C VAL E 47 -20.61 -52.60 12.72
N ALA E 48 -21.12 -51.66 11.93
CA ALA E 48 -20.25 -50.65 11.32
C ALA E 48 -19.55 -49.83 12.39
N LEU E 49 -20.27 -49.45 13.44
CA LEU E 49 -19.65 -48.67 14.50
C LEU E 49 -18.57 -49.47 15.22
N ARG E 50 -18.81 -50.76 15.47
CA ARG E 50 -17.76 -51.58 16.09
C ARG E 50 -16.53 -51.63 15.20
N GLU E 51 -16.72 -51.82 13.89
CA GLU E 51 -15.57 -51.85 12.99
C GLU E 51 -14.83 -50.52 13.01
N ILE E 52 -15.56 -49.41 13.02
CA ILE E 52 -14.91 -48.11 13.05
C ILE E 52 -14.09 -47.96 14.33
N ARG E 53 -14.67 -48.32 15.47
CA ARG E 53 -13.93 -48.22 16.72
C ARG E 53 -12.73 -49.14 16.76
N ARG E 54 -12.79 -50.28 16.07
CA ARG E 54 -11.67 -51.22 16.13
C ARG E 54 -10.53 -50.79 15.21
N TYR E 55 -10.83 -50.50 13.95
CA TYR E 55 -9.77 -50.24 12.98
C TYR E 55 -9.06 -48.91 13.22
N GLN E 56 -9.63 -48.00 14.00
CA GLN E 56 -8.94 -46.75 14.28
C GLN E 56 -7.95 -46.87 15.42
N LYS E 57 -7.87 -48.04 16.06
CA LYS E 57 -6.95 -48.21 17.18
C LYS E 57 -5.65 -48.86 16.73
N SER E 58 -5.72 -49.77 15.77
CA SER E 58 -4.55 -50.51 15.31
C SER E 58 -3.83 -49.77 14.20
N THR E 59 -2.58 -50.17 13.96
CA THR E 59 -1.73 -49.55 12.95
C THR E 59 -1.23 -50.56 11.92
N GLU E 60 -1.95 -51.66 11.73
CA GLU E 60 -1.53 -52.67 10.75
C GLU E 60 -1.60 -52.10 9.34
N LEU E 61 -1.17 -52.92 8.39
CA LEU E 61 -1.40 -52.63 6.98
C LEU E 61 -2.63 -53.38 6.49
N LEU E 62 -3.39 -52.73 5.62
CA LEU E 62 -4.72 -53.22 5.24
C LEU E 62 -4.78 -53.93 3.90
N ILE E 63 -3.87 -53.63 2.99
CA ILE E 63 -3.86 -54.29 1.68
C ILE E 63 -2.93 -55.48 1.72
N ARG E 64 -3.21 -56.49 0.90
CA ARG E 64 -2.36 -57.67 0.83
C ARG E 64 -0.99 -57.29 0.27
N LYS E 65 -0.02 -58.18 0.47
CA LYS E 65 1.34 -57.91 0.01
C LYS E 65 1.51 -58.25 -1.46
N LEU E 66 1.36 -59.53 -1.81
CA LEU E 66 1.68 -59.97 -3.16
C LEU E 66 0.87 -59.29 -4.23
N PRO E 67 -0.45 -59.11 -4.10
CA PRO E 67 -1.17 -58.40 -5.15
C PRO E 67 -0.64 -56.99 -5.39
N PHE E 68 -0.31 -56.27 -4.31
CA PHE E 68 0.23 -54.93 -4.47
C PHE E 68 1.59 -54.97 -5.14
N GLN E 69 2.42 -55.94 -4.78
CA GLN E 69 3.74 -56.04 -5.39
C GLN E 69 3.61 -56.31 -6.89
N ARG E 70 2.71 -57.21 -7.28
CA ARG E 70 2.50 -57.47 -8.69
C ARG E 70 1.99 -56.23 -9.41
N LEU E 71 1.06 -55.50 -8.78
CA LEU E 71 0.55 -54.29 -9.39
C LEU E 71 1.68 -53.29 -9.61
N VAL E 72 2.56 -53.12 -8.63
CA VAL E 72 3.66 -52.18 -8.78
C VAL E 72 4.58 -52.60 -9.92
N ARG E 73 4.89 -53.90 -9.99
CA ARG E 73 5.77 -54.37 -11.05
C ARG E 73 5.16 -54.16 -12.41
N GLU E 74 3.84 -54.36 -12.54
CA GLU E 74 3.20 -54.28 -13.85
C GLU E 74 3.33 -52.88 -14.45
N ILE E 75 3.11 -51.85 -13.64
CA ILE E 75 3.09 -50.49 -14.18
C ILE E 75 4.46 -50.09 -14.70
N ALA E 76 5.52 -50.39 -13.93
CA ALA E 76 6.85 -49.92 -14.30
C ALA E 76 7.34 -50.53 -15.59
N GLN E 77 6.69 -51.60 -16.05
CA GLN E 77 7.17 -52.31 -17.23
C GLN E 77 7.06 -51.44 -18.49
N ASP E 78 6.30 -50.36 -18.45
CA ASP E 78 6.16 -49.52 -19.65
C ASP E 78 7.40 -48.66 -19.87
N PHE E 79 8.01 -48.14 -18.81
CA PHE E 79 9.10 -47.19 -18.95
C PHE E 79 10.45 -47.87 -19.17
N LYS E 80 10.71 -48.99 -18.50
CA LYS E 80 11.92 -49.74 -18.73
C LYS E 80 11.57 -51.22 -18.64
N THR E 81 12.40 -52.06 -19.26
CA THR E 81 12.01 -53.43 -19.53
C THR E 81 12.49 -54.44 -18.49
N ASP E 82 13.56 -54.14 -17.75
CA ASP E 82 14.12 -55.12 -16.82
C ASP E 82 14.49 -54.51 -15.48
N LEU E 83 13.61 -53.68 -14.92
CA LEU E 83 13.91 -53.06 -13.64
C LEU E 83 13.99 -54.10 -12.53
N ARG E 84 14.86 -53.84 -11.56
CA ARG E 84 15.07 -54.70 -10.41
C ARG E 84 14.73 -53.92 -9.15
N PHE E 85 13.73 -54.39 -8.41
CA PHE E 85 13.16 -53.63 -7.30
C PHE E 85 13.77 -54.11 -5.99
N GLN E 86 14.31 -53.18 -5.22
CA GLN E 86 14.82 -53.50 -3.90
C GLN E 86 13.66 -53.78 -2.95
N SER E 87 13.88 -54.68 -2.00
CA SER E 87 12.79 -55.15 -1.15
C SER E 87 12.21 -54.05 -0.27
N SER E 88 12.92 -52.92 -0.11
CA SER E 88 12.46 -51.90 0.82
C SER E 88 11.53 -50.88 0.15
N ALA E 89 11.71 -50.61 -1.15
CA ALA E 89 10.93 -49.56 -1.79
C ALA E 89 9.44 -49.87 -1.77
N VAL E 90 9.07 -51.13 -2.00
CA VAL E 90 7.67 -51.49 -2.09
C VAL E 90 6.93 -51.08 -0.82
N MET E 91 7.54 -51.27 0.34
CA MET E 91 6.89 -50.88 1.58
C MET E 91 6.62 -49.37 1.60
N ALA E 92 7.58 -48.57 1.17
CA ALA E 92 7.39 -47.13 1.14
C ALA E 92 6.24 -46.75 0.22
N LEU E 93 6.19 -47.36 -0.97
CA LEU E 93 5.10 -47.05 -1.88
C LEU E 93 3.75 -47.42 -1.26
N GLN E 94 3.67 -48.58 -0.62
CA GLN E 94 2.41 -49.01 -0.02
C GLN E 94 1.99 -48.04 1.08
N GLU E 95 2.94 -47.61 1.92
CA GLU E 95 2.61 -46.68 2.99
C GLU E 95 2.07 -45.37 2.41
N ALA E 96 2.73 -44.85 1.38
CA ALA E 96 2.26 -43.60 0.78
C ALA E 96 0.85 -43.77 0.23
N SER E 97 0.59 -44.87 -0.48
CA SER E 97 -0.73 -45.06 -1.07
C SER E 97 -1.81 -45.12 0.00
N GLU E 98 -1.58 -45.88 1.06
CA GLU E 98 -2.58 -45.98 2.12
C GLU E 98 -2.82 -44.63 2.76
N ALA E 99 -1.74 -43.90 3.07
CA ALA E 99 -1.91 -42.60 3.70
C ALA E 99 -2.67 -41.63 2.83
N TYR E 100 -2.51 -41.73 1.50
CA TYR E 100 -3.27 -40.86 0.60
C TYR E 100 -4.75 -41.25 0.58
N LEU E 101 -5.03 -42.54 0.43
CA LEU E 101 -6.43 -42.96 0.30
C LEU E 101 -7.23 -42.67 1.56
N VAL E 102 -6.62 -42.85 2.73
CA VAL E 102 -7.36 -42.61 3.96
C VAL E 102 -7.81 -41.16 4.04
N ALA E 103 -6.91 -40.22 3.73
CA ALA E 103 -7.28 -38.81 3.78
C ALA E 103 -8.34 -38.49 2.74
N LEU E 104 -8.23 -39.08 1.54
CA LEU E 104 -9.24 -38.82 0.53
C LEU E 104 -10.62 -39.26 1.01
N PHE E 105 -10.72 -40.45 1.59
CA PHE E 105 -12.01 -40.92 2.08
C PHE E 105 -12.51 -40.04 3.22
N GLU E 106 -11.62 -39.59 4.09
CA GLU E 106 -12.05 -38.73 5.19
C GLU E 106 -12.66 -37.45 4.66
N ASP E 107 -12.04 -36.84 3.66
CA ASP E 107 -12.63 -35.63 3.08
C ASP E 107 -13.94 -35.91 2.37
N THR E 108 -14.02 -37.03 1.66
CA THR E 108 -15.27 -37.38 0.98
C THR E 108 -16.41 -37.50 1.98
N ASN E 109 -16.15 -38.12 3.13
CA ASN E 109 -17.21 -38.29 4.11
C ASN E 109 -17.76 -36.94 4.57
N LEU E 110 -16.89 -35.98 4.85
CA LEU E 110 -17.37 -34.65 5.21
C LEU E 110 -18.18 -34.06 4.07
N CYS E 111 -17.70 -34.21 2.83
CA CYS E 111 -18.44 -33.64 1.70
C CYS E 111 -19.84 -34.24 1.60
N ALA E 112 -19.99 -35.50 2.03
CA ALA E 112 -21.28 -36.16 1.90
C ALA E 112 -22.31 -35.62 2.88
N ILE E 113 -21.90 -35.38 4.13
CA ILE E 113 -22.84 -34.92 5.15
C ILE E 113 -23.48 -33.60 4.73
N HIS E 114 -22.78 -32.83 3.90
CA HIS E 114 -23.26 -31.50 3.55
C HIS E 114 -24.63 -31.53 2.89
N ALA E 115 -24.98 -32.62 2.21
CA ALA E 115 -26.25 -32.73 1.51
C ALA E 115 -27.30 -33.52 2.29
N LYS E 116 -27.04 -33.81 3.57
CA LYS E 116 -27.94 -34.51 4.47
C LYS E 116 -28.00 -36.01 4.22
N ARG E 117 -27.23 -36.54 3.27
CA ARG E 117 -27.14 -37.97 3.09
C ARG E 117 -26.10 -38.55 4.05
N VAL E 118 -26.04 -39.89 4.07
CA VAL E 118 -25.01 -40.58 4.84
C VAL E 118 -24.20 -41.55 4.01
N THR E 119 -24.65 -41.92 2.80
CA THR E 119 -23.88 -42.82 1.96
C THR E 119 -23.04 -42.02 0.97
N ILE E 120 -21.76 -42.36 0.87
CA ILE E 120 -20.87 -41.68 -0.06
C ILE E 120 -21.09 -42.22 -1.47
N MET E 121 -21.00 -41.33 -2.45
CA MET E 121 -21.25 -41.64 -3.84
C MET E 121 -20.19 -40.98 -4.70
N PRO E 122 -20.02 -41.42 -5.95
CA PRO E 122 -18.92 -40.88 -6.77
C PRO E 122 -18.93 -39.37 -6.89
N LYS E 123 -20.11 -38.74 -6.90
CA LYS E 123 -20.16 -37.29 -6.99
C LYS E 123 -19.31 -36.65 -5.90
N ASP E 124 -19.35 -37.20 -4.69
CA ASP E 124 -18.59 -36.61 -3.59
C ASP E 124 -17.10 -36.69 -3.84
N ILE E 125 -16.61 -37.83 -4.30
CA ILE E 125 -15.18 -37.96 -4.58
C ILE E 125 -14.78 -36.98 -5.68
N GLN E 126 -15.58 -36.89 -6.74
CA GLN E 126 -15.25 -35.97 -7.81
C GLN E 126 -15.20 -34.53 -7.30
N LEU E 127 -16.17 -34.13 -6.49
CA LEU E 127 -16.16 -32.76 -5.97
C LEU E 127 -14.96 -32.51 -5.08
N ALA E 128 -14.61 -33.48 -4.23
CA ALA E 128 -13.47 -33.29 -3.34
C ALA E 128 -12.18 -33.13 -4.14
N ARG E 129 -11.99 -33.98 -5.15
CA ARG E 129 -10.77 -33.86 -5.96
C ARG E 129 -10.76 -32.57 -6.76
N ARG E 130 -11.92 -32.10 -7.21
CA ARG E 130 -11.97 -30.82 -7.90
C ARG E 130 -11.59 -29.68 -6.97
N ILE E 131 -12.10 -29.70 -5.72
CA ILE E 131 -11.81 -28.62 -4.79
C ILE E 131 -10.33 -28.61 -4.42
N ARG E 132 -9.76 -29.79 -4.16
CA ARG E 132 -8.38 -29.83 -3.71
C ARG E 132 -7.40 -29.31 -4.74
N GLY E 133 -7.82 -29.16 -6.00
CA GLY E 133 -6.94 -28.65 -7.02
C GLY E 133 -6.13 -29.68 -7.75
N GLU E 134 -6.50 -30.95 -7.67
CA GLU E 134 -5.79 -32.00 -8.39
C GLU E 134 -6.30 -32.19 -9.81
N ARG E 135 -7.59 -31.93 -10.05
CA ARG E 135 -8.16 -32.06 -11.38
C ARG E 135 -8.21 -30.71 -12.08
N ARG F 20 11.45 -63.47 -17.26
CA ARG F 20 11.13 -62.91 -18.56
C ARG F 20 9.65 -63.13 -18.89
N LYS F 21 8.83 -63.22 -17.85
CA LYS F 21 7.41 -63.45 -18.04
C LYS F 21 6.68 -62.12 -18.25
N VAL F 22 5.36 -62.21 -18.45
CA VAL F 22 4.51 -61.05 -18.71
C VAL F 22 3.40 -61.03 -17.67
N LEU F 23 2.93 -59.82 -17.37
CA LEU F 23 1.90 -59.58 -16.37
C LEU F 23 0.71 -58.86 -17.00
N ARG F 24 -0.49 -59.20 -16.52
CA ARG F 24 -1.70 -58.62 -17.08
C ARG F 24 -2.78 -58.55 -15.99
N ASP F 25 -3.58 -57.48 -16.06
CA ASP F 25 -4.82 -57.36 -15.29
C ASP F 25 -4.62 -57.59 -13.80
N ASN F 26 -3.55 -57.04 -13.22
CA ASN F 26 -3.36 -57.19 -11.79
C ASN F 26 -4.15 -56.18 -10.98
N ILE F 27 -4.70 -55.14 -11.64
CA ILE F 27 -5.45 -54.12 -10.90
C ILE F 27 -6.66 -54.75 -10.22
N GLN F 28 -7.13 -55.88 -10.73
CA GLN F 28 -8.27 -56.55 -10.11
C GLN F 28 -7.94 -57.11 -8.74
N GLY F 29 -6.66 -57.13 -8.37
CA GLY F 29 -6.25 -57.70 -7.11
C GLY F 29 -6.60 -56.89 -5.88
N ILE F 30 -7.05 -55.65 -6.05
CA ILE F 30 -7.49 -54.83 -4.93
C ILE F 30 -8.92 -55.21 -4.60
N THR F 31 -9.09 -56.23 -3.76
CA THR F 31 -10.40 -56.80 -3.50
C THR F 31 -11.31 -55.80 -2.79
N LYS F 32 -12.61 -56.04 -2.90
CA LYS F 32 -13.58 -55.14 -2.28
C LYS F 32 -13.41 -55.04 -0.78
N PRO F 33 -13.27 -56.14 -0.03
CA PRO F 33 -13.10 -56.01 1.42
C PRO F 33 -11.93 -55.13 1.82
N ALA F 34 -10.86 -55.11 1.04
CA ALA F 34 -9.76 -54.20 1.35
C ALA F 34 -10.20 -52.75 1.28
N ILE F 35 -10.97 -52.40 0.25
CA ILE F 35 -11.47 -51.03 0.16
C ILE F 35 -12.42 -50.73 1.30
N ARG F 36 -13.27 -51.69 1.67
CA ARG F 36 -14.14 -51.48 2.82
C ARG F 36 -13.33 -51.18 4.07
N ARG F 37 -12.31 -52.00 4.34
CA ARG F 37 -11.49 -51.78 5.53
C ARG F 37 -10.82 -50.42 5.48
N LEU F 38 -10.32 -50.02 4.32
CA LEU F 38 -9.72 -48.68 4.20
C LEU F 38 -10.74 -47.61 4.54
N ALA F 39 -11.97 -47.75 4.04
CA ALA F 39 -12.98 -46.74 4.28
C ALA F 39 -13.31 -46.61 5.77
N ARG F 40 -13.40 -47.74 6.47
CA ARG F 40 -13.80 -47.67 7.87
C ARG F 40 -12.84 -46.82 8.68
N ARG F 41 -11.53 -46.96 8.43
CA ARG F 41 -10.57 -46.16 9.17
C ARG F 41 -10.81 -44.67 8.99
N GLY F 42 -11.41 -44.27 7.87
CA GLY F 42 -11.68 -42.87 7.62
C GLY F 42 -12.92 -42.34 8.31
N GLY F 43 -13.74 -43.21 8.88
CA GLY F 43 -14.95 -42.78 9.56
C GLY F 43 -16.22 -42.86 8.75
N VAL F 44 -16.23 -43.63 7.67
CA VAL F 44 -17.44 -43.80 6.86
C VAL F 44 -18.32 -44.86 7.51
N LYS F 45 -19.63 -44.69 7.40
CA LYS F 45 -20.56 -45.64 8.02
C LYS F 45 -21.27 -46.51 7.00
N ARG F 46 -21.70 -45.93 5.87
CA ARG F 46 -22.49 -46.64 4.88
C ARG F 46 -21.96 -46.30 3.50
N ILE F 47 -21.75 -47.33 2.68
CA ILE F 47 -21.02 -47.20 1.43
C ILE F 47 -21.93 -47.61 0.28
N SER F 48 -21.82 -46.89 -0.83
CA SER F 48 -22.61 -47.20 -2.03
C SER F 48 -21.94 -48.28 -2.85
N GLY F 49 -22.58 -48.64 -3.95
CA GLY F 49 -22.11 -49.76 -4.76
C GLY F 49 -21.13 -49.38 -5.86
N LEU F 50 -21.02 -48.10 -6.21
CA LEU F 50 -20.23 -47.71 -7.37
C LEU F 50 -18.86 -47.16 -7.00
N ILE F 51 -18.49 -47.16 -5.72
CA ILE F 51 -17.26 -46.51 -5.30
C ILE F 51 -16.03 -47.24 -5.82
N TYR F 52 -16.07 -48.57 -5.87
CA TYR F 52 -14.85 -49.35 -6.07
C TYR F 52 -14.19 -49.03 -7.41
N GLU F 53 -14.99 -48.91 -8.47
CA GLU F 53 -14.43 -48.63 -9.78
C GLU F 53 -13.74 -47.28 -9.81
N GLU F 54 -14.31 -46.27 -9.16
CA GLU F 54 -13.66 -44.97 -9.09
C GLU F 54 -12.37 -45.05 -8.29
N THR F 55 -12.39 -45.76 -7.16
CA THR F 55 -11.22 -45.83 -6.30
C THR F 55 -10.05 -46.49 -7.03
N ARG F 56 -10.30 -47.56 -7.77
CA ARG F 56 -9.21 -48.22 -8.48
C ARG F 56 -8.56 -47.29 -9.48
N GLY F 57 -9.36 -46.56 -10.25
CA GLY F 57 -8.79 -45.61 -11.19
C GLY F 57 -7.97 -44.54 -10.51
N VAL F 58 -8.49 -44.02 -9.39
CA VAL F 58 -7.75 -42.98 -8.66
C VAL F 58 -6.40 -43.52 -8.20
N LEU F 59 -6.39 -44.74 -7.66
CA LEU F 59 -5.15 -45.33 -7.17
C LEU F 59 -4.14 -45.49 -8.30
N LYS F 60 -4.60 -46.00 -9.44
CA LYS F 60 -3.68 -46.16 -10.58
C LYS F 60 -3.10 -44.83 -11.01
N VAL F 61 -3.94 -43.79 -11.10
CA VAL F 61 -3.45 -42.48 -11.50
C VAL F 61 -2.41 -41.99 -10.53
N PHE F 62 -2.64 -42.20 -9.23
CA PHE F 62 -1.66 -41.76 -8.24
C PHE F 62 -0.34 -42.48 -8.41
N LEU F 63 -0.38 -43.80 -8.59
CA LEU F 63 0.86 -44.57 -8.64
C LEU F 63 1.69 -44.23 -9.87
N GLU F 64 1.03 -43.98 -11.00
CA GLU F 64 1.77 -43.76 -12.23
C GLU F 64 2.79 -42.62 -12.07
N ASN F 65 2.36 -41.50 -11.50
CA ASN F 65 3.25 -40.35 -11.40
C ASN F 65 4.46 -40.62 -10.54
N VAL F 66 4.30 -41.27 -9.39
CA VAL F 66 5.45 -41.54 -8.53
C VAL F 66 6.41 -42.50 -9.21
N ILE F 67 5.88 -43.55 -9.86
CA ILE F 67 6.78 -44.51 -10.50
C ILE F 67 7.55 -43.84 -11.62
N ARG F 68 6.90 -42.99 -12.40
CA ARG F 68 7.55 -42.41 -13.57
C ARG F 68 8.68 -41.46 -13.17
N ASP F 69 8.66 -40.91 -11.96
CA ASP F 69 9.77 -40.08 -11.51
C ASP F 69 10.84 -40.90 -10.81
N ALA F 70 10.46 -41.95 -10.07
CA ALA F 70 11.46 -42.82 -9.49
C ALA F 70 12.33 -43.45 -10.58
N VAL F 71 11.71 -43.92 -11.64
CA VAL F 71 12.49 -44.54 -12.72
C VAL F 71 13.44 -43.53 -13.33
N THR F 72 12.97 -42.31 -13.58
CA THR F 72 13.84 -41.29 -14.17
C THR F 72 15.02 -41.00 -13.27
N TYR F 73 14.78 -40.91 -11.96
CA TYR F 73 15.90 -40.71 -11.04
C TYR F 73 16.90 -41.83 -11.13
N THR F 74 16.42 -43.08 -11.18
CA THR F 74 17.34 -44.22 -11.22
C THR F 74 18.17 -44.21 -12.48
N GLU F 75 17.53 -44.09 -13.65
CA GLU F 75 18.23 -44.27 -14.91
C GLU F 75 19.37 -43.27 -15.06
N HIS F 76 19.25 -42.11 -14.43
CA HIS F 76 20.30 -41.10 -14.57
C HIS F 76 21.63 -41.61 -14.04
N ALA F 77 21.62 -42.30 -12.90
CA ALA F 77 22.85 -42.82 -12.31
C ALA F 77 23.34 -44.08 -13.00
N LYS F 78 22.62 -44.57 -14.00
CA LYS F 78 22.99 -45.75 -14.78
C LYS F 78 22.88 -47.05 -14.00
N ARG F 79 22.25 -47.03 -12.83
CA ARG F 79 21.95 -48.27 -12.13
C ARG F 79 20.80 -48.99 -12.83
N LYS F 80 20.62 -50.26 -12.49
CA LYS F 80 19.52 -51.05 -13.01
C LYS F 80 18.53 -51.50 -11.95
N THR F 81 18.75 -51.17 -10.69
CA THR F 81 17.85 -51.55 -9.61
C THR F 81 17.35 -50.31 -8.88
N VAL F 82 16.04 -50.23 -8.69
CA VAL F 82 15.44 -49.11 -7.96
C VAL F 82 15.67 -49.32 -6.47
N THR F 83 15.96 -48.23 -5.75
CA THR F 83 16.25 -48.29 -4.33
C THR F 83 15.36 -47.32 -3.57
N ALA F 84 15.18 -47.61 -2.27
CA ALA F 84 14.23 -46.84 -1.47
C ALA F 84 14.55 -45.35 -1.49
N MET F 85 15.83 -44.99 -1.56
CA MET F 85 16.18 -43.58 -1.56
C MET F 85 15.57 -42.85 -2.75
N ASP F 86 15.54 -43.50 -3.91
CA ASP F 86 14.90 -42.87 -5.06
C ASP F 86 13.43 -42.61 -4.79
N VAL F 87 12.72 -43.58 -4.22
CA VAL F 87 11.29 -43.39 -3.97
C VAL F 87 11.06 -42.26 -2.98
N VAL F 88 11.82 -42.23 -1.89
CA VAL F 88 11.62 -41.17 -0.91
C VAL F 88 11.97 -39.83 -1.50
N TYR F 89 12.95 -39.77 -2.40
CA TYR F 89 13.24 -38.52 -3.10
C TYR F 89 12.08 -38.09 -3.98
N ALA F 90 11.47 -39.05 -4.67
CA ALA F 90 10.40 -38.71 -5.62
C ALA F 90 9.22 -38.08 -4.91
N LEU F 91 8.82 -38.63 -3.76
CA LEU F 91 7.66 -38.10 -3.05
C LEU F 91 7.89 -36.65 -2.62
N LYS F 92 9.10 -36.35 -2.12
CA LYS F 92 9.35 -35.02 -1.60
C LYS F 92 9.14 -33.94 -2.65
N ARG F 93 9.34 -34.27 -3.92
CA ARG F 93 9.20 -33.27 -4.97
C ARG F 93 7.75 -32.90 -5.19
N GLN F 94 6.81 -33.78 -4.83
CA GLN F 94 5.39 -33.55 -5.05
C GLN F 94 4.70 -32.95 -3.83
N GLY F 95 5.46 -32.47 -2.86
CA GLY F 95 4.90 -31.75 -1.74
C GLY F 95 4.50 -32.59 -0.54
N ARG F 96 4.80 -33.89 -0.55
CA ARG F 96 4.54 -34.74 0.60
C ARG F 96 5.81 -35.49 0.96
N THR F 97 6.18 -35.44 2.24
CA THR F 97 7.42 -35.98 2.75
C THR F 97 7.15 -37.25 3.54
N LEU F 98 8.13 -38.14 3.58
CA LEU F 98 8.02 -39.41 4.28
C LEU F 98 9.16 -39.56 5.27
N TYR F 99 8.83 -39.84 6.53
CA TYR F 99 9.82 -40.08 7.57
C TYR F 99 9.89 -41.57 7.87
N GLY F 100 11.10 -42.11 7.89
CA GLY F 100 11.28 -43.46 8.38
C GLY F 100 12.09 -44.39 7.51
N PHE F 101 12.69 -43.87 6.43
CA PHE F 101 13.47 -44.71 5.53
C PHE F 101 14.81 -44.13 5.14
N GLY F 102 15.05 -42.85 5.35
CA GLY F 102 16.34 -42.27 5.02
C GLY F 102 16.29 -40.76 5.06
N GLY F 103 17.36 -40.14 4.58
CA GLY F 103 17.47 -38.69 4.54
C GLY F 103 18.64 -38.20 3.71
N THR G 14 47.83 -9.69 -33.24
CA THR G 14 47.45 -10.41 -34.45
C THR G 14 46.20 -11.26 -34.22
N ARG G 15 45.50 -11.01 -33.11
CA ARG G 15 44.30 -11.76 -32.81
C ARG G 15 43.24 -11.54 -33.88
N ALA G 16 42.51 -12.60 -34.21
CA ALA G 16 41.49 -12.52 -35.23
C ALA G 16 40.26 -11.79 -34.71
N LYS G 17 39.34 -11.50 -35.62
CA LYS G 17 38.11 -10.81 -35.26
C LYS G 17 37.29 -11.68 -34.30
N ALA G 18 36.80 -11.06 -33.24
CA ALA G 18 36.05 -11.80 -32.23
C ALA G 18 34.61 -12.02 -32.68
N LYS G 19 34.10 -13.23 -32.41
CA LYS G 19 32.72 -13.59 -32.71
C LYS G 19 32.06 -14.09 -31.43
N THR G 20 30.88 -13.56 -31.13
CA THR G 20 30.17 -13.96 -29.93
C THR G 20 29.76 -15.43 -30.03
N ARG G 21 29.72 -16.11 -28.88
CA ARG G 21 29.35 -17.52 -28.86
C ARG G 21 27.92 -17.72 -29.36
N SER G 22 27.01 -16.81 -29.02
CA SER G 22 25.65 -16.93 -29.48
C SER G 22 25.59 -17.01 -31.01
N SER G 23 26.32 -16.13 -31.68
CA SER G 23 26.36 -16.17 -33.14
C SER G 23 26.92 -17.50 -33.64
N ARG G 24 27.90 -18.05 -32.93
CA ARG G 24 28.49 -19.31 -33.36
C ARG G 24 27.49 -20.45 -33.22
N ALA G 25 26.65 -20.41 -32.20
CA ALA G 25 25.68 -21.47 -31.95
C ALA G 25 24.40 -21.31 -32.75
N GLY G 26 24.05 -20.08 -33.14
CA GLY G 26 22.83 -19.83 -33.88
C GLY G 26 21.64 -19.42 -33.05
N LEU G 27 21.82 -19.18 -31.76
CA LEU G 27 20.74 -18.76 -30.89
C LEU G 27 20.64 -17.25 -30.83
N GLN G 28 19.54 -16.76 -30.25
CA GLN G 28 19.33 -15.33 -30.07
C GLN G 28 19.61 -14.86 -28.66
N PHE G 29 19.41 -15.71 -27.66
CA PHE G 29 19.62 -15.30 -26.28
C PHE G 29 21.12 -15.21 -25.99
N PRO G 30 21.50 -14.48 -24.94
CA PRO G 30 22.93 -14.28 -24.66
C PRO G 30 23.54 -15.44 -23.89
N VAL G 31 24.54 -16.10 -24.47
CA VAL G 31 25.18 -17.22 -23.79
C VAL G 31 26.03 -16.72 -22.64
N GLY G 32 26.80 -15.66 -22.86
CA GLY G 32 27.75 -15.21 -21.86
C GLY G 32 27.07 -14.79 -20.57
N ARG G 33 25.97 -14.04 -20.67
CA ARG G 33 25.27 -13.60 -19.48
C ARG G 33 24.75 -14.79 -18.68
N VAL G 34 24.20 -15.79 -19.38
CA VAL G 34 23.72 -16.99 -18.70
C VAL G 34 24.86 -17.68 -17.99
N HIS G 35 26.01 -17.80 -18.65
CA HIS G 35 27.16 -18.46 -18.01
C HIS G 35 27.59 -17.70 -16.77
N ARG G 36 27.66 -16.37 -16.84
CA ARG G 36 28.06 -15.60 -15.68
C ARG G 36 27.09 -15.78 -14.54
N LEU G 37 25.78 -15.71 -14.83
CA LEU G 37 24.80 -15.90 -13.77
C LEU G 37 24.92 -17.29 -13.16
N LEU G 38 25.12 -18.30 -13.99
CA LEU G 38 25.22 -19.66 -13.49
C LEU G 38 26.43 -19.83 -12.59
N ARG G 39 27.57 -19.23 -12.94
CA ARG G 39 28.74 -19.34 -12.08
C ARG G 39 28.56 -18.58 -10.77
N LYS G 40 28.21 -17.30 -10.88
CA LYS G 40 28.19 -16.44 -9.69
C LYS G 40 27.09 -16.84 -8.72
N GLY G 41 26.11 -17.61 -9.17
CA GLY G 41 25.00 -17.98 -8.32
C GLY G 41 25.25 -19.14 -7.40
N ASN G 42 26.46 -19.69 -7.39
CA ASN G 42 26.85 -20.79 -6.50
C ASN G 42 25.84 -21.94 -6.55
N TYR G 43 25.35 -22.27 -7.74
CA TYR G 43 24.49 -23.44 -7.88
C TYR G 43 25.28 -24.73 -7.82
N ALA G 44 26.59 -24.68 -8.05
CA ALA G 44 27.44 -25.85 -7.93
C ALA G 44 28.88 -25.39 -7.87
N GLU G 45 29.78 -26.34 -7.63
CA GLU G 45 31.19 -25.99 -7.47
C GLU G 45 31.77 -25.39 -8.74
N ARG G 46 31.50 -26.00 -9.89
CA ARG G 46 32.01 -25.49 -11.15
C ARG G 46 31.11 -25.95 -12.28
N VAL G 47 31.17 -25.22 -13.40
CA VAL G 47 30.19 -25.35 -14.47
C VAL G 47 30.90 -25.85 -15.72
N GLY G 48 30.29 -26.83 -16.39
CA GLY G 48 30.86 -27.34 -17.61
C GLY G 48 30.68 -26.36 -18.77
N ALA G 49 31.35 -26.66 -19.88
CA ALA G 49 31.35 -25.75 -21.02
C ALA G 49 30.10 -25.87 -21.87
N GLY G 50 29.31 -26.93 -21.70
CA GLY G 50 28.16 -27.14 -22.58
C GLY G 50 26.84 -26.65 -22.04
N ALA G 51 26.75 -26.40 -20.73
CA ALA G 51 25.45 -26.12 -20.14
C ALA G 51 24.78 -24.85 -20.68
N PRO G 52 25.44 -23.69 -20.71
CA PRO G 52 24.72 -22.48 -21.13
C PRO G 52 24.10 -22.60 -22.51
N VAL G 53 24.80 -23.24 -23.45
CA VAL G 53 24.25 -23.41 -24.78
C VAL G 53 22.96 -24.20 -24.72
N TYR G 54 22.93 -25.26 -23.91
CA TYR G 54 21.72 -26.06 -23.80
C TYR G 54 20.59 -25.25 -23.17
N LEU G 55 20.90 -24.45 -22.15
CA LEU G 55 19.84 -23.75 -21.42
C LEU G 55 19.22 -22.63 -22.26
N ALA G 56 20.05 -21.91 -23.01
CA ALA G 56 19.54 -20.79 -23.79
C ALA G 56 18.50 -21.25 -24.80
N ALA G 57 18.73 -22.38 -25.45
CA ALA G 57 17.78 -22.87 -26.44
C ALA G 57 16.42 -23.14 -25.81
N VAL G 58 16.41 -23.77 -24.63
CA VAL G 58 15.14 -24.05 -23.96
C VAL G 58 14.42 -22.76 -23.64
N LEU G 59 15.13 -21.77 -23.09
CA LEU G 59 14.49 -20.51 -22.77
C LEU G 59 13.88 -19.87 -24.01
N GLU G 60 14.64 -19.85 -25.11
CA GLU G 60 14.13 -19.24 -26.33
C GLU G 60 12.89 -19.97 -26.83
N TYR G 61 12.92 -21.30 -26.79
CA TYR G 61 11.79 -22.07 -27.28
C TYR G 61 10.53 -21.74 -26.49
N LEU G 62 10.63 -21.72 -25.16
CA LEU G 62 9.44 -21.42 -24.36
C LEU G 62 8.94 -20.02 -24.63
N THR G 63 9.84 -19.04 -24.74
CA THR G 63 9.39 -17.68 -25.00
C THR G 63 8.66 -17.58 -26.32
N ALA G 64 9.20 -18.18 -27.39
CA ALA G 64 8.53 -18.15 -28.67
C ALA G 64 7.18 -18.85 -28.59
N GLU G 65 7.13 -19.98 -27.89
CA GLU G 65 5.88 -20.71 -27.77
C GLU G 65 4.78 -19.84 -27.19
N ILE G 66 5.07 -19.16 -26.08
CA ILE G 66 4.02 -18.35 -25.46
C ILE G 66 3.69 -17.15 -26.33
N LEU G 67 4.70 -16.51 -26.93
CA LEU G 67 4.44 -15.30 -27.69
C LEU G 67 3.58 -15.57 -28.92
N GLU G 68 3.73 -16.73 -29.55
CA GLU G 68 2.91 -17.01 -30.73
C GLU G 68 1.42 -16.99 -30.39
N LEU G 69 1.03 -17.72 -29.34
CA LEU G 69 -0.37 -17.74 -28.94
C LEU G 69 -0.83 -16.35 -28.50
N ALA G 70 0.02 -15.63 -27.76
CA ALA G 70 -0.36 -14.29 -27.33
C ALA G 70 -0.66 -13.40 -28.54
N GLY G 71 0.20 -13.45 -29.55
CA GLY G 71 -0.01 -12.64 -30.73
C GLY G 71 -1.27 -13.03 -31.49
N ASN G 72 -1.52 -14.33 -31.62
CA ASN G 72 -2.74 -14.77 -32.28
C ASN G 72 -3.96 -14.21 -31.56
N ALA G 73 -4.00 -14.34 -30.24
CA ALA G 73 -5.15 -13.85 -29.49
C ALA G 73 -5.31 -12.35 -29.64
N ALA G 74 -4.19 -11.60 -29.59
CA ALA G 74 -4.28 -10.16 -29.72
C ALA G 74 -4.81 -9.76 -31.09
N ARG G 75 -4.34 -10.43 -32.14
CA ARG G 75 -4.82 -10.12 -33.49
C ARG G 75 -6.30 -10.42 -33.62
N ASP G 76 -6.75 -11.52 -33.02
CA ASP G 76 -8.15 -11.93 -33.17
C ASP G 76 -9.10 -10.81 -32.73
N ASN G 77 -8.67 -9.99 -31.78
CA ASN G 77 -9.52 -8.95 -31.21
C ASN G 77 -9.49 -7.64 -32.00
N LYS G 78 -8.83 -7.62 -33.16
CA LYS G 78 -8.76 -6.41 -33.98
C LYS G 78 -7.94 -5.31 -33.30
N LYS G 79 -6.76 -5.69 -32.80
CA LYS G 79 -5.86 -4.76 -32.13
C LYS G 79 -4.43 -5.10 -32.50
N THR G 80 -3.53 -4.11 -32.35
CA THR G 80 -2.17 -4.26 -32.85
C THR G 80 -1.16 -4.58 -31.75
N ARG G 81 -1.29 -3.99 -30.57
CA ARG G 81 -0.30 -4.13 -29.51
C ARG G 81 -0.79 -5.12 -28.46
N ILE G 82 0.12 -5.95 -27.97
CA ILE G 82 -0.21 -6.95 -26.97
C ILE G 82 -0.36 -6.29 -25.60
N ILE G 83 -1.33 -6.75 -24.81
CA ILE G 83 -1.53 -6.25 -23.46
C ILE G 83 -1.85 -7.44 -22.56
N PRO G 84 -1.71 -7.28 -21.24
CA PRO G 84 -1.74 -8.44 -20.35
C PRO G 84 -2.97 -9.32 -20.52
N ARG G 85 -4.14 -8.73 -20.79
CA ARG G 85 -5.33 -9.54 -21.01
C ARG G 85 -5.08 -10.61 -22.07
N HIS G 86 -4.37 -10.25 -23.14
CA HIS G 86 -4.07 -11.22 -24.18
C HIS G 86 -3.20 -12.35 -23.64
N LEU G 87 -2.20 -12.03 -22.82
CA LEU G 87 -1.38 -13.07 -22.24
C LEU G 87 -2.22 -14.00 -21.37
N GLN G 88 -3.11 -13.45 -20.57
CA GLN G 88 -3.96 -14.29 -19.73
C GLN G 88 -4.80 -15.23 -20.57
N LEU G 89 -5.43 -14.70 -21.62
CA LEU G 89 -6.27 -15.53 -22.46
C LEU G 89 -5.46 -16.62 -23.15
N ALA G 90 -4.26 -16.28 -23.63
CA ALA G 90 -3.44 -17.28 -24.30
C ALA G 90 -3.01 -18.38 -23.34
N VAL G 91 -2.61 -18.00 -22.12
CA VAL G 91 -2.09 -19.00 -21.19
C VAL G 91 -3.21 -19.91 -20.70
N ARG G 92 -4.33 -19.34 -20.27
CA ARG G 92 -5.34 -20.14 -19.60
C ARG G 92 -6.15 -21.01 -20.55
N ASN G 93 -6.04 -20.79 -21.86
CA ASN G 93 -6.79 -21.58 -22.82
C ASN G 93 -6.06 -22.84 -23.28
N ASP G 94 -4.85 -23.08 -22.79
CA ASP G 94 -4.06 -24.26 -23.14
C ASP G 94 -3.91 -25.12 -21.90
N GLU G 95 -3.96 -26.45 -22.08
CA GLU G 95 -3.95 -27.36 -20.94
C GLU G 95 -2.55 -27.70 -20.45
N GLU G 96 -1.50 -27.28 -21.17
CA GLU G 96 -0.13 -27.54 -20.75
C GLU G 96 0.53 -26.33 -20.11
N LEU G 97 0.51 -25.19 -20.79
CA LEU G 97 0.99 -23.96 -20.16
C LEU G 97 0.22 -23.69 -18.89
N ASN G 98 -1.07 -24.01 -18.87
CA ASN G 98 -1.87 -23.84 -17.66
C ASN G 98 -1.35 -24.72 -16.53
N LYS G 99 -0.99 -25.96 -16.81
CA LYS G 99 -0.45 -26.83 -15.77
C LYS G 99 0.91 -26.35 -15.29
N LEU G 100 1.74 -25.84 -16.20
CA LEU G 100 3.05 -25.34 -15.80
C LEU G 100 2.92 -24.13 -14.88
N LEU G 101 1.99 -23.23 -15.17
CA LEU G 101 1.79 -22.01 -14.40
C LEU G 101 0.62 -22.12 -13.44
N GLY G 102 0.41 -23.28 -12.84
CA GLY G 102 -0.78 -23.52 -12.04
C GLY G 102 -0.92 -22.61 -10.83
N ARG G 103 0.17 -22.01 -10.37
CA ARG G 103 0.15 -21.21 -9.16
C ARG G 103 0.40 -19.73 -9.37
N VAL G 104 0.75 -19.32 -10.58
CA VAL G 104 1.16 -17.95 -10.84
C VAL G 104 -0.06 -17.06 -11.01
N THR G 105 0.06 -15.81 -10.56
CA THR G 105 -0.96 -14.78 -10.75
C THR G 105 -0.39 -13.66 -11.60
N ILE G 106 -1.19 -13.16 -12.53
CA ILE G 106 -0.78 -12.12 -13.46
C ILE G 106 -1.55 -10.85 -13.16
N ALA G 107 -0.84 -9.74 -13.01
CA ALA G 107 -1.48 -8.48 -12.66
C ALA G 107 -2.34 -7.99 -13.81
N GLN G 108 -3.51 -7.43 -13.47
CA GLN G 108 -4.43 -6.86 -14.44
C GLN G 108 -4.90 -7.88 -15.47
N GLY G 109 -4.94 -9.16 -15.10
CA GLY G 109 -5.56 -10.14 -15.95
C GLY G 109 -6.94 -10.53 -15.43
N GLY G 110 -7.89 -10.63 -16.34
CA GLY G 110 -9.24 -11.01 -15.98
C GLY G 110 -9.34 -12.50 -15.74
N VAL G 111 -10.55 -13.03 -15.99
CA VAL G 111 -10.80 -14.46 -15.88
C VAL G 111 -11.57 -14.91 -17.11
N LEU G 112 -11.49 -16.20 -17.38
CA LEU G 112 -12.21 -16.76 -18.53
C LEU G 112 -13.71 -16.68 -18.29
N PRO G 113 -14.50 -16.26 -19.27
CA PRO G 113 -15.95 -16.17 -19.06
C PRO G 113 -16.61 -17.54 -19.12
N ASN G 114 -17.43 -17.83 -18.13
CA ASN G 114 -18.22 -19.06 -18.12
C ASN G 114 -19.27 -18.96 -17.03
N ILE G 115 -20.39 -19.64 -17.27
CA ILE G 115 -21.52 -19.64 -16.34
C ILE G 115 -22.02 -21.08 -16.20
N GLN G 116 -22.28 -21.49 -14.96
CA GLN G 116 -22.81 -22.83 -14.73
C GLN G 116 -24.15 -22.99 -15.44
N SER G 117 -24.36 -24.17 -16.03
CA SER G 117 -25.55 -24.38 -16.84
C SER G 117 -26.83 -24.24 -16.03
N VAL G 118 -26.79 -24.60 -14.75
CA VAL G 118 -28.01 -24.60 -13.94
C VAL G 118 -28.53 -23.18 -13.75
N LEU G 119 -27.65 -22.18 -13.74
CA LEU G 119 -28.08 -20.82 -13.46
C LEU G 119 -28.78 -20.15 -14.63
N LEU G 120 -28.63 -20.67 -15.84
CA LEU G 120 -29.26 -20.04 -16.99
C LEU G 120 -30.77 -20.15 -16.89
N PRO G 121 -31.51 -19.20 -17.46
CA PRO G 121 -32.97 -19.23 -17.34
C PRO G 121 -33.58 -20.33 -18.20
N LYS G 122 -34.84 -20.64 -17.90
CA LYS G 122 -35.55 -21.65 -18.65
C LYS G 122 -35.67 -21.24 -20.12
N LYS G 123 -36.14 -22.19 -20.94
CA LYS G 123 -36.25 -21.92 -22.37
C LYS G 123 -37.19 -20.77 -22.68
N THR G 124 -38.32 -20.68 -21.99
CA THR G 124 -39.30 -19.63 -22.24
C THR G 124 -38.67 -18.24 -22.08
N ARG H 27 26.43 10.15 -12.63
CA ARG H 27 25.41 9.89 -11.61
C ARG H 27 24.41 8.85 -12.08
N ARG H 28 24.39 8.59 -13.38
CA ARG H 28 23.55 7.53 -13.95
C ARG H 28 24.19 6.16 -13.85
N LYS H 29 25.22 6.00 -13.01
CA LYS H 29 26.00 4.76 -13.01
C LYS H 29 25.15 3.54 -12.66
N THR H 30 24.06 3.74 -11.92
CA THR H 30 23.24 2.62 -11.47
C THR H 30 22.43 2.10 -12.65
N ARG H 31 23.04 1.17 -13.39
CA ARG H 31 22.37 0.57 -14.54
C ARG H 31 21.63 -0.69 -14.14
N LYS H 32 20.71 -1.10 -15.01
CA LYS H 32 19.88 -2.28 -14.80
C LYS H 32 19.97 -3.19 -16.01
N GLU H 33 19.95 -4.50 -15.76
CA GLU H 33 20.01 -5.48 -16.85
C GLU H 33 18.70 -6.24 -16.94
N SER H 34 18.30 -6.57 -18.17
CA SER H 34 17.04 -7.27 -18.40
C SER H 34 17.10 -7.93 -19.76
N TYR H 35 16.12 -8.79 -20.03
CA TYR H 35 16.02 -9.52 -21.28
C TYR H 35 15.14 -8.82 -22.30
N ALA H 36 14.93 -7.52 -22.17
CA ALA H 36 13.99 -6.83 -23.05
C ALA H 36 14.41 -6.94 -24.52
N ILE H 37 15.69 -6.69 -24.81
CA ILE H 37 16.13 -6.63 -26.20
C ILE H 37 15.91 -7.98 -26.88
N TYR H 38 16.29 -9.07 -26.20
CA TYR H 38 16.19 -10.38 -26.82
C TYR H 38 14.74 -10.79 -27.00
N VAL H 39 13.89 -10.52 -26.02
CA VAL H 39 12.47 -10.83 -26.15
C VAL H 39 11.89 -10.08 -27.34
N TYR H 40 12.26 -8.81 -27.49
CA TYR H 40 11.77 -8.05 -28.64
C TYR H 40 12.28 -8.65 -29.94
N LYS H 41 13.54 -9.08 -29.97
CA LYS H 41 14.08 -9.67 -31.18
C LYS H 41 13.32 -10.93 -31.58
N VAL H 42 13.00 -11.78 -30.61
CA VAL H 42 12.30 -13.02 -30.94
C VAL H 42 10.92 -12.73 -31.50
N LEU H 43 10.26 -11.68 -31.00
CA LEU H 43 8.89 -11.40 -31.42
C LEU H 43 8.81 -11.16 -32.92
N LYS H 44 9.76 -10.43 -33.48
CA LYS H 44 9.71 -10.10 -34.90
C LYS H 44 9.84 -11.31 -35.81
N GLN H 45 10.28 -12.46 -35.29
CA GLN H 45 10.39 -13.66 -36.11
C GLN H 45 9.08 -14.40 -36.28
N VAL H 46 8.07 -14.11 -35.47
CA VAL H 46 6.79 -14.79 -35.53
C VAL H 46 5.70 -13.90 -36.10
N HIS H 47 5.59 -12.67 -35.62
CA HIS H 47 4.61 -11.71 -36.10
C HIS H 47 5.33 -10.44 -36.50
N PRO H 48 5.76 -10.33 -37.75
CA PRO H 48 6.64 -9.21 -38.14
C PRO H 48 6.05 -7.83 -37.85
N ASP H 49 4.74 -7.66 -37.94
CA ASP H 49 4.15 -6.32 -37.88
C ASP H 49 3.53 -6.00 -36.52
N THR H 50 3.78 -6.81 -35.49
CA THR H 50 3.16 -6.60 -34.19
C THR H 50 4.12 -5.89 -33.23
N GLY H 51 3.54 -5.29 -32.19
CA GLY H 51 4.31 -4.62 -31.16
C GLY H 51 3.79 -4.97 -29.78
N ILE H 52 4.54 -4.59 -28.76
CA ILE H 52 4.28 -5.00 -27.38
C ILE H 52 4.40 -3.79 -26.47
N SER H 53 3.48 -3.68 -25.50
CA SER H 53 3.51 -2.57 -24.56
C SER H 53 4.43 -2.88 -23.38
N SER H 54 4.63 -1.88 -22.54
CA SER H 54 5.61 -2.01 -21.45
C SER H 54 5.21 -3.06 -20.43
N LYS H 55 3.94 -3.09 -20.02
CA LYS H 55 3.53 -4.02 -18.98
C LYS H 55 3.74 -5.46 -19.42
N ALA H 56 3.39 -5.78 -20.66
CA ALA H 56 3.64 -7.12 -21.18
C ALA H 56 5.12 -7.42 -21.18
N MET H 57 5.95 -6.44 -21.52
CA MET H 57 7.39 -6.65 -21.49
C MET H 57 7.85 -7.00 -20.09
N SER H 58 7.35 -6.29 -19.08
CA SER H 58 7.76 -6.59 -17.71
C SER H 58 7.32 -7.99 -17.29
N ILE H 59 6.09 -8.38 -17.64
CA ILE H 59 5.62 -9.72 -17.28
C ILE H 59 6.49 -10.77 -17.95
N MET H 60 6.76 -10.61 -19.24
CA MET H 60 7.58 -11.57 -19.94
C MET H 60 8.97 -11.65 -19.34
N ASN H 61 9.53 -10.50 -18.95
CA ASN H 61 10.85 -10.50 -18.30
C ASN H 61 10.80 -11.29 -17.00
N SER H 62 9.75 -11.11 -16.21
CA SER H 62 9.67 -11.85 -14.94
C SER H 62 9.55 -13.35 -15.18
N PHE H 63 8.87 -13.74 -16.25
CA PHE H 63 8.66 -15.17 -16.50
C PHE H 63 9.98 -15.91 -16.72
N VAL H 64 10.90 -15.31 -17.48
CA VAL H 64 12.15 -15.98 -17.81
C VAL H 64 12.95 -16.26 -16.56
N ASN H 65 13.02 -15.29 -15.65
CA ASN H 65 13.78 -15.51 -14.41
C ASN H 65 13.24 -16.68 -13.63
N ASP H 66 11.91 -16.78 -13.54
CA ASP H 66 11.32 -17.89 -12.81
C ASP H 66 11.70 -19.23 -13.43
N VAL H 67 11.56 -19.35 -14.75
CA VAL H 67 11.89 -20.62 -15.39
C VAL H 67 13.36 -20.97 -15.18
N PHE H 68 14.24 -19.99 -15.39
CA PHE H 68 15.67 -20.24 -15.23
C PHE H 68 15.99 -20.68 -13.81
N GLU H 69 15.40 -20.00 -12.83
CA GLU H 69 15.66 -20.36 -11.45
C GLU H 69 15.20 -21.78 -11.15
N ARG H 70 14.02 -22.17 -11.62
CA ARG H 70 13.56 -23.53 -11.37
C ARG H 70 14.54 -24.54 -11.94
N ILE H 71 14.92 -24.37 -13.21
CA ILE H 71 15.77 -25.38 -13.84
C ILE H 71 17.11 -25.46 -13.14
N ALA H 72 17.73 -24.30 -12.87
CA ALA H 72 19.05 -24.33 -12.23
C ALA H 72 18.97 -24.94 -10.85
N GLY H 73 17.95 -24.58 -10.07
CA GLY H 73 17.82 -25.14 -8.74
C GLY H 73 17.68 -26.65 -8.77
N GLU H 74 16.87 -27.17 -9.68
CA GLU H 74 16.73 -28.62 -9.77
C GLU H 74 18.05 -29.26 -10.14
N ALA H 75 18.75 -28.71 -11.13
CA ALA H 75 20.02 -29.32 -11.56
C ALA H 75 21.03 -29.32 -10.43
N SER H 76 21.08 -28.26 -9.64
CA SER H 76 22.08 -28.17 -8.58
C SER H 76 21.96 -29.36 -7.62
N ARG H 77 20.75 -29.61 -7.12
CA ARG H 77 20.59 -30.71 -6.19
C ARG H 77 20.69 -32.06 -6.90
N LEU H 78 20.34 -32.13 -8.18
CA LEU H 78 20.48 -33.39 -8.89
C LEU H 78 21.95 -33.80 -8.96
N ALA H 79 22.83 -32.84 -9.22
CA ALA H 79 24.25 -33.17 -9.32
C ALA H 79 24.80 -33.66 -7.99
N HIS H 80 24.44 -32.98 -6.89
CA HIS H 80 25.00 -33.31 -5.59
C HIS H 80 24.57 -34.69 -5.14
N TYR H 81 23.39 -35.15 -5.55
CA TYR H 81 22.86 -36.41 -5.07
C TYR H 81 23.78 -37.58 -5.40
N ASN H 82 24.55 -37.48 -6.48
CA ASN H 82 25.46 -38.55 -6.89
C ASN H 82 26.90 -38.32 -6.46
N LYS H 83 27.17 -37.28 -5.67
CA LYS H 83 28.51 -36.93 -5.22
C LYS H 83 29.38 -36.37 -6.33
N ARG H 84 28.81 -36.17 -7.52
CA ARG H 84 29.53 -35.48 -8.58
C ARG H 84 29.66 -34.00 -8.23
N SER H 85 30.70 -33.37 -8.78
CA SER H 85 31.00 -31.98 -8.45
C SER H 85 30.54 -30.98 -9.51
N THR H 86 30.65 -31.31 -10.79
CA THR H 86 30.39 -30.32 -11.83
C THR H 86 28.96 -30.43 -12.35
N ILE H 87 28.59 -29.45 -13.18
CA ILE H 87 27.31 -29.45 -13.89
C ILE H 87 27.59 -29.56 -15.38
N THR H 88 26.94 -30.52 -16.03
CA THR H 88 27.12 -30.74 -17.46
C THR H 88 25.75 -30.80 -18.12
N SER H 89 25.76 -30.90 -19.45
CA SER H 89 24.51 -30.89 -20.20
C SER H 89 23.58 -31.99 -19.75
N ARG H 90 24.12 -33.11 -19.26
CA ARG H 90 23.28 -34.23 -18.86
C ARG H 90 22.33 -33.82 -17.74
N GLU H 91 22.83 -33.09 -16.73
CA GLU H 91 21.98 -32.66 -15.64
C GLU H 91 20.89 -31.72 -16.13
N ILE H 92 21.22 -30.80 -17.03
CA ILE H 92 20.21 -29.89 -17.56
C ILE H 92 19.14 -30.67 -18.29
N GLN H 93 19.55 -31.66 -19.09
CA GLN H 93 18.59 -32.45 -19.84
C GLN H 93 17.66 -33.20 -18.90
N THR H 94 18.21 -33.82 -17.86
CA THR H 94 17.36 -34.55 -16.92
C THR H 94 16.41 -33.60 -16.19
N ALA H 95 16.89 -32.43 -15.78
CA ALA H 95 16.03 -31.49 -15.09
C ALA H 95 14.89 -31.03 -15.99
N VAL H 96 15.19 -30.73 -17.25
CA VAL H 96 14.13 -30.34 -18.18
C VAL H 96 13.12 -31.45 -18.33
N ARG H 97 13.61 -32.69 -18.47
CA ARG H 97 12.70 -33.82 -18.60
C ARG H 97 11.82 -33.97 -17.38
N LEU H 98 12.35 -33.64 -16.19
CA LEU H 98 11.55 -33.78 -14.98
C LEU H 98 10.49 -32.69 -14.86
N LEU H 99 10.84 -31.44 -15.17
CA LEU H 99 9.95 -30.33 -14.86
C LEU H 99 8.83 -30.18 -15.89
N LEU H 100 9.19 -29.90 -17.14
CA LEU H 100 8.18 -29.58 -18.14
C LEU H 100 7.25 -30.78 -18.33
N PRO H 101 5.93 -30.57 -18.32
CA PRO H 101 5.01 -31.70 -18.44
C PRO H 101 4.62 -31.98 -19.88
N GLY H 102 4.30 -33.25 -20.13
CA GLY H 102 3.69 -33.62 -21.40
C GLY H 102 4.60 -33.36 -22.57
N GLU H 103 4.01 -32.86 -23.66
CA GLU H 103 4.71 -32.77 -24.93
C GLU H 103 5.87 -31.79 -24.92
N LEU H 104 5.81 -30.75 -24.09
CA LEU H 104 6.83 -29.71 -24.14
C LEU H 104 8.23 -30.28 -23.95
N ALA H 105 8.34 -31.39 -23.21
CA ALA H 105 9.65 -31.96 -22.94
C ALA H 105 10.36 -32.37 -24.22
N LYS H 106 9.64 -33.06 -25.12
CA LYS H 106 10.28 -33.61 -26.31
C LYS H 106 10.86 -32.52 -27.20
N HIS H 107 10.06 -31.50 -27.50
CA HIS H 107 10.52 -30.44 -28.39
C HIS H 107 11.69 -29.68 -27.76
N ALA H 108 11.60 -29.40 -26.46
CA ALA H 108 12.69 -28.70 -25.79
C ALA H 108 13.99 -29.50 -25.86
N VAL H 109 13.91 -30.80 -25.59
CA VAL H 109 15.11 -31.63 -25.61
C VAL H 109 15.69 -31.67 -27.02
N SER H 110 14.84 -31.83 -28.04
CA SER H 110 15.33 -31.85 -29.40
C SER H 110 16.01 -30.54 -29.75
N GLU H 111 15.41 -29.41 -29.38
CA GLU H 111 16.01 -28.12 -29.65
C GLU H 111 17.38 -27.99 -28.99
N GLY H 112 17.47 -28.39 -27.73
CA GLY H 112 18.73 -28.27 -27.02
C GLY H 112 19.83 -29.10 -27.65
N THR H 113 19.53 -30.37 -27.96
CA THR H 113 20.56 -31.22 -28.56
C THR H 113 20.96 -30.69 -29.94
N LYS H 114 19.99 -30.22 -30.72
CA LYS H 114 20.30 -29.69 -32.04
C LYS H 114 21.19 -28.45 -31.94
N ALA H 115 20.99 -27.64 -30.90
CA ALA H 115 21.83 -26.47 -30.72
C ALA H 115 23.26 -26.87 -30.32
N VAL H 116 23.38 -27.76 -29.33
CA VAL H 116 24.71 -28.08 -28.82
C VAL H 116 25.54 -28.80 -29.89
N THR H 117 24.92 -29.72 -30.63
CA THR H 117 25.67 -30.44 -31.65
C THR H 117 26.22 -29.49 -32.71
N LYS H 118 25.42 -28.51 -33.13
CA LYS H 118 25.93 -27.52 -34.07
C LYS H 118 27.04 -26.69 -33.46
N TYR H 119 26.91 -26.31 -32.19
CA TYR H 119 27.94 -25.49 -31.56
C TYR H 119 29.27 -26.23 -31.52
N THR H 120 29.26 -27.52 -31.18
CA THR H 120 30.50 -28.25 -30.99
C THR H 120 31.31 -28.32 -32.28
N SER H 121 30.64 -28.55 -33.41
CA SER H 121 31.33 -28.80 -34.67
C SER H 121 32.07 -27.58 -35.20
N ALA H 122 31.84 -26.39 -34.64
CA ALA H 122 32.51 -25.18 -35.10
C ALA H 122 33.06 -24.39 -33.92
N GLY I 15 -23.32 27.43 16.31
CA GLY I 15 -23.70 26.83 17.63
C GLY I 15 -23.76 25.32 17.58
N ALA I 16 -22.64 24.70 17.21
CA ALA I 16 -22.58 23.25 17.14
C ALA I 16 -22.77 22.63 18.51
N LYS I 17 -23.42 21.47 18.54
CA LYS I 17 -23.64 20.77 19.79
C LYS I 17 -22.33 20.15 20.29
N ARG I 18 -22.34 19.78 21.56
CA ARG I 18 -21.13 19.30 22.23
C ARG I 18 -20.70 17.92 21.80
N HIS I 19 -21.27 17.29 20.78
CA HIS I 19 -20.83 15.98 20.35
C HIS I 19 -19.66 16.10 19.38
N ARG I 20 -18.62 15.31 19.64
CA ARG I 20 -17.46 15.29 18.76
C ARG I 20 -17.80 14.68 17.42
N LYS I 21 -16.93 14.91 16.45
CA LYS I 21 -17.04 14.20 15.18
C LYS I 21 -16.59 12.75 15.35
N VAL I 22 -17.18 11.87 14.56
CA VAL I 22 -16.88 10.44 14.62
C VAL I 22 -16.79 9.90 13.21
N LEU I 23 -15.98 8.86 13.04
CA LEU I 23 -15.78 8.22 11.75
C LEU I 23 -16.06 6.73 11.88
N ARG I 24 -16.54 6.14 10.79
CA ARG I 24 -16.80 4.71 10.78
C ARG I 24 -15.51 3.94 10.98
N ASP I 25 -15.60 2.77 11.60
CA ASP I 25 -14.43 1.95 11.83
C ASP I 25 -13.79 1.57 10.50
N ASN I 26 -12.47 1.47 10.48
CA ASN I 26 -11.75 1.27 9.23
C ASN I 26 -12.22 0.03 8.49
N ILE I 27 -12.41 -1.07 9.20
CA ILE I 27 -12.79 -2.32 8.52
C ILE I 27 -14.12 -2.15 7.80
N GLN I 28 -14.97 -1.24 8.28
CA GLN I 28 -16.23 -1.00 7.60
C GLN I 28 -16.07 -0.28 6.27
N GLY I 29 -14.86 0.18 5.95
CA GLY I 29 -14.65 0.84 4.67
C GLY I 29 -15.04 -0.05 3.51
N ILE I 30 -14.67 -1.32 3.57
CA ILE I 30 -15.11 -2.27 2.56
C ILE I 30 -16.62 -2.45 2.70
N THR I 31 -17.36 -1.94 1.72
CA THR I 31 -18.81 -1.81 1.84
C THR I 31 -19.50 -2.86 0.98
N LYS I 32 -20.79 -3.03 1.22
CA LYS I 32 -21.55 -4.13 0.60
C LYS I 32 -21.48 -4.12 -0.92
N PRO I 33 -21.66 -3.00 -1.62
CA PRO I 33 -21.60 -3.05 -3.09
C PRO I 33 -20.29 -3.59 -3.60
N ALA I 34 -19.17 -3.31 -2.93
CA ALA I 34 -17.90 -3.89 -3.35
C ALA I 34 -17.92 -5.41 -3.24
N ILE I 35 -18.46 -5.95 -2.15
CA ILE I 35 -18.55 -7.39 -2.01
C ILE I 35 -19.43 -7.97 -3.11
N ARG I 36 -20.56 -7.33 -3.39
CA ARG I 36 -21.42 -7.82 -4.46
C ARG I 36 -20.68 -7.84 -5.79
N ARG I 37 -19.97 -6.75 -6.10
CA ARG I 37 -19.23 -6.71 -7.36
C ARG I 37 -18.20 -7.82 -7.42
N LEU I 38 -17.49 -8.07 -6.33
CA LEU I 38 -16.52 -9.16 -6.31
C LEU I 38 -17.21 -10.49 -6.58
N ALA I 39 -18.37 -10.72 -5.95
CA ALA I 39 -19.06 -11.98 -6.13
C ALA I 39 -19.47 -12.19 -7.58
N ARG I 40 -19.94 -11.15 -8.26
CA ARG I 40 -20.42 -11.32 -9.63
C ARG I 40 -19.31 -11.84 -10.53
N ARG I 41 -18.09 -11.31 -10.36
CA ARG I 41 -16.99 -11.79 -11.18
C ARG I 41 -16.75 -13.29 -10.99
N GLY I 42 -17.14 -13.82 -9.83
CA GLY I 42 -16.96 -15.25 -9.59
C GLY I 42 -18.00 -16.12 -10.26
N GLY I 43 -19.13 -15.54 -10.67
CA GLY I 43 -20.18 -16.32 -11.28
C GLY I 43 -21.27 -16.69 -10.30
N VAL I 44 -21.75 -15.72 -9.54
CA VAL I 44 -22.77 -15.93 -8.51
C VAL I 44 -24.03 -15.18 -8.91
N LYS I 45 -25.18 -15.81 -8.70
CA LYS I 45 -26.45 -15.22 -9.12
C LYS I 45 -27.25 -14.68 -7.93
N ARG I 46 -27.20 -15.36 -6.79
CA ARG I 46 -28.01 -15.01 -5.63
C ARG I 46 -27.15 -15.09 -4.38
N ILE I 47 -27.24 -14.08 -3.52
CA ILE I 47 -26.37 -13.94 -2.36
C ILE I 47 -27.23 -13.82 -1.11
N SER I 48 -26.85 -14.52 -0.05
CA SER I 48 -27.57 -14.43 1.20
C SER I 48 -27.15 -13.18 1.97
N GLY I 49 -27.79 -12.96 3.11
CA GLY I 49 -27.59 -11.72 3.85
C GLY I 49 -26.45 -11.73 4.84
N LEU I 50 -25.87 -12.89 5.15
CA LEU I 50 -24.88 -12.99 6.21
C LEU I 50 -23.45 -13.04 5.71
N ILE I 51 -23.23 -13.17 4.40
CA ILE I 51 -21.87 -13.31 3.89
C ILE I 51 -21.05 -12.05 4.16
N TYR I 52 -21.71 -10.90 4.29
CA TYR I 52 -21.00 -9.64 4.47
C TYR I 52 -20.25 -9.59 5.80
N GLU I 53 -20.54 -10.48 6.73
CA GLU I 53 -19.78 -10.57 7.97
C GLU I 53 -18.71 -11.65 7.94
N GLU I 54 -18.79 -12.60 7.00
CA GLU I 54 -17.75 -13.62 6.88
C GLU I 54 -16.62 -13.12 6.00
N THR I 55 -16.94 -12.37 4.95
CA THR I 55 -15.90 -11.93 4.02
C THR I 55 -14.88 -11.03 4.72
N ARG I 56 -15.35 -10.09 5.54
CA ARG I 56 -14.42 -9.21 6.24
C ARG I 56 -13.53 -10.01 7.18
N GLY I 57 -14.11 -10.96 7.90
CA GLY I 57 -13.32 -11.79 8.80
C GLY I 57 -12.24 -12.57 8.06
N VAL I 58 -12.58 -13.10 6.90
CA VAL I 58 -11.60 -13.85 6.11
C VAL I 58 -10.49 -12.92 5.64
N LEU I 59 -10.86 -11.74 5.13
CA LEU I 59 -9.86 -10.84 4.58
C LEU I 59 -8.89 -10.36 5.66
N LYS I 60 -9.40 -10.03 6.85
CA LYS I 60 -8.53 -9.55 7.91
C LYS I 60 -7.54 -10.63 8.32
N VAL I 61 -7.99 -11.88 8.37
CA VAL I 61 -7.07 -12.98 8.68
C VAL I 61 -6.03 -13.11 7.59
N PHE I 62 -6.44 -12.99 6.32
CA PHE I 62 -5.47 -13.17 5.24
C PHE I 62 -4.37 -12.12 5.28
N LEU I 63 -4.74 -10.87 5.54
CA LEU I 63 -3.76 -9.79 5.39
C LEU I 63 -2.59 -9.93 6.36
N GLU I 64 -2.87 -10.36 7.59
CA GLU I 64 -1.81 -10.37 8.61
C GLU I 64 -0.69 -11.33 8.23
N ASN I 65 -1.03 -12.50 7.69
CA ASN I 65 -0.01 -13.49 7.37
C ASN I 65 0.99 -12.99 6.33
N VAL I 66 0.66 -11.94 5.59
CA VAL I 66 1.58 -11.34 4.64
C VAL I 66 2.26 -10.11 5.23
N ILE I 67 1.50 -9.27 5.95
CA ILE I 67 2.10 -8.07 6.51
C ILE I 67 3.21 -8.43 7.50
N ARG I 68 3.01 -9.50 8.27
CA ARG I 68 4.02 -9.90 9.24
C ARG I 68 5.34 -10.21 8.56
N ASP I 69 5.31 -11.05 7.53
CA ASP I 69 6.54 -11.41 6.85
C ASP I 69 7.17 -10.21 6.15
N ALA I 70 6.34 -9.35 5.55
CA ALA I 70 6.91 -8.15 4.93
C ALA I 70 7.65 -7.31 5.96
N VAL I 71 7.04 -7.12 7.13
CA VAL I 71 7.69 -6.31 8.16
C VAL I 71 8.97 -6.96 8.64
N THR I 72 8.98 -8.29 8.78
CA THR I 72 10.20 -8.96 9.21
C THR I 72 11.32 -8.78 8.19
N TYR I 73 11.01 -8.94 6.91
CA TYR I 73 12.01 -8.74 5.88
C TYR I 73 12.55 -7.32 5.91
N THR I 74 11.66 -6.33 6.05
CA THR I 74 12.13 -4.94 6.14
C THR I 74 13.00 -4.74 7.36
N GLU I 75 12.62 -5.31 8.49
CA GLU I 75 13.39 -5.14 9.72
C GLU I 75 14.80 -5.68 9.56
N HIS I 76 14.94 -6.85 8.94
CA HIS I 76 16.26 -7.44 8.85
C HIS I 76 17.24 -6.54 8.13
N ALA I 77 16.78 -5.78 7.15
CA ALA I 77 17.68 -4.96 6.32
C ALA I 77 18.01 -3.62 6.96
N LYS I 78 17.45 -3.31 8.13
CA LYS I 78 17.74 -2.10 8.88
C LYS I 78 17.16 -0.85 8.23
N ARG I 79 16.25 -1.00 7.28
CA ARG I 79 15.54 0.14 6.73
C ARG I 79 14.36 0.52 7.62
N LYS I 80 13.62 1.54 7.20
CA LYS I 80 12.42 1.97 7.89
C LYS I 80 11.21 2.09 6.99
N THR I 81 11.34 1.83 5.69
CA THR I 81 10.23 1.93 4.75
C THR I 81 10.06 0.61 3.99
N VAL I 82 8.84 0.12 3.93
CA VAL I 82 8.54 -1.09 3.20
C VAL I 82 8.62 -0.81 1.71
N THR I 83 8.86 -1.86 0.92
CA THR I 83 9.00 -1.72 -0.53
C THR I 83 8.40 -2.93 -1.22
N ALA I 84 8.23 -2.81 -2.54
CA ALA I 84 7.51 -3.84 -3.28
C ALA I 84 8.19 -5.19 -3.20
N MET I 85 9.52 -5.22 -3.31
CA MET I 85 10.22 -6.49 -3.30
C MET I 85 9.94 -7.29 -2.03
N ASP I 86 9.78 -6.61 -0.90
CA ASP I 86 9.46 -7.33 0.33
C ASP I 86 8.13 -8.05 0.22
N VAL I 87 7.11 -7.38 -0.31
CA VAL I 87 5.81 -8.01 -0.47
C VAL I 87 5.91 -9.18 -1.45
N VAL I 88 6.64 -9.00 -2.55
CA VAL I 88 6.76 -10.07 -3.52
C VAL I 88 7.43 -11.29 -2.88
N TYR I 89 8.49 -11.07 -2.12
CA TYR I 89 9.18 -12.18 -1.47
C TYR I 89 8.26 -12.87 -0.47
N ALA I 90 7.51 -12.09 0.32
CA ALA I 90 6.61 -12.71 1.28
C ALA I 90 5.58 -13.58 0.59
N LEU I 91 4.98 -13.06 -0.50
CA LEU I 91 3.99 -13.84 -1.22
C LEU I 91 4.62 -15.12 -1.79
N LYS I 92 5.81 -15.00 -2.39
CA LYS I 92 6.43 -16.18 -2.99
C LYS I 92 6.74 -17.22 -1.94
N ARG I 93 7.23 -16.80 -0.78
CA ARG I 93 7.52 -17.77 0.28
C ARG I 93 6.25 -18.44 0.77
N GLN I 94 5.16 -17.67 0.92
CA GLN I 94 3.94 -18.25 1.46
C GLN I 94 3.39 -19.34 0.54
N GLY I 95 3.54 -19.19 -0.77
CA GLY I 95 3.10 -20.21 -1.69
C GLY I 95 2.50 -19.67 -2.98
N ARG I 96 2.30 -18.36 -3.06
CA ARG I 96 1.71 -17.72 -4.23
C ARG I 96 2.73 -16.80 -4.88
N THR I 97 2.88 -16.91 -6.19
CA THR I 97 3.84 -16.11 -6.94
C THR I 97 3.10 -14.99 -7.67
N LEU I 98 3.73 -13.82 -7.77
CA LEU I 98 3.14 -12.65 -8.40
C LEU I 98 4.09 -12.13 -9.47
N TYR I 99 3.57 -11.93 -10.67
CA TYR I 99 4.33 -11.35 -11.77
C TYR I 99 3.95 -9.90 -11.97
N GLY I 100 4.86 -9.14 -12.57
CA GLY I 100 4.56 -7.79 -13.00
C GLY I 100 5.00 -6.68 -12.07
N PHE I 101 5.73 -6.99 -11.00
CA PHE I 101 6.22 -5.97 -10.09
C PHE I 101 7.71 -6.04 -9.82
N GLY I 102 8.39 -7.10 -10.23
CA GLY I 102 9.82 -7.23 -9.98
C GLY I 102 10.62 -6.10 -10.57
#